data_3B04
#
_entry.id   3B04
#
_cell.length_a   101.234
_cell.length_b   101.234
_cell.length_c   337.420
_cell.angle_alpha   90.00
_cell.angle_beta   90.00
_cell.angle_gamma   90.00
#
_symmetry.space_group_name_H-M   'P 43 21 2'
#
loop_
_entity.id
_entity.type
_entity.pdbx_description
1 polymer 'Isopentenyl-diphosphate delta-isomerase'
2 non-polymer 1-deoxy-1-[(4aR)-4a-[(2R)-1-hydroxy-5-{[(S)-hydroxy(phosphonooxy)phosphoryl]oxy}-3-methylidenepentan-2-yl]-7,8-dimethyl-2,4-dioxo-3,4,4a,5-tetrahydrobenzo[g]pteridin-10(2H)-yl]-5-O-phosphono-D-ribitol
3 non-polymer 'MAGNESIUM ION'
4 water water
#
_entity_poly.entity_id   1
_entity_poly.type   'polypeptide(L)'
_entity_poly.pdbx_seq_one_letter_code
;MPDIVNRKVEHVEIAAFENVDGLSSSTFLNDVILVHQGFPGISFSEINTKTKFFRKEISVPVMVTGMTGGRNELGRINKI
IAEVAEKFGIPMGVGSQRVAIEKAEARESFAIVRKVAPTIPIIANLGMPQLVKGYGLKEFQDAIQMIEADAIAVHLNPAQ
EVFQPEGEPEYQIYALEKLRDISKELSVPIIVKESGNGISMETAKLLYSYGIKNFDTSGQGGTNWIAIEMIRDIRRGNWK
AESAKNFLDWGVPTAASIMEVRYSVPDSFLVGSGGIRSGLDAAKAIALGADIAGMALPVLKSAIEGKESLEQFFRKIIFE
LKAAMMLTGSKDVDALKKTSIVILGKLKEWAEYRGINLSIYEKVRKRE
;
_entity_poly.pdbx_strand_id   A,B,C,D
#
# COMPACT_ATOMS: atom_id res chain seq x y z
N ASN A 6 20.76 35.34 18.60
CA ASN A 6 21.61 35.05 17.38
C ASN A 6 21.17 33.76 16.66
N ARG A 7 20.94 33.91 15.36
CA ARG A 7 20.33 32.93 14.52
C ARG A 7 21.16 31.63 14.55
N LYS A 8 22.48 31.73 14.41
CA LYS A 8 23.37 30.53 14.39
C LYS A 8 23.19 29.71 15.66
N VAL A 9 23.13 30.40 16.82
CA VAL A 9 23.00 29.70 18.10
C VAL A 9 21.60 29.03 18.16
N GLU A 10 20.56 29.80 17.81
CA GLU A 10 19.20 29.30 17.84
C GLU A 10 19.04 28.03 16.97
N HIS A 11 19.58 28.08 15.75
CA HIS A 11 19.58 26.97 14.82
C HIS A 11 20.17 25.73 15.43
N VAL A 12 21.36 25.89 16.02
CA VAL A 12 22.04 24.75 16.63
C VAL A 12 21.16 24.17 17.76
N GLU A 13 20.60 25.05 18.61
CA GLU A 13 19.77 24.60 19.74
C GLU A 13 18.45 23.94 19.30
N ILE A 14 17.80 24.48 18.27
CA ILE A 14 16.59 23.85 17.78
C ILE A 14 16.95 22.49 17.10
N ALA A 15 17.96 22.47 16.26
CA ALA A 15 18.36 21.19 15.66
C ALA A 15 18.75 20.16 16.71
N ALA A 16 19.53 20.58 17.66
CA ALA A 16 20.02 19.61 18.65
C ALA A 16 18.97 19.13 19.65
N PHE A 17 18.06 20.01 20.07
CA PHE A 17 17.23 19.72 21.25
C PHE A 17 15.74 19.71 20.99
N GLU A 18 15.29 20.12 19.79
CA GLU A 18 13.87 19.98 19.46
C GLU A 18 13.61 18.75 18.56
N ASN A 19 12.33 18.44 18.35
CA ASN A 19 11.94 17.33 17.51
C ASN A 19 11.84 17.74 16.03
N VAL A 20 12.93 17.66 15.26
CA VAL A 20 12.92 18.16 13.86
C VAL A 20 13.59 17.19 12.87
N ASP A 21 14.05 16.05 13.39
CA ASP A 21 14.79 15.07 12.60
C ASP A 21 13.74 14.12 12.00
N GLY A 22 13.55 14.21 10.68
CA GLY A 22 12.57 13.39 10.01
C GLY A 22 11.12 13.80 10.29
N LEU A 23 10.90 15.02 10.79
CA LEU A 23 9.55 15.44 11.19
C LEU A 23 8.60 15.44 10.04
N SER A 24 7.63 14.51 10.05
CA SER A 24 6.65 14.42 8.92
C SER A 24 7.28 14.22 7.53
N SER A 25 8.46 13.64 7.45
CA SER A 25 9.13 13.57 6.17
C SER A 25 9.76 12.23 6.06
N SER A 26 10.33 11.91 4.90
CA SER A 26 10.88 10.58 4.68
C SER A 26 12.03 10.60 3.67
N THR A 27 12.98 9.65 3.82
CA THR A 27 14.12 9.60 2.94
C THR A 27 13.85 8.67 1.78
N PHE A 28 12.81 7.83 1.93
CA PHE A 28 12.45 6.76 1.04
C PHE A 28 13.53 5.62 1.08
N LEU A 29 14.52 5.72 1.98
CA LEU A 29 15.50 4.58 2.20
C LEU A 29 14.84 3.28 2.69
N ASN A 30 13.70 3.35 3.32
CA ASN A 30 12.97 2.11 3.66
C ASN A 30 12.54 1.35 2.39
N ASP A 31 12.58 2.01 1.24
CA ASP A 31 12.19 1.39 -0.06
C ASP A 31 13.39 0.79 -0.80
N VAL A 32 14.58 0.85 -0.19
CA VAL A 32 15.78 0.33 -0.79
C VAL A 32 16.23 -0.83 0.07
N ILE A 33 16.40 -1.99 -0.56
CA ILE A 33 16.87 -3.17 0.16
C ILE A 33 18.15 -3.68 -0.49
N LEU A 34 19.21 -3.88 0.31
CA LEU A 34 20.43 -4.56 -0.17
C LEU A 34 20.19 -6.09 -0.10
N VAL A 35 20.48 -6.78 -1.20
CA VAL A 35 20.32 -8.21 -1.26
C VAL A 35 21.43 -8.91 -0.45
N HIS A 36 20.98 -9.69 0.54
CA HIS A 36 21.86 -10.44 1.45
C HIS A 36 22.52 -11.54 0.67
N GLN A 37 23.83 -11.74 0.92
CA GLN A 37 24.59 -12.79 0.28
C GLN A 37 25.12 -13.75 1.35
N GLY A 38 24.42 -14.89 1.49
CA GLY A 38 24.75 -15.84 2.53
C GLY A 38 26.13 -16.43 2.37
N PHE A 39 26.65 -16.51 1.12
CA PHE A 39 28.06 -16.76 0.93
C PHE A 39 28.81 -15.50 0.42
N PRO A 40 29.32 -14.67 1.33
CA PRO A 40 29.93 -13.38 0.94
C PRO A 40 31.14 -13.50 0.06
N GLY A 41 31.94 -14.56 0.15
CA GLY A 41 33.09 -14.66 -0.77
C GLY A 41 34.30 -13.87 -0.27
N ILE A 42 34.26 -13.39 0.95
CA ILE A 42 35.30 -12.56 1.53
C ILE A 42 35.33 -12.84 3.03
N SER A 43 36.34 -12.29 3.73
CA SER A 43 36.28 -12.33 5.16
C SER A 43 36.14 -10.90 5.65
N PHE A 44 35.65 -10.73 6.87
CA PHE A 44 35.46 -9.42 7.45
C PHE A 44 36.70 -8.50 7.44
N SER A 45 37.87 -9.09 7.71
CA SER A 45 39.12 -8.34 7.90
C SER A 45 39.74 -7.87 6.57
N GLU A 46 39.31 -8.44 5.46
CA GLU A 46 39.81 -7.85 4.23
C GLU A 46 38.92 -6.72 3.69
N ILE A 47 37.82 -6.39 4.38
CA ILE A 47 36.96 -5.32 3.88
C ILE A 47 37.78 -4.01 3.88
N ASN A 48 37.78 -3.31 2.75
CA ASN A 48 38.54 -2.08 2.58
C ASN A 48 37.58 -0.89 2.33
N THR A 49 37.48 -0.01 3.31
CA THR A 49 36.61 1.16 3.21
C THR A 49 37.22 2.45 2.61
N LYS A 50 38.46 2.41 2.13
CA LYS A 50 39.07 3.66 1.56
C LYS A 50 38.43 4.13 0.27
N THR A 51 38.44 5.42 0.03
CA THR A 51 37.97 5.94 -1.28
C THR A 51 38.58 7.34 -1.60
N LYS A 52 38.43 7.82 -2.81
CA LYS A 52 38.99 9.12 -3.17
C LYS A 52 38.03 10.20 -2.76
N PHE A 53 38.59 11.35 -2.38
CA PHE A 53 37.81 12.59 -2.20
C PHE A 53 38.65 13.70 -2.85
N PHE A 54 38.32 13.99 -4.12
CA PHE A 54 39.16 14.84 -4.96
C PHE A 54 40.62 14.36 -4.94
N ARG A 55 41.55 15.19 -4.48
CA ARG A 55 42.97 14.82 -4.62
C ARG A 55 43.48 14.03 -3.43
N LYS A 56 42.64 13.89 -2.41
CA LYS A 56 43.00 13.10 -1.25
C LYS A 56 42.32 11.72 -1.18
N GLU A 57 42.87 10.87 -0.32
CA GLU A 57 42.33 9.58 -0.01
C GLU A 57 41.76 9.70 1.40
N ILE A 58 40.61 9.08 1.65
CA ILE A 58 39.92 9.13 2.93
C ILE A 58 39.68 7.73 3.41
N SER A 59 39.49 7.52 4.70
CA SER A 59 39.52 6.17 5.23
C SER A 59 38.17 5.41 5.14
N VAL A 60 37.08 6.17 4.91
CA VAL A 60 35.68 5.76 5.00
C VAL A 60 34.88 6.64 4.04
N PRO A 61 33.94 6.05 3.27
CA PRO A 61 33.24 6.88 2.27
C PRO A 61 32.03 7.61 2.90
N VAL A 62 32.33 8.43 3.89
CA VAL A 62 31.35 9.16 4.68
C VAL A 62 31.95 10.56 4.92
N MET A 63 31.15 11.61 4.88
CA MET A 63 31.67 12.94 5.27
C MET A 63 30.75 13.59 6.27
N VAL A 64 31.28 14.51 7.08
CA VAL A 64 30.45 15.42 7.86
C VAL A 64 30.18 16.70 7.06
N THR A 65 28.91 17.02 6.79
CA THR A 65 28.57 18.16 5.95
C THR A 65 28.49 19.41 6.82
N GLY A 66 28.49 20.60 6.21
CA GLY A 66 28.74 21.83 6.96
C GLY A 66 27.54 22.20 7.86
N MET A 67 27.86 22.69 9.08
CA MET A 67 26.87 23.07 10.07
C MET A 67 27.10 24.44 10.67
N THR A 68 28.25 24.64 11.33
CA THR A 68 28.34 25.80 12.16
C THR A 68 29.73 26.55 12.21
N GLY A 69 29.86 27.48 13.15
CA GLY A 69 30.94 28.49 13.11
C GLY A 69 30.36 29.89 13.21
N GLY A 70 31.14 30.79 13.81
CA GLY A 70 30.79 32.20 13.81
C GLY A 70 30.83 32.85 15.17
N ARG A 71 30.97 32.03 16.22
CA ARG A 71 31.37 32.47 17.58
C ARG A 71 31.96 31.34 18.40
N ASN A 72 32.54 31.70 19.55
CA ASN A 72 33.46 30.79 20.27
C ASN A 72 32.84 29.49 20.71
N GLU A 73 31.59 29.52 21.17
CA GLU A 73 30.88 28.29 21.55
C GLU A 73 30.61 27.39 20.33
N LEU A 74 30.38 28.03 19.19
CA LEU A 74 30.25 27.30 17.93
C LEU A 74 31.60 26.71 17.44
N GLY A 75 32.68 27.51 17.58
CA GLY A 75 34.05 27.08 17.32
C GLY A 75 34.46 25.90 18.16
N ARG A 76 34.06 25.86 19.42
CA ARG A 76 34.39 24.67 20.21
C ARG A 76 33.68 23.35 19.75
N ILE A 77 32.50 23.47 19.16
CA ILE A 77 31.83 22.33 18.48
C ILE A 77 32.59 21.99 17.20
N ASN A 78 32.98 22.99 16.39
CA ASN A 78 33.77 22.69 15.20
C ASN A 78 35.09 21.96 15.56
N LYS A 79 35.66 22.30 16.71
CA LYS A 79 36.95 21.74 17.12
C LYS A 79 36.82 20.24 17.46
N ILE A 80 35.79 19.92 18.21
CA ILE A 80 35.50 18.53 18.60
C ILE A 80 35.27 17.66 17.33
N ILE A 81 34.48 18.18 16.42
CA ILE A 81 34.16 17.44 15.20
C ILE A 81 35.37 17.30 14.34
N ALA A 82 36.11 18.41 14.15
CA ALA A 82 37.35 18.38 13.36
C ALA A 82 38.39 17.44 13.93
N GLU A 83 38.68 17.50 15.24
CA GLU A 83 39.74 16.62 15.75
C GLU A 83 39.33 15.09 15.67
N VAL A 84 38.04 14.79 15.83
CA VAL A 84 37.57 13.39 15.68
C VAL A 84 37.61 12.95 14.20
N ALA A 85 37.14 13.81 13.31
CA ALA A 85 37.22 13.53 11.89
C ALA A 85 38.64 13.24 11.41
N GLU A 86 39.60 14.06 11.85
CA GLU A 86 41.03 13.87 11.57
C GLU A 86 41.51 12.48 12.03
N LYS A 87 41.15 12.11 13.24
CA LYS A 87 41.51 10.78 13.79
C LYS A 87 40.95 9.62 12.94
N PHE A 88 39.74 9.81 12.38
CA PHE A 88 39.08 8.75 11.61
C PHE A 88 39.33 8.82 10.11
N GLY A 89 40.01 9.89 9.64
CA GLY A 89 40.25 9.95 8.19
C GLY A 89 39.00 10.36 7.40
N ILE A 90 38.12 11.16 8.01
CA ILE A 90 36.85 11.54 7.41
C ILE A 90 36.84 13.05 7.06
N PRO A 91 36.45 13.40 5.83
CA PRO A 91 36.32 14.83 5.42
C PRO A 91 35.29 15.59 6.23
N MET A 92 35.50 16.92 6.38
CA MET A 92 34.57 17.76 7.12
C MET A 92 34.30 19.09 6.44
N GLY A 93 33.00 19.40 6.24
CA GLY A 93 32.56 20.69 5.70
C GLY A 93 32.24 21.57 6.90
N VAL A 94 32.55 22.86 6.85
CA VAL A 94 32.17 23.74 7.95
C VAL A 94 30.90 24.44 7.50
N GLY A 95 30.19 25.07 8.44
CA GLY A 95 28.97 25.80 8.14
C GLY A 95 29.30 27.10 7.48
N SER A 96 28.26 27.88 7.21
CA SER A 96 28.35 29.00 6.30
C SER A 96 29.34 30.03 6.85
N GLN A 97 30.21 30.50 5.98
CA GLN A 97 31.27 31.41 6.44
C GLN A 97 30.98 32.90 6.24
N ARG A 98 29.79 33.21 5.77
CA ARG A 98 29.39 34.57 5.51
C ARG A 98 29.75 35.49 6.70
N VAL A 99 29.39 35.05 7.92
CA VAL A 99 29.63 35.87 9.13
C VAL A 99 31.13 36.18 9.35
N ALA A 100 32.02 35.31 8.88
CA ALA A 100 33.44 35.55 9.05
C ALA A 100 34.03 36.35 7.88
N ILE A 101 33.33 36.40 6.75
CA ILE A 101 33.68 37.37 5.72
C ILE A 101 33.38 38.78 6.27
N GLU A 102 32.24 38.92 6.92
CA GLU A 102 31.81 40.22 7.46
C GLU A 102 32.56 40.68 8.73
N LYS A 103 32.91 39.75 9.60
CA LYS A 103 33.49 40.12 10.90
C LYS A 103 34.74 39.31 11.22
N ALA A 104 35.90 39.97 11.30
CA ALA A 104 37.18 39.29 11.59
C ALA A 104 37.21 38.42 12.88
N GLU A 105 36.43 38.77 13.91
CA GLU A 105 36.38 38.00 15.16
C GLU A 105 35.73 36.64 15.01
N ALA A 106 34.89 36.47 13.99
CA ALA A 106 34.25 35.16 13.74
C ALA A 106 35.19 34.17 13.06
N ARG A 107 36.34 34.64 12.53
CA ARG A 107 37.28 33.80 11.76
C ARG A 107 37.82 32.58 12.49
N GLU A 108 38.26 32.77 13.73
CA GLU A 108 38.92 31.72 14.47
C GLU A 108 38.01 30.48 14.65
N SER A 109 36.70 30.70 14.72
CA SER A 109 35.75 29.61 15.02
C SER A 109 35.67 28.65 13.83
N PHE A 110 36.18 29.10 12.67
CA PHE A 110 36.33 28.27 11.48
C PHE A 110 37.77 27.74 11.37
N ALA A 111 38.75 28.66 11.50
CA ALA A 111 40.17 28.34 11.30
C ALA A 111 40.66 27.23 12.21
N ILE A 112 40.12 27.16 13.43
CA ILE A 112 40.43 26.10 14.40
C ILE A 112 40.32 24.70 13.78
N VAL A 113 39.45 24.55 12.77
CA VAL A 113 39.22 23.26 12.10
C VAL A 113 40.52 22.73 11.48
N ARG A 114 41.19 23.58 10.72
CA ARG A 114 42.47 23.23 10.12
C ARG A 114 43.62 23.05 11.15
N LYS A 115 43.62 23.82 12.24
CA LYS A 115 44.69 23.68 13.20
C LYS A 115 44.72 22.25 13.76
N VAL A 116 43.51 21.77 14.05
CA VAL A 116 43.29 20.49 14.72
C VAL A 116 43.11 19.31 13.74
N ALA A 117 42.85 19.61 12.46
CA ALA A 117 42.77 18.57 11.47
C ALA A 117 43.62 18.89 10.28
N PRO A 118 44.93 18.65 10.38
CA PRO A 118 45.82 19.10 9.27
C PRO A 118 45.73 18.32 7.96
N THR A 119 45.17 17.09 7.97
CA THR A 119 45.34 16.31 6.75
C THR A 119 44.05 16.04 5.99
N ILE A 120 42.96 15.74 6.72
CA ILE A 120 41.68 15.44 6.06
C ILE A 120 41.20 16.56 5.09
N PRO A 121 40.41 16.19 4.10
CA PRO A 121 39.76 17.25 3.32
C PRO A 121 38.84 18.13 4.22
N ILE A 122 38.96 19.46 4.07
CA ILE A 122 38.09 20.40 4.74
C ILE A 122 37.32 21.16 3.64
N ILE A 123 36.03 21.46 3.83
CA ILE A 123 35.21 21.99 2.72
C ILE A 123 34.64 23.31 3.20
N ALA A 124 34.94 24.39 2.51
CA ALA A 124 34.42 25.69 2.88
C ALA A 124 32.94 25.80 2.54
N ASN A 125 32.32 26.91 2.89
CA ASN A 125 30.86 27.03 2.67
C ASN A 125 30.39 28.47 2.53
N LEU A 126 29.68 28.77 1.44
CA LEU A 126 28.93 30.00 1.33
C LEU A 126 27.64 29.73 0.64
N GLY A 127 26.63 30.58 0.86
CA GLY A 127 25.33 30.34 0.32
C GLY A 127 25.21 30.86 -1.07
N MET A 128 24.48 30.15 -1.93
CA MET A 128 24.15 30.62 -3.27
C MET A 128 23.56 32.08 -3.34
N PRO A 129 22.71 32.50 -2.37
CA PRO A 129 22.16 33.86 -2.53
C PRO A 129 23.25 34.96 -2.41
N GLN A 130 24.36 34.64 -1.75
CA GLN A 130 25.43 35.60 -1.57
C GLN A 130 25.92 36.06 -2.94
N LEU A 131 25.87 35.15 -3.91
CA LEU A 131 26.29 35.47 -5.26
C LEU A 131 25.46 36.55 -5.93
N VAL A 132 24.20 36.74 -5.56
CA VAL A 132 23.45 37.81 -6.17
C VAL A 132 23.39 39.01 -5.26
N LYS A 133 24.03 38.89 -4.10
CA LYS A 133 24.16 39.99 -3.16
C LYS A 133 25.61 40.57 -3.14
N GLY A 134 26.37 40.43 -4.22
CA GLY A 134 27.71 41.04 -4.23
C GLY A 134 28.97 40.18 -4.02
N TYR A 135 28.83 38.99 -3.41
CA TYR A 135 29.96 38.09 -3.28
C TYR A 135 30.45 37.60 -4.62
N GLY A 136 31.75 37.39 -4.72
CA GLY A 136 32.36 36.85 -5.93
C GLY A 136 33.65 36.12 -5.59
N LEU A 137 34.57 36.09 -6.56
CA LEU A 137 35.91 35.50 -6.43
C LEU A 137 36.57 35.75 -5.09
N LYS A 138 36.68 37.01 -4.69
CA LYS A 138 37.49 37.34 -3.52
C LYS A 138 36.91 36.72 -2.22
N GLU A 139 35.61 36.84 -2.05
CA GLU A 139 34.97 36.19 -0.91
C GLU A 139 35.12 34.66 -0.92
N PHE A 140 35.00 34.06 -2.10
CA PHE A 140 35.23 32.62 -2.22
C PHE A 140 36.68 32.26 -1.80
N GLN A 141 37.67 33.07 -2.23
CA GLN A 141 39.11 32.78 -1.96
C GLN A 141 39.35 33.01 -0.51
N ASP A 142 38.69 33.99 0.06
CA ASP A 142 38.80 34.19 1.50
C ASP A 142 38.22 33.02 2.34
N ALA A 143 37.02 32.53 1.98
CA ALA A 143 36.43 31.34 2.65
C ALA A 143 37.40 30.13 2.56
N ILE A 144 37.90 29.88 1.36
CA ILE A 144 38.89 28.80 1.16
C ILE A 144 40.19 28.96 1.97
N GLN A 145 40.83 30.15 1.91
CA GLN A 145 42.13 30.37 2.56
C GLN A 145 42.00 30.33 4.09
N MET A 146 40.85 30.82 4.59
CA MET A 146 40.60 30.82 6.02
C MET A 146 40.86 29.47 6.72
N ILE A 147 40.65 28.37 6.00
CA ILE A 147 40.75 27.03 6.55
C ILE A 147 41.61 26.12 5.67
N GLU A 148 42.33 26.72 4.71
CA GLU A 148 43.02 25.99 3.65
C GLU A 148 42.13 24.85 3.16
N ALA A 149 41.00 25.24 2.62
CA ALA A 149 39.96 24.32 2.21
C ALA A 149 40.41 23.50 1.02
N ASP A 150 39.98 22.24 0.93
CA ASP A 150 40.25 21.45 -0.27
C ASP A 150 39.12 21.58 -1.33
N ALA A 151 38.07 22.36 -1.00
CA ALA A 151 36.90 22.47 -1.86
C ALA A 151 35.98 23.48 -1.19
N ILE A 152 35.02 24.01 -1.94
CA ILE A 152 34.04 24.84 -1.29
C ILE A 152 32.63 24.36 -1.69
N ALA A 153 31.71 24.27 -0.72
CA ALA A 153 30.34 23.90 -0.97
C ALA A 153 29.52 25.19 -1.09
N VAL A 154 28.73 25.32 -2.15
CA VAL A 154 27.79 26.42 -2.24
C VAL A 154 26.38 25.87 -1.93
N HIS A 155 25.68 26.42 -0.93
CA HIS A 155 24.42 25.80 -0.49
C HIS A 155 23.18 26.44 -1.09
N LEU A 156 22.18 25.60 -1.34
CA LEU A 156 20.84 26.00 -1.76
C LEU A 156 19.94 25.81 -0.55
N ASN A 157 19.30 26.89 -0.08
CA ASN A 157 18.32 26.76 0.98
C ASN A 157 17.05 27.59 0.79
N PRO A 158 16.49 27.60 -0.41
CA PRO A 158 15.32 28.46 -0.57
C PRO A 158 14.12 28.08 0.30
N ALA A 159 13.93 26.80 0.62
CA ALA A 159 12.78 26.43 1.46
C ALA A 159 12.90 27.06 2.83
N GLN A 160 14.08 26.87 3.42
CA GLN A 160 14.35 27.49 4.69
C GLN A 160 14.13 29.03 4.64
N GLU A 161 14.52 29.67 3.55
CA GLU A 161 14.44 31.12 3.45
C GLU A 161 12.98 31.64 3.28
N VAL A 162 12.17 30.92 2.51
CA VAL A 162 10.75 31.19 2.38
C VAL A 162 10.07 31.26 3.75
N PHE A 163 10.42 30.34 4.67
CA PHE A 163 9.63 30.22 5.91
C PHE A 163 10.23 30.94 7.14
N GLN A 164 11.45 31.42 7.01
CA GLN A 164 12.11 32.07 8.10
C GLN A 164 11.50 33.48 8.19
N PRO A 165 11.46 34.06 9.41
CA PRO A 165 10.78 35.34 9.60
C PRO A 165 11.46 36.43 8.76
N GLU A 166 12.80 36.40 8.73
CA GLU A 166 13.56 37.52 8.17
C GLU A 166 13.96 37.32 6.71
N GLY A 167 13.23 37.98 5.81
CA GLY A 167 13.71 38.16 4.45
C GLY A 167 13.07 37.24 3.42
N GLU A 168 13.72 37.19 2.25
CA GLU A 168 13.13 36.54 1.09
C GLU A 168 14.17 35.92 0.15
N PRO A 169 13.89 34.73 -0.40
CA PRO A 169 14.89 34.05 -1.21
C PRO A 169 15.13 34.65 -2.60
N GLU A 170 16.38 34.56 -3.03
CA GLU A 170 16.80 35.17 -4.28
C GLU A 170 17.73 34.24 -5.02
N TYR A 171 17.30 33.78 -6.17
CA TYR A 171 18.00 32.73 -6.89
C TYR A 171 17.98 32.97 -8.38
N GLN A 172 18.12 34.24 -8.78
CA GLN A 172 18.27 34.61 -10.21
C GLN A 172 19.43 33.81 -10.90
N ILE A 173 19.31 33.58 -12.20
CA ILE A 173 20.30 32.79 -12.92
C ILE A 173 21.67 33.47 -12.95
N TYR A 174 21.68 34.80 -12.84
CA TYR A 174 22.90 35.53 -12.72
C TYR A 174 23.86 34.86 -11.71
N ALA A 175 23.29 34.28 -10.63
CA ALA A 175 24.13 33.60 -9.64
C ALA A 175 24.99 32.47 -10.26
N LEU A 176 24.39 31.72 -11.17
CA LEU A 176 25.10 30.65 -11.81
C LEU A 176 26.15 31.13 -12.81
N GLU A 177 25.83 32.15 -13.59
CA GLU A 177 26.83 32.87 -14.41
C GLU A 177 28.07 33.22 -13.59
N LYS A 178 27.83 33.80 -12.42
CA LYS A 178 28.91 34.23 -11.60
C LYS A 178 29.70 33.04 -11.07
N LEU A 179 28.97 32.00 -10.63
CA LEU A 179 29.57 30.80 -10.10
C LEU A 179 30.45 30.17 -11.19
N ARG A 180 29.93 30.12 -12.39
CA ARG A 180 30.68 29.57 -13.47
C ARG A 180 31.98 30.38 -13.70
N ASP A 181 31.91 31.72 -13.82
CA ASP A 181 33.17 32.53 -13.84
C ASP A 181 34.11 32.22 -12.66
N ILE A 182 33.56 32.15 -11.45
CA ILE A 182 34.38 31.92 -10.29
C ILE A 182 35.18 30.62 -10.42
N SER A 183 34.53 29.58 -10.94
CA SER A 183 35.08 28.24 -10.89
C SER A 183 36.28 28.13 -11.80
N LYS A 184 36.37 29.06 -12.71
CA LYS A 184 37.52 29.06 -13.59
C LYS A 184 38.77 29.74 -12.99
N GLU A 185 38.58 30.49 -11.92
CA GLU A 185 39.75 31.09 -11.29
C GLU A 185 40.10 30.43 -9.99
N LEU A 186 39.23 29.56 -9.47
CA LEU A 186 39.43 29.00 -8.14
C LEU A 186 40.45 27.85 -8.23
N SER A 187 41.17 27.55 -7.17
CA SER A 187 42.13 26.46 -7.33
C SER A 187 41.67 25.18 -6.63
N VAL A 188 40.43 25.19 -6.14
CA VAL A 188 39.79 24.01 -5.58
C VAL A 188 38.38 23.80 -6.21
N PRO A 189 37.90 22.55 -6.22
CA PRO A 189 36.55 22.26 -6.78
C PRO A 189 35.37 22.91 -5.99
N ILE A 190 34.29 23.19 -6.72
CA ILE A 190 32.99 23.58 -6.12
C ILE A 190 32.04 22.39 -6.05
N ILE A 191 31.45 22.20 -4.85
CA ILE A 191 30.30 21.31 -4.60
C ILE A 191 29.04 22.16 -4.41
N VAL A 192 27.94 21.83 -5.08
CA VAL A 192 26.65 22.43 -4.77
C VAL A 192 25.77 21.45 -3.98
N LYS A 193 25.36 21.88 -2.78
CA LYS A 193 24.57 21.06 -1.91
C LYS A 193 23.21 21.74 -1.59
N GLU A 194 22.20 20.94 -1.27
CA GLU A 194 20.91 21.47 -0.80
C GLU A 194 21.03 21.46 0.69
N SER A 195 19.92 21.63 1.39
CA SER A 195 20.02 21.64 2.88
C SER A 195 18.75 21.10 3.53
N GLY A 196 18.31 19.93 3.08
CA GLY A 196 17.11 19.32 3.64
C GLY A 196 15.98 19.07 2.70
N ASN A 197 16.04 19.60 1.48
CA ASN A 197 14.89 19.50 0.58
C ASN A 197 15.20 18.86 -0.75
N GLY A 198 16.49 18.56 -0.96
CA GLY A 198 16.91 17.72 -2.06
C GLY A 198 17.12 18.32 -3.44
N ILE A 199 17.87 17.59 -4.25
CA ILE A 199 18.19 18.01 -5.63
C ILE A 199 17.50 17.09 -6.63
N SER A 200 16.74 17.72 -7.53
CA SER A 200 16.01 17.12 -8.61
C SER A 200 16.84 17.01 -9.85
N MET A 201 16.37 16.19 -10.80
CA MET A 201 16.96 16.20 -12.16
C MET A 201 17.05 17.55 -12.84
N GLU A 202 16.00 18.38 -12.74
CA GLU A 202 16.01 19.69 -13.41
C GLU A 202 17.10 20.59 -12.85
N THR A 203 17.23 20.59 -11.54
CA THR A 203 18.20 21.43 -10.86
C THR A 203 19.61 20.90 -11.09
N ALA A 204 19.80 19.59 -10.99
CA ALA A 204 21.10 19.00 -11.31
C ALA A 204 21.52 19.33 -12.76
N LYS A 205 20.62 19.14 -13.73
CA LYS A 205 20.93 19.49 -15.14
C LYS A 205 21.26 20.98 -15.36
N LEU A 206 20.54 21.87 -14.72
CA LEU A 206 20.78 23.29 -14.91
C LEU A 206 22.17 23.60 -14.34
N LEU A 207 22.46 23.04 -13.16
CA LEU A 207 23.74 23.28 -12.47
C LEU A 207 24.87 22.76 -13.36
N TYR A 208 24.65 21.59 -13.92
CA TYR A 208 25.63 20.94 -14.80
C TYR A 208 25.93 21.77 -16.05
N SER A 209 24.90 22.43 -16.58
CA SER A 209 25.03 23.15 -17.80
C SER A 209 25.86 24.40 -17.50
N TYR A 210 26.06 24.74 -16.22
CA TYR A 210 26.94 25.82 -15.84
C TYR A 210 28.30 25.30 -15.30
N GLY A 211 28.63 24.04 -15.60
CA GLY A 211 29.97 23.50 -15.19
C GLY A 211 30.08 22.86 -13.82
N ILE A 212 28.97 22.78 -13.06
CA ILE A 212 28.97 22.08 -11.80
C ILE A 212 28.88 20.52 -11.98
N LYS A 213 29.84 19.78 -11.39
CA LYS A 213 29.99 18.31 -11.53
C LYS A 213 29.86 17.53 -10.18
N ASN A 214 29.87 18.28 -9.09
CA ASN A 214 29.89 17.75 -7.73
C ASN A 214 28.64 18.22 -6.96
N PHE A 215 27.88 17.24 -6.43
CA PHE A 215 26.57 17.47 -5.85
C PHE A 215 26.51 16.82 -4.50
N ASP A 216 25.72 17.39 -3.60
CA ASP A 216 25.40 16.77 -2.33
C ASP A 216 23.87 16.90 -2.17
N THR A 217 23.19 15.74 -2.20
CA THR A 217 21.73 15.69 -2.32
C THR A 217 20.98 16.41 -1.22
N SER A 218 21.42 16.26 0.02
CA SER A 218 20.73 16.80 1.19
C SER A 218 19.18 16.72 1.04
N GLY A 219 18.66 15.47 0.97
CA GLY A 219 17.25 15.25 0.69
C GLY A 219 16.37 15.38 1.89
N GLN A 220 15.04 15.44 1.71
CA GLN A 220 14.16 15.43 2.87
C GLN A 220 14.25 14.08 3.57
N GLY A 221 13.84 14.07 4.84
CA GLY A 221 13.81 12.87 5.64
C GLY A 221 14.79 12.86 6.77
N GLY A 222 15.74 13.81 6.73
CA GLY A 222 16.63 14.08 7.82
C GLY A 222 16.21 15.38 8.52
N THR A 223 17.19 16.22 8.84
CA THR A 223 16.94 17.49 9.48
C THR A 223 15.89 18.25 8.68
N ASN A 224 14.83 18.68 9.33
CA ASN A 224 13.74 19.36 8.58
C ASN A 224 13.88 20.85 8.86
N TRP A 225 14.43 21.58 7.91
CA TRP A 225 14.73 23.01 8.07
C TRP A 225 13.45 23.83 8.00
N ILE A 226 12.44 23.29 7.29
CA ILE A 226 11.12 23.92 7.30
C ILE A 226 10.52 23.86 8.72
N ALA A 227 10.75 22.75 9.42
CA ALA A 227 10.24 22.59 10.81
C ALA A 227 11.03 23.51 11.76
N ILE A 228 12.34 23.60 11.53
CA ILE A 228 13.17 24.49 12.34
C ILE A 228 12.64 25.92 12.17
N GLU A 229 12.42 26.38 10.93
CA GLU A 229 11.87 27.74 10.80
C GLU A 229 10.42 27.85 11.32
N MET A 230 9.62 26.76 11.18
CA MET A 230 8.31 26.73 11.80
C MET A 230 8.39 27.06 13.30
N ILE A 231 9.32 26.39 14.01
CA ILE A 231 9.56 26.56 15.43
C ILE A 231 10.05 27.96 15.78
N ARG A 232 10.98 28.51 15.00
CA ARG A 232 11.40 29.88 15.23
C ARG A 232 10.17 30.80 15.05
N ASP A 233 9.28 30.49 14.11
CA ASP A 233 8.12 31.35 13.84
C ASP A 233 7.12 31.25 15.05
N ILE A 234 6.89 30.03 15.53
CA ILE A 234 5.98 29.80 16.64
C ILE A 234 6.47 30.57 17.86
N ARG A 235 7.77 30.42 18.18
CA ARG A 235 8.38 31.15 19.29
C ARG A 235 8.18 32.65 19.23
N ARG A 236 8.25 33.27 18.05
CA ARG A 236 8.03 34.74 17.91
C ARG A 236 6.56 35.12 17.68
N GLY A 237 5.65 34.15 17.73
CA GLY A 237 4.29 34.39 17.30
C GLY A 237 4.22 34.98 15.89
N ASN A 238 5.08 34.52 14.97
CA ASN A 238 5.02 34.94 13.58
C ASN A 238 3.94 34.16 12.77
N TRP A 239 3.21 34.89 11.91
CA TRP A 239 2.02 34.38 11.15
C TRP A 239 2.40 33.12 10.28
N LYS A 240 3.58 33.17 9.68
CA LYS A 240 4.11 32.08 8.84
C LYS A 240 4.15 30.66 9.40
N ALA A 241 4.05 30.51 10.71
CA ALA A 241 4.17 29.21 11.36
C ALA A 241 3.20 28.20 10.79
N GLU A 242 1.93 28.60 10.60
CA GLU A 242 0.98 27.61 10.16
C GLU A 242 1.22 27.24 8.70
N SER A 243 1.71 28.19 7.90
CA SER A 243 2.11 27.92 6.52
C SER A 243 3.30 26.94 6.49
N ALA A 244 4.24 27.08 7.43
CA ALA A 244 5.42 26.20 7.40
C ALA A 244 4.93 24.78 7.63
N LYS A 245 4.05 24.60 8.61
CA LYS A 245 3.44 23.31 8.93
C LYS A 245 2.84 22.62 7.71
N ASN A 246 2.20 23.38 6.79
CA ASN A 246 1.68 22.78 5.56
C ASN A 246 2.75 22.21 4.63
N PHE A 247 3.97 22.70 4.76
CA PHE A 247 5.07 22.33 3.87
C PHE A 247 6.07 21.36 4.52
N LEU A 248 5.80 20.85 5.72
CA LEU A 248 6.69 19.90 6.40
C LEU A 248 7.19 18.71 5.57
N ASP A 249 6.42 18.28 4.56
CA ASP A 249 6.82 17.14 3.75
C ASP A 249 7.22 17.56 2.33
N TRP A 250 7.50 18.86 2.18
CA TRP A 250 8.02 19.41 0.95
C TRP A 250 9.46 18.89 0.64
N GLY A 251 9.73 18.50 -0.62
CA GLY A 251 11.11 18.30 -1.04
C GLY A 251 11.31 16.94 -1.72
N VAL A 252 12.52 16.67 -2.19
CA VAL A 252 12.74 15.38 -2.85
C VAL A 252 13.34 14.46 -1.76
N PRO A 253 12.75 13.28 -1.52
CA PRO A 253 13.35 12.35 -0.55
C PRO A 253 14.78 12.00 -0.91
N THR A 254 15.66 11.85 0.07
CA THR A 254 17.09 11.59 -0.21
C THR A 254 17.31 10.47 -1.24
N ALA A 255 16.62 9.34 -1.10
CA ALA A 255 16.85 8.22 -1.99
C ALA A 255 16.44 8.57 -3.41
N ALA A 256 15.27 9.19 -3.59
CA ALA A 256 14.88 9.69 -4.86
C ALA A 256 15.91 10.73 -5.38
N SER A 257 16.46 11.58 -4.50
CA SER A 257 17.41 12.61 -5.00
C SER A 257 18.70 11.95 -5.50
N ILE A 258 19.17 10.93 -4.77
CA ILE A 258 20.36 10.18 -5.24
C ILE A 258 20.12 9.56 -6.61
N MET A 259 18.96 8.89 -6.78
CA MET A 259 18.59 8.38 -8.10
C MET A 259 18.51 9.46 -9.13
N GLU A 260 17.87 10.58 -8.83
CA GLU A 260 17.73 11.66 -9.85
C GLU A 260 19.07 12.24 -10.27
N VAL A 261 19.97 12.46 -9.33
CA VAL A 261 21.24 13.08 -9.73
C VAL A 261 22.10 12.12 -10.49
N ARG A 262 22.15 10.86 -10.07
CA ARG A 262 23.04 9.87 -10.72
C ARG A 262 22.55 9.57 -12.14
N TYR A 263 21.22 9.48 -12.26
CA TYR A 263 20.59 9.33 -13.59
C TYR A 263 20.77 10.51 -14.54
N SER A 264 20.54 11.71 -14.04
CA SER A 264 20.56 12.87 -14.95
C SER A 264 21.97 13.35 -15.18
N VAL A 265 22.86 13.12 -14.21
CA VAL A 265 24.27 13.38 -14.48
C VAL A 265 25.24 12.24 -14.12
N PRO A 266 25.36 11.27 -15.04
CA PRO A 266 25.97 9.97 -14.74
C PRO A 266 27.41 10.04 -14.30
N ASP A 267 28.11 11.09 -14.65
CA ASP A 267 29.51 11.19 -14.27
C ASP A 267 29.77 12.11 -13.05
N SER A 268 28.69 12.57 -12.42
CA SER A 268 28.82 13.43 -11.25
C SER A 268 29.59 12.72 -10.14
N PHE A 269 30.20 13.54 -9.30
CA PHE A 269 30.73 13.08 -8.05
C PHE A 269 29.62 13.45 -7.04
N LEU A 270 29.10 12.44 -6.32
CA LEU A 270 27.78 12.52 -5.59
C LEU A 270 27.89 12.19 -4.10
N VAL A 271 27.54 13.15 -3.22
CA VAL A 271 27.35 12.90 -1.78
C VAL A 271 25.88 12.70 -1.58
N GLY A 272 25.54 11.53 -1.05
CA GLY A 272 24.19 11.20 -0.68
C GLY A 272 23.99 11.53 0.81
N SER A 273 23.12 12.51 1.10
CA SER A 273 22.94 13.00 2.47
C SER A 273 21.50 13.46 2.66
N GLY A 274 21.13 13.65 3.91
CA GLY A 274 19.77 14.08 4.32
C GLY A 274 19.16 12.81 4.98
N GLY A 275 19.22 12.72 6.32
CA GLY A 275 18.70 11.58 7.04
C GLY A 275 19.59 10.35 7.09
N ILE A 276 20.89 10.48 6.79
CA ILE A 276 21.77 9.30 7.00
C ILE A 276 22.03 9.16 8.50
N ARG A 277 21.45 8.11 9.12
CA ARG A 277 21.58 7.90 10.56
C ARG A 277 22.34 6.67 11.00
N SER A 278 22.75 5.79 10.09
CA SER A 278 23.42 4.57 10.51
C SER A 278 24.36 4.23 9.36
N GLY A 279 25.27 3.28 9.58
CA GLY A 279 26.13 2.78 8.53
C GLY A 279 25.36 2.00 7.47
N LEU A 280 24.22 1.43 7.87
CA LEU A 280 23.30 0.85 6.91
C LEU A 280 22.66 1.93 5.94
N ASP A 281 22.09 3.01 6.44
CA ASP A 281 21.67 4.11 5.54
C ASP A 281 22.84 4.54 4.65
N ALA A 282 24.08 4.57 5.20
CA ALA A 282 25.21 5.00 4.37
C ALA A 282 25.46 3.99 3.22
N ALA A 283 25.39 2.69 3.54
CA ALA A 283 25.59 1.62 2.54
C ALA A 283 24.50 1.72 1.47
N LYS A 284 23.26 1.90 1.92
CA LYS A 284 22.13 2.13 0.97
C LYS A 284 22.42 3.30 0.04
N ALA A 285 22.82 4.45 0.61
CA ALA A 285 23.06 5.67 -0.23
C ALA A 285 24.09 5.38 -1.28
N ILE A 286 25.16 4.67 -0.92
CA ILE A 286 26.24 4.40 -1.86
C ILE A 286 25.82 3.36 -2.94
N ALA A 287 25.18 2.24 -2.51
CA ALA A 287 24.71 1.29 -3.47
C ALA A 287 23.72 1.97 -4.41
N LEU A 288 22.86 2.87 -3.90
CA LEU A 288 21.93 3.52 -4.88
C LEU A 288 22.61 4.38 -5.90
N GLY A 289 23.81 4.90 -5.63
CA GLY A 289 24.47 5.66 -6.68
C GLY A 289 25.35 6.79 -6.16
N ALA A 290 25.34 6.98 -4.84
CA ALA A 290 26.14 8.02 -4.22
C ALA A 290 27.58 7.52 -4.22
N ASP A 291 28.55 8.43 -4.26
CA ASP A 291 29.98 8.09 -4.06
C ASP A 291 30.36 8.11 -2.60
N ILE A 292 29.68 8.96 -1.83
CA ILE A 292 29.92 8.96 -0.45
C ILE A 292 28.64 9.37 0.27
N ALA A 293 28.55 9.00 1.54
CA ALA A 293 27.41 9.42 2.32
C ALA A 293 27.76 10.57 3.21
N GLY A 294 26.91 11.60 3.27
CA GLY A 294 27.03 12.67 4.27
C GLY A 294 26.10 12.62 5.47
N MET A 295 26.58 13.19 6.57
CA MET A 295 25.81 13.33 7.83
C MET A 295 26.09 14.70 8.45
N ALA A 296 25.06 15.26 9.08
CA ALA A 296 25.21 16.50 9.75
C ALA A 296 24.72 16.39 11.21
N LEU A 297 23.39 16.45 11.37
CA LEU A 297 22.70 16.37 12.69
C LEU A 297 23.24 15.37 13.76
N PRO A 298 23.29 14.05 13.45
CA PRO A 298 23.74 13.12 14.51
C PRO A 298 25.20 13.38 14.93
N VAL A 299 26.05 13.84 14.04
CA VAL A 299 27.41 14.30 14.43
C VAL A 299 27.38 15.49 15.41
N LEU A 300 26.49 16.47 15.12
CA LEU A 300 26.29 17.60 16.02
C LEU A 300 25.90 17.12 17.43
N LYS A 301 24.90 16.23 17.53
CA LYS A 301 24.35 15.82 18.78
C LYS A 301 25.38 15.05 19.58
N SER A 302 26.09 14.12 18.94
CA SER A 302 27.24 13.52 19.60
C SER A 302 28.29 14.53 19.96
N ALA A 303 28.63 15.47 19.05
CA ALA A 303 29.70 16.40 19.39
C ALA A 303 29.36 17.21 20.65
N ILE A 304 28.09 17.59 20.81
CA ILE A 304 27.68 18.36 21.96
C ILE A 304 27.85 17.53 23.22
N GLU A 305 27.63 16.21 23.12
CA GLU A 305 27.93 15.34 24.24
C GLU A 305 29.44 15.24 24.57
N GLY A 306 30.34 15.38 23.59
CA GLY A 306 31.79 15.34 23.86
C GLY A 306 32.61 14.54 22.87
N LYS A 307 33.92 14.70 22.93
CA LYS A 307 34.86 14.01 22.05
C LYS A 307 34.60 12.48 22.05
N GLU A 308 34.49 11.88 23.23
CA GLU A 308 34.42 10.43 23.27
C GLU A 308 33.06 9.90 22.80
N SER A 309 32.00 10.66 23.06
CA SER A 309 30.73 10.32 22.50
C SER A 309 30.76 10.27 20.93
N LEU A 310 31.47 11.24 20.33
CA LEU A 310 31.55 11.34 18.90
C LEU A 310 32.45 10.23 18.31
N GLU A 311 33.53 9.89 19.02
CA GLU A 311 34.37 8.76 18.64
C GLU A 311 33.54 7.47 18.62
N GLN A 312 32.73 7.23 19.66
CA GLN A 312 31.93 6.04 19.69
C GLN A 312 30.90 6.06 18.54
N PHE A 313 30.32 7.24 18.24
CA PHE A 313 29.41 7.35 17.14
C PHE A 313 30.05 6.91 15.80
N PHE A 314 31.25 7.43 15.46
CA PHE A 314 31.87 6.99 14.24
C PHE A 314 32.21 5.48 14.23
N ARG A 315 32.65 4.93 15.37
CA ARG A 315 32.95 3.54 15.42
C ARG A 315 31.70 2.73 15.02
N LYS A 316 30.55 3.15 15.50
CA LYS A 316 29.27 2.48 15.25
C LYS A 316 28.90 2.54 13.72
N ILE A 317 28.94 3.74 13.15
CA ILE A 317 28.67 4.00 11.72
C ILE A 317 29.58 3.11 10.81
N ILE A 318 30.89 3.11 11.11
CA ILE A 318 31.88 2.33 10.38
C ILE A 318 31.61 0.84 10.52
N PHE A 319 31.31 0.38 11.73
CA PHE A 319 30.97 -1.02 11.89
C PHE A 319 29.71 -1.37 11.08
N GLU A 320 28.67 -0.55 11.18
CA GLU A 320 27.42 -0.82 10.46
C GLU A 320 27.66 -0.87 8.95
N LEU A 321 28.48 0.08 8.47
CA LEU A 321 28.81 0.10 7.04
C LEU A 321 29.56 -1.18 6.61
N LYS A 322 30.51 -1.62 7.42
CA LYS A 322 31.29 -2.83 7.09
C LYS A 322 30.39 -4.08 7.17
N ALA A 323 29.46 -4.08 8.14
CA ALA A 323 28.49 -5.16 8.24
C ALA A 323 27.71 -5.31 6.95
N ALA A 324 27.29 -4.19 6.39
CA ALA A 324 26.49 -4.20 5.17
C ALA A 324 27.35 -4.62 3.97
N MET A 325 28.60 -4.20 4.00
CA MET A 325 29.54 -4.61 2.97
C MET A 325 29.76 -6.14 3.14
N MET A 326 29.97 -6.59 4.34
CA MET A 326 30.29 -8.02 4.58
C MET A 326 29.07 -8.83 4.04
N LEU A 327 27.86 -8.45 4.47
CA LEU A 327 26.62 -9.18 4.12
C LEU A 327 26.13 -9.06 2.66
N THR A 328 26.82 -8.26 1.86
CA THR A 328 26.57 -8.21 0.44
C THR A 328 27.76 -8.72 -0.39
N GLY A 329 28.82 -9.20 0.26
CA GLY A 329 30.00 -9.71 -0.46
C GLY A 329 30.72 -8.54 -1.10
N SER A 330 30.73 -7.36 -0.45
CA SER A 330 31.41 -6.18 -1.08
C SER A 330 32.75 -5.99 -0.38
N LYS A 331 33.85 -6.37 -1.05
CA LYS A 331 35.16 -6.22 -0.43
C LYS A 331 35.64 -4.76 -0.36
N ASP A 332 35.14 -3.91 -1.23
CA ASP A 332 35.54 -2.51 -1.17
C ASP A 332 34.36 -1.60 -1.57
N VAL A 333 34.58 -0.28 -1.52
CA VAL A 333 33.52 0.73 -1.85
C VAL A 333 33.03 0.55 -3.27
N ASP A 334 33.94 0.30 -4.17
CA ASP A 334 33.55 0.02 -5.53
C ASP A 334 32.60 -1.19 -5.70
N ALA A 335 32.88 -2.27 -4.98
CA ALA A 335 32.00 -3.44 -5.10
C ALA A 335 30.62 -3.05 -4.53
N LEU A 336 30.61 -2.27 -3.44
CA LEU A 336 29.38 -1.80 -2.81
C LEU A 336 28.49 -0.99 -3.76
N LYS A 337 29.11 -0.08 -4.55
CA LYS A 337 28.40 0.70 -5.56
C LYS A 337 27.75 -0.18 -6.61
N LYS A 338 28.23 -1.40 -6.77
CA LYS A 338 27.73 -2.32 -7.80
C LYS A 338 26.88 -3.47 -7.24
N THR A 339 26.66 -3.50 -5.93
CA THR A 339 25.99 -4.66 -5.35
C THR A 339 24.48 -4.71 -5.72
N SER A 340 23.89 -5.89 -5.59
CA SER A 340 22.46 -6.12 -5.89
C SER A 340 21.51 -5.42 -4.89
N ILE A 341 20.49 -4.75 -5.39
CA ILE A 341 19.51 -4.12 -4.55
C ILE A 341 18.10 -4.40 -5.05
N VAL A 342 17.11 -4.12 -4.22
CA VAL A 342 15.73 -4.08 -4.63
C VAL A 342 15.13 -2.70 -4.31
N ILE A 343 14.39 -2.14 -5.26
CA ILE A 343 13.63 -0.90 -5.04
C ILE A 343 12.12 -1.21 -5.14
N LEU A 344 11.34 -0.84 -4.13
CA LEU A 344 9.91 -1.17 -4.00
C LEU A 344 9.10 0.12 -3.71
N GLY A 345 7.76 -0.01 -3.58
CA GLY A 345 6.85 1.02 -2.98
C GLY A 345 7.01 2.43 -3.58
N LYS A 346 7.00 3.47 -2.74
CA LYS A 346 6.91 4.83 -3.29
C LYS A 346 8.12 5.32 -4.09
N LEU A 347 9.33 4.87 -3.72
CA LEU A 347 10.53 5.19 -4.48
C LEU A 347 10.45 4.60 -5.90
N LYS A 348 9.97 3.38 -5.98
CA LYS A 348 9.72 2.79 -7.29
C LYS A 348 8.69 3.65 -8.12
N GLU A 349 7.57 4.01 -7.51
CA GLU A 349 6.57 4.85 -8.24
C GLU A 349 7.09 6.25 -8.59
N TRP A 350 7.92 6.81 -7.70
CA TRP A 350 8.61 8.07 -7.99
C TRP A 350 9.42 7.97 -9.29
N ALA A 351 10.33 6.99 -9.31
CA ALA A 351 11.23 6.76 -10.42
C ALA A 351 10.45 6.55 -11.73
N GLU A 352 9.45 5.69 -11.70
CA GLU A 352 8.62 5.45 -12.88
C GLU A 352 7.94 6.74 -13.40
N TYR A 353 7.31 7.52 -12.54
CA TYR A 353 6.63 8.71 -13.01
C TYR A 353 7.67 9.68 -13.60
N ARG A 354 8.87 9.69 -13.00
CA ARG A 354 9.91 10.65 -13.39
C ARG A 354 10.66 10.13 -14.61
N GLY A 355 10.23 9.01 -15.18
CA GLY A 355 10.86 8.54 -16.45
C GLY A 355 12.23 7.88 -16.19
N ILE A 356 12.51 7.50 -14.94
CA ILE A 356 13.78 6.84 -14.65
C ILE A 356 13.63 5.35 -14.98
N ASN A 357 14.06 5.01 -16.17
CA ASN A 357 13.98 3.66 -16.65
C ASN A 357 14.90 2.79 -15.75
N LEU A 358 14.33 1.83 -15.04
CA LEU A 358 15.07 1.09 -14.06
C LEU A 358 16.28 0.32 -14.61
N SER A 359 16.19 -0.15 -15.86
CA SER A 359 17.27 -0.89 -16.46
C SER A 359 18.39 0.05 -16.85
N ILE A 360 18.09 1.19 -17.47
CA ILE A 360 19.23 2.05 -17.67
C ILE A 360 19.79 2.58 -16.32
N TYR A 361 18.91 2.75 -15.31
CA TYR A 361 19.41 3.13 -13.97
C TYR A 361 20.46 2.12 -13.43
N GLU A 362 20.12 0.84 -13.44
CA GLU A 362 21.02 -0.23 -12.98
C GLU A 362 22.42 -0.08 -13.64
N LYS A 363 22.43 0.03 -14.95
CA LYS A 363 23.65 0.22 -15.70
C LYS A 363 24.43 1.45 -15.22
N VAL A 364 23.75 2.59 -15.12
CA VAL A 364 24.39 3.86 -14.73
C VAL A 364 24.97 3.87 -13.31
N ARG A 365 24.25 3.30 -12.34
CA ARG A 365 24.69 3.28 -10.94
C ARG A 365 25.89 2.29 -10.76
N LYS A 366 25.99 1.31 -11.65
CA LYS A 366 27.07 0.30 -11.58
C LYS A 366 28.38 0.73 -12.30
N ARG A 367 28.41 1.89 -12.95
CA ARG A 367 29.63 2.27 -13.68
C ARG A 367 30.26 3.53 -13.10
N ASN B 6 -35.42 26.62 8.26
CA ASN B 6 -34.98 26.99 6.86
C ASN B 6 -33.66 26.31 6.41
N ARG B 7 -33.78 25.64 5.27
CA ARG B 7 -32.77 24.79 4.72
C ARG B 7 -31.44 25.52 4.53
N LYS B 8 -31.47 26.69 3.88
CA LYS B 8 -30.22 27.52 3.73
C LYS B 8 -29.51 27.79 5.06
N VAL B 9 -30.28 28.18 6.10
CA VAL B 9 -29.65 28.40 7.41
C VAL B 9 -29.04 27.10 7.95
N GLU B 10 -29.81 26.00 7.85
CA GLU B 10 -29.39 24.73 8.41
C GLU B 10 -28.09 24.21 7.73
N HIS B 11 -28.04 24.37 6.42
CA HIS B 11 -26.89 24.02 5.63
C HIS B 11 -25.67 24.75 6.07
N VAL B 12 -25.78 26.08 6.20
CA VAL B 12 -24.65 26.87 6.65
C VAL B 12 -24.20 26.40 8.05
N GLU B 13 -25.14 26.19 8.97
CA GLU B 13 -24.82 25.80 10.35
C GLU B 13 -24.17 24.39 10.43
N ILE B 14 -24.64 23.45 9.63
CA ILE B 14 -24.04 22.13 9.61
C ILE B 14 -22.64 22.17 8.97
N ALA B 15 -22.52 22.87 7.85
CA ALA B 15 -21.22 23.01 7.19
C ALA B 15 -20.22 23.67 8.13
N ALA B 16 -20.61 24.79 8.74
CA ALA B 16 -19.68 25.53 9.61
C ALA B 16 -19.36 24.87 10.98
N PHE B 17 -20.32 24.20 11.60
CA PHE B 17 -20.12 23.76 12.98
C PHE B 17 -20.19 22.28 13.23
N GLU B 18 -20.52 21.47 12.23
CA GLU B 18 -20.38 20.02 12.43
C GLU B 18 -19.14 19.45 11.72
N ASN B 19 -18.87 18.17 11.94
CA ASN B 19 -17.72 17.50 11.35
C ASN B 19 -18.05 16.90 9.97
N VAL B 20 -17.91 17.66 8.88
CA VAL B 20 -18.32 17.16 7.54
C VAL B 20 -17.28 17.47 6.49
N ASP B 21 -16.17 18.07 6.89
CA ASP B 21 -15.10 18.44 5.99
C ASP B 21 -14.20 17.25 5.79
N GLY B 22 -14.21 16.66 4.59
CA GLY B 22 -13.38 15.49 4.36
C GLY B 22 -13.85 14.21 5.12
N LEU B 23 -15.13 14.14 5.51
CA LEU B 23 -15.60 13.02 6.34
C LEU B 23 -15.62 11.77 5.51
N SER B 24 -14.75 10.82 5.90
CA SER B 24 -14.59 9.55 5.17
C SER B 24 -14.31 9.67 3.69
N SER B 25 -13.70 10.76 3.26
CA SER B 25 -13.53 10.96 1.83
C SER B 25 -12.11 11.46 1.63
N SER B 26 -11.67 11.57 0.37
CA SER B 26 -10.33 12.01 0.07
C SER B 26 -10.29 12.75 -1.26
N THR B 27 -9.36 13.73 -1.37
CA THR B 27 -9.16 14.47 -2.59
C THR B 27 -8.20 13.77 -3.53
N PHE B 28 -7.45 12.79 -2.99
CA PHE B 28 -6.30 12.18 -3.64
C PHE B 28 -5.17 13.20 -3.86
N LEU B 29 -5.29 14.46 -3.36
CA LEU B 29 -4.10 15.42 -3.46
C LEU B 29 -2.80 14.98 -2.74
N ASN B 30 -2.92 14.13 -1.72
CA ASN B 30 -1.75 13.48 -1.10
C ASN B 30 -0.97 12.63 -2.14
N ASP B 31 -1.62 12.26 -3.25
CA ASP B 31 -0.97 11.51 -4.29
C ASP B 31 -0.25 12.36 -5.34
N VAL B 32 -0.28 13.69 -5.18
CA VAL B 32 0.33 14.59 -6.15
C VAL B 32 1.50 15.28 -5.39
N ILE B 33 2.71 15.20 -5.94
CA ILE B 33 3.83 15.84 -5.35
C ILE B 33 4.44 16.83 -6.35
N LEU B 34 4.62 18.08 -5.93
CA LEU B 34 5.38 19.10 -6.69
C LEU B 34 6.87 18.86 -6.45
N VAL B 35 7.62 18.74 -7.53
CA VAL B 35 9.06 18.48 -7.47
C VAL B 35 9.77 19.78 -7.03
N HIS B 36 10.50 19.68 -5.92
CA HIS B 36 11.24 20.80 -5.35
C HIS B 36 12.43 21.20 -6.23
N GLN B 37 12.63 22.51 -6.44
CA GLN B 37 13.73 22.95 -7.24
C GLN B 37 14.69 23.74 -6.37
N GLY B 38 15.78 23.11 -5.94
CA GLY B 38 16.71 23.76 -5.02
C GLY B 38 17.41 25.00 -5.63
N PHE B 39 17.49 25.08 -6.95
CA PHE B 39 17.82 26.34 -7.61
C PHE B 39 16.63 26.89 -8.37
N PRO B 40 15.82 27.71 -7.69
CA PRO B 40 14.60 28.18 -8.35
C PRO B 40 14.78 29.00 -9.62
N GLY B 41 15.80 29.85 -9.70
CA GLY B 41 15.98 30.58 -10.96
C GLY B 41 15.26 31.93 -10.98
N ILE B 42 14.70 32.31 -9.84
CA ILE B 42 13.94 33.50 -9.69
C ILE B 42 14.12 33.96 -8.25
N SER B 43 13.56 35.12 -7.96
CA SER B 43 13.54 35.56 -6.56
C SER B 43 12.08 35.63 -6.16
N PHE B 44 11.80 35.60 -4.85
CA PHE B 44 10.45 35.65 -4.32
C PHE B 44 9.62 36.87 -4.84
N SER B 45 10.27 38.03 -4.95
CA SER B 45 9.55 39.29 -5.19
C SER B 45 9.14 39.43 -6.65
N GLU B 46 9.72 38.65 -7.54
CA GLU B 46 9.24 38.72 -8.91
C GLU B 46 8.09 37.74 -9.23
N ILE B 47 7.65 36.91 -8.27
CA ILE B 47 6.60 35.95 -8.51
C ILE B 47 5.33 36.74 -8.81
N ASN B 48 4.78 36.48 -9.97
CA ASN B 48 3.56 37.10 -10.42
C ASN B 48 2.33 36.16 -10.37
N THR B 49 1.36 36.45 -9.50
CA THR B 49 0.20 35.59 -9.37
C THR B 49 -1.03 35.95 -10.21
N LYS B 50 -0.94 36.95 -11.08
CA LYS B 50 -2.09 37.38 -11.88
C LYS B 50 -2.46 36.35 -12.90
N THR B 51 -3.76 36.28 -13.23
CA THR B 51 -4.28 35.46 -14.32
C THR B 51 -5.61 36.04 -14.89
N LYS B 52 -6.05 35.50 -16.04
CA LYS B 52 -7.34 35.85 -16.63
C LYS B 52 -8.46 35.11 -15.98
N PHE B 53 -9.60 35.79 -15.85
CA PHE B 53 -10.87 35.17 -15.52
C PHE B 53 -11.94 35.76 -16.48
N PHE B 54 -12.21 35.02 -17.56
CA PHE B 54 -12.97 35.53 -18.71
C PHE B 54 -12.44 36.90 -19.19
N ARG B 55 -13.26 37.95 -19.17
CA ARG B 55 -12.81 39.27 -19.68
C ARG B 55 -12.02 40.11 -18.67
N LYS B 56 -11.96 39.67 -17.42
CA LYS B 56 -11.24 40.39 -16.37
C LYS B 56 -9.92 39.74 -16.01
N GLU B 57 -9.09 40.52 -15.34
CA GLU B 57 -7.85 40.06 -14.80
C GLU B 57 -8.05 39.97 -13.32
N ILE B 58 -7.50 38.95 -12.69
CA ILE B 58 -7.58 38.74 -11.23
C ILE B 58 -6.17 38.66 -10.58
N SER B 59 -6.07 38.89 -9.30
CA SER B 59 -4.77 39.06 -8.67
C SER B 59 -4.06 37.74 -8.28
N VAL B 60 -4.83 36.64 -8.23
CA VAL B 60 -4.48 35.35 -7.63
C VAL B 60 -5.36 34.30 -8.33
N PRO B 61 -4.78 33.16 -8.72
CA PRO B 61 -5.57 32.16 -9.43
C PRO B 61 -6.44 31.30 -8.47
N VAL B 62 -7.31 31.96 -7.71
CA VAL B 62 -8.13 31.31 -6.70
C VAL B 62 -9.48 32.03 -6.82
N MET B 63 -10.60 31.33 -6.58
CA MET B 63 -11.92 31.97 -6.50
C MET B 63 -12.63 31.42 -5.28
N VAL B 64 -13.56 32.21 -4.73
CA VAL B 64 -14.52 31.72 -3.79
C VAL B 64 -15.75 31.17 -4.54
N THR B 65 -16.07 29.89 -4.33
CA THR B 65 -17.22 29.26 -5.04
C THR B 65 -18.52 29.49 -4.30
N GLY B 66 -19.65 29.35 -4.99
CA GLY B 66 -20.93 29.85 -4.42
C GLY B 66 -21.40 29.05 -3.23
N MET B 67 -21.94 29.75 -2.23
CA MET B 67 -22.43 29.13 -0.99
C MET B 67 -23.82 29.61 -0.54
N THR B 68 -24.00 30.91 -0.37
CA THR B 68 -25.18 31.36 0.38
C THR B 68 -25.86 32.68 -0.12
N GLY B 69 -26.83 33.18 0.64
CA GLY B 69 -27.77 34.22 0.20
C GLY B 69 -29.19 33.71 0.45
N GLY B 70 -30.13 34.64 0.66
CA GLY B 70 -31.57 34.39 0.67
C GLY B 70 -32.28 34.98 1.87
N ARG B 71 -31.50 35.38 2.87
CA ARG B 71 -32.00 36.19 3.99
C ARG B 71 -30.87 37.00 4.64
N ASN B 72 -31.24 37.91 5.54
CA ASN B 72 -30.33 38.98 5.91
C ASN B 72 -29.06 38.52 6.62
N GLU B 73 -29.17 37.52 7.50
CA GLU B 73 -28.00 36.99 8.20
C GLU B 73 -27.06 36.30 7.18
N LEU B 74 -27.65 35.70 6.14
CA LEU B 74 -26.89 35.10 5.06
C LEU B 74 -26.25 36.17 4.19
N GLY B 75 -26.96 37.28 3.99
CA GLY B 75 -26.45 38.41 3.22
C GLY B 75 -25.30 39.09 3.91
N ARG B 76 -25.29 39.07 5.22
CA ARG B 76 -24.20 39.70 5.92
C ARG B 76 -22.88 38.87 5.82
N ILE B 77 -22.98 37.53 5.71
CA ILE B 77 -21.86 36.65 5.34
C ILE B 77 -21.40 36.92 3.87
N ASN B 78 -22.34 37.09 2.95
CA ASN B 78 -21.98 37.43 1.58
C ASN B 78 -21.25 38.78 1.50
N LYS B 79 -21.62 39.71 2.37
CA LYS B 79 -21.05 41.04 2.41
C LYS B 79 -19.57 40.95 2.85
N ILE B 80 -19.31 40.23 3.92
CA ILE B 80 -17.94 40.04 4.47
C ILE B 80 -17.06 39.37 3.40
N ILE B 81 -17.58 38.31 2.80
CA ILE B 81 -16.81 37.63 1.77
C ILE B 81 -16.50 38.50 0.57
N ALA B 82 -17.52 39.25 0.12
CA ALA B 82 -17.39 40.06 -1.08
C ALA B 82 -16.43 41.22 -0.82
N GLU B 83 -16.56 41.91 0.30
CA GLU B 83 -15.70 43.09 0.45
C GLU B 83 -14.22 42.66 0.62
N VAL B 84 -13.98 41.47 1.18
CA VAL B 84 -12.60 40.97 1.31
C VAL B 84 -12.11 40.46 -0.02
N ALA B 85 -12.96 39.76 -0.76
CA ALA B 85 -12.55 39.31 -2.11
C ALA B 85 -12.20 40.51 -3.01
N GLU B 86 -12.99 41.58 -2.92
CA GLU B 86 -12.72 42.77 -3.70
C GLU B 86 -11.31 43.29 -3.38
N LYS B 87 -10.99 43.37 -2.10
CA LYS B 87 -9.72 43.91 -1.63
C LYS B 87 -8.57 43.09 -2.15
N PHE B 88 -8.79 41.79 -2.37
CA PHE B 88 -7.71 40.89 -2.72
C PHE B 88 -7.67 40.59 -4.20
N GLY B 89 -8.63 41.14 -4.96
CA GLY B 89 -8.70 40.89 -6.42
C GLY B 89 -9.10 39.45 -6.74
N ILE B 90 -9.93 38.85 -5.90
CA ILE B 90 -10.36 37.45 -6.06
C ILE B 90 -11.83 37.33 -6.49
N PRO B 91 -12.12 36.56 -7.55
CA PRO B 91 -13.55 36.33 -7.96
C PRO B 91 -14.39 35.62 -6.92
N MET B 92 -15.71 35.88 -6.92
CA MET B 92 -16.64 35.29 -5.97
C MET B 92 -17.97 34.84 -6.62
N GLY B 93 -18.33 33.60 -6.34
CA GLY B 93 -19.62 33.02 -6.76
C GLY B 93 -20.52 33.21 -5.60
N VAL B 94 -21.79 33.57 -5.82
CA VAL B 94 -22.78 33.50 -4.75
C VAL B 94 -23.46 32.13 -4.77
N GLY B 95 -24.19 31.82 -3.71
CA GLY B 95 -24.97 30.60 -3.70
C GLY B 95 -26.25 30.75 -4.50
N SER B 96 -27.04 29.69 -4.44
CA SER B 96 -28.12 29.48 -5.35
C SER B 96 -29.14 30.60 -5.23
N GLN B 97 -29.53 31.14 -6.37
CA GLN B 97 -30.40 32.31 -6.38
C GLN B 97 -31.91 32.02 -6.54
N ARG B 98 -32.26 30.73 -6.56
CA ARG B 98 -33.63 30.31 -6.70
C ARG B 98 -34.56 31.06 -5.75
N VAL B 99 -34.15 31.15 -4.51
CA VAL B 99 -34.97 31.81 -3.53
C VAL B 99 -35.30 33.27 -3.85
N ALA B 100 -34.37 33.92 -4.55
CA ALA B 100 -34.55 35.31 -4.89
C ALA B 100 -35.25 35.45 -6.26
N ILE B 101 -35.26 34.40 -7.06
CA ILE B 101 -36.15 34.40 -8.17
C ILE B 101 -37.60 34.34 -7.64
N GLU B 102 -37.83 33.51 -6.64
CA GLU B 102 -39.16 33.33 -6.06
C GLU B 102 -39.66 34.50 -5.17
N LYS B 103 -38.77 35.14 -4.42
CA LYS B 103 -39.18 36.10 -3.39
C LYS B 103 -38.32 37.36 -3.42
N ALA B 104 -38.95 38.48 -3.74
CA ALA B 104 -38.24 39.75 -3.88
C ALA B 104 -37.44 40.19 -2.63
N GLU B 105 -37.89 39.85 -1.44
CA GLU B 105 -37.16 40.22 -0.22
C GLU B 105 -35.80 39.48 -0.08
N ALA B 106 -35.61 38.38 -0.80
CA ALA B 106 -34.36 37.65 -0.72
C ALA B 106 -33.30 38.26 -1.62
N ARG B 107 -33.68 39.22 -2.49
CA ARG B 107 -32.74 39.80 -3.47
C ARG B 107 -31.54 40.54 -2.87
N GLU B 108 -31.81 41.39 -1.87
CA GLU B 108 -30.77 42.22 -1.27
C GLU B 108 -29.54 41.42 -0.72
N SER B 109 -29.81 40.24 -0.18
CA SER B 109 -28.79 39.40 0.40
C SER B 109 -27.78 38.86 -0.67
N PHE B 110 -28.15 38.98 -1.96
CA PHE B 110 -27.27 38.68 -3.07
C PHE B 110 -26.70 39.99 -3.62
N ALA B 111 -27.58 41.00 -3.83
CA ALA B 111 -27.19 42.26 -4.50
C ALA B 111 -26.05 42.95 -3.80
N ILE B 112 -26.04 42.86 -2.47
CA ILE B 112 -25.03 43.46 -1.61
C ILE B 112 -23.60 43.14 -2.04
N VAL B 113 -23.46 42.00 -2.71
CA VAL B 113 -22.16 41.51 -3.13
C VAL B 113 -21.56 42.49 -4.12
N ARG B 114 -22.41 42.96 -5.04
CA ARG B 114 -21.96 43.88 -6.11
C ARG B 114 -21.75 45.28 -5.54
N LYS B 115 -22.52 45.66 -4.53
CA LYS B 115 -22.41 47.03 -3.99
C LYS B 115 -21.01 47.24 -3.41
N VAL B 116 -20.53 46.21 -2.73
CA VAL B 116 -19.35 46.26 -1.90
C VAL B 116 -18.17 45.70 -2.69
N ALA B 117 -18.44 45.04 -3.84
CA ALA B 117 -17.37 44.51 -4.68
C ALA B 117 -17.60 44.88 -6.13
N PRO B 118 -17.30 46.16 -6.47
CA PRO B 118 -17.71 46.63 -7.79
C PRO B 118 -16.86 46.14 -8.94
N THR B 119 -15.63 45.65 -8.69
CA THR B 119 -14.74 45.37 -9.80
C THR B 119 -14.44 43.88 -10.07
N ILE B 120 -14.33 43.04 -9.05
CA ILE B 120 -14.01 41.60 -9.27
C ILE B 120 -15.09 40.86 -10.10
N PRO B 121 -14.71 39.77 -10.79
CA PRO B 121 -15.76 38.87 -11.31
C PRO B 121 -16.67 38.36 -10.21
N ILE B 122 -18.00 38.48 -10.43
CA ILE B 122 -19.02 37.91 -9.54
C ILE B 122 -19.76 36.83 -10.35
N ILE B 123 -20.08 35.68 -9.79
CA ILE B 123 -20.60 34.58 -10.64
C ILE B 123 -21.94 34.25 -10.07
N ALA B 124 -22.99 34.31 -10.90
CA ALA B 124 -24.34 33.97 -10.41
C ALA B 124 -24.46 32.44 -10.22
N ASN B 125 -25.61 32.00 -9.70
CA ASN B 125 -25.82 30.58 -9.43
C ASN B 125 -27.28 30.12 -9.55
N LEU B 126 -27.54 29.11 -10.41
CA LEU B 126 -28.79 28.35 -10.40
C LEU B 126 -28.51 26.87 -10.56
N GLY B 127 -29.43 26.03 -10.09
CA GLY B 127 -29.23 24.60 -10.11
C GLY B 127 -29.71 24.03 -11.42
N MET B 128 -28.97 23.07 -11.94
CA MET B 128 -29.48 22.29 -13.08
C MET B 128 -30.97 21.77 -12.92
N PRO B 129 -31.37 21.36 -11.73
CA PRO B 129 -32.73 20.82 -11.72
C PRO B 129 -33.77 21.85 -12.07
N GLN B 130 -33.44 23.12 -11.80
CA GLN B 130 -34.34 24.23 -12.14
C GLN B 130 -34.64 24.23 -13.60
N LEU B 131 -33.71 23.71 -14.41
CA LEU B 131 -33.95 23.70 -15.84
C LEU B 131 -34.95 22.66 -16.28
N VAL B 132 -35.16 21.60 -15.49
CA VAL B 132 -36.27 20.72 -15.89
C VAL B 132 -37.55 21.00 -15.20
N LYS B 133 -37.53 21.92 -14.26
CA LYS B 133 -38.70 22.39 -13.57
C LYS B 133 -39.19 23.74 -14.13
N GLY B 134 -38.77 24.11 -15.34
CA GLY B 134 -39.34 25.27 -16.02
C GLY B 134 -38.60 26.58 -16.10
N TYR B 135 -37.44 26.69 -15.44
CA TYR B 135 -36.61 27.88 -15.56
C TYR B 135 -36.15 27.98 -17.01
N GLY B 136 -35.98 29.21 -17.51
CA GLY B 136 -35.42 29.42 -18.83
C GLY B 136 -34.63 30.72 -18.83
N LEU B 137 -34.57 31.34 -19.99
CA LEU B 137 -33.74 32.49 -20.24
C LEU B 137 -33.96 33.57 -19.20
N LYS B 138 -35.23 33.86 -18.93
CA LYS B 138 -35.54 35.01 -18.11
C LYS B 138 -35.02 34.86 -16.68
N GLU B 139 -35.26 33.71 -16.05
CA GLU B 139 -34.65 33.43 -14.74
C GLU B 139 -33.12 33.56 -14.74
N PHE B 140 -32.44 33.09 -15.78
CA PHE B 140 -31.01 33.23 -15.88
C PHE B 140 -30.59 34.73 -15.96
N GLN B 141 -31.27 35.52 -16.82
CA GLN B 141 -31.01 36.94 -16.94
C GLN B 141 -31.27 37.66 -15.64
N ASP B 142 -32.32 37.27 -14.93
CA ASP B 142 -32.59 37.88 -13.64
C ASP B 142 -31.51 37.52 -12.57
N ALA B 143 -31.08 36.25 -12.49
CA ALA B 143 -29.93 35.89 -11.62
C ALA B 143 -28.71 36.73 -11.96
N ILE B 144 -28.42 36.87 -13.24
CA ILE B 144 -27.28 37.65 -13.70
C ILE B 144 -27.34 39.17 -13.40
N GLN B 145 -28.49 39.79 -13.67
CA GLN B 145 -28.68 41.22 -13.56
C GLN B 145 -28.73 41.61 -12.07
N MET B 146 -29.33 40.78 -11.24
CA MET B 146 -29.39 41.04 -9.79
C MET B 146 -28.01 41.43 -9.12
N ILE B 147 -26.89 40.91 -9.65
CA ILE B 147 -25.57 41.19 -9.08
C ILE B 147 -24.62 41.64 -10.18
N GLU B 148 -25.13 42.07 -11.34
CA GLU B 148 -24.33 42.33 -12.53
C GLU B 148 -23.20 41.31 -12.65
N ALA B 149 -23.60 40.07 -12.86
CA ALA B 149 -22.71 38.94 -12.84
C ALA B 149 -21.77 38.92 -14.05
N ASP B 150 -20.54 38.40 -13.88
CA ASP B 150 -19.71 38.25 -15.05
C ASP B 150 -19.83 36.86 -15.66
N ALA B 151 -20.64 36.01 -15.02
CA ALA B 151 -20.77 34.62 -15.47
C ALA B 151 -21.89 34.01 -14.64
N ILE B 152 -22.42 32.84 -15.03
CA ILE B 152 -23.36 32.16 -14.15
C ILE B 152 -22.93 30.71 -13.98
N ALA B 153 -22.94 30.18 -12.76
CA ALA B 153 -22.62 28.79 -12.51
C ALA B 153 -23.93 28.04 -12.39
N VAL B 154 -23.99 26.90 -13.07
CA VAL B 154 -25.14 26.02 -12.97
C VAL B 154 -24.63 24.77 -12.23
N HIS B 155 -25.22 24.46 -11.08
CA HIS B 155 -24.72 23.39 -10.26
C HIS B 155 -25.40 22.02 -10.45
N LEU B 156 -24.58 20.97 -10.38
CA LEU B 156 -24.99 19.55 -10.30
C LEU B 156 -24.84 19.07 -8.87
N ASN B 157 -25.96 18.72 -8.23
CA ASN B 157 -25.94 18.14 -6.88
C ASN B 157 -26.89 16.92 -6.76
N PRO B 158 -26.86 15.99 -7.72
CA PRO B 158 -27.75 14.82 -7.52
C PRO B 158 -27.50 13.97 -6.25
N ALA B 159 -26.26 13.88 -5.78
CA ALA B 159 -25.95 13.07 -4.58
C ALA B 159 -26.65 13.62 -3.38
N GLN B 160 -26.53 14.93 -3.24
CA GLN B 160 -27.16 15.62 -2.17
C GLN B 160 -28.68 15.38 -2.22
N GLU B 161 -29.27 15.47 -3.39
CA GLU B 161 -30.71 15.40 -3.54
C GLU B 161 -31.24 13.98 -3.26
N VAL B 162 -30.44 12.95 -3.59
CA VAL B 162 -30.82 11.56 -3.33
C VAL B 162 -30.99 11.35 -1.83
N PHE B 163 -30.16 11.96 -0.99
CA PHE B 163 -30.15 11.65 0.45
C PHE B 163 -30.87 12.68 1.32
N GLN B 164 -31.26 13.80 0.75
CA GLN B 164 -31.97 14.78 1.53
C GLN B 164 -33.38 14.24 1.80
N PRO B 165 -34.00 14.65 2.93
CA PRO B 165 -35.34 14.14 3.26
C PRO B 165 -36.36 14.52 2.18
N GLU B 166 -36.29 15.76 1.70
CA GLU B 166 -37.35 16.29 0.85
C GLU B 166 -37.08 16.18 -0.66
N GLY B 167 -37.70 15.18 -1.28
CA GLY B 167 -37.79 15.13 -2.75
C GLY B 167 -36.82 14.17 -3.45
N GLU B 168 -36.70 14.38 -4.76
CA GLU B 168 -36.01 13.42 -5.63
C GLU B 168 -35.35 14.08 -6.83
N PRO B 169 -34.15 13.61 -7.19
CA PRO B 169 -33.38 14.34 -8.23
C PRO B 169 -33.93 14.06 -9.62
N GLU B 170 -33.75 15.05 -10.51
CA GLU B 170 -34.31 14.99 -11.85
C GLU B 170 -33.27 15.59 -12.75
N TYR B 171 -32.74 14.78 -13.66
CA TYR B 171 -31.63 15.21 -14.49
C TYR B 171 -31.86 14.70 -15.90
N GLN B 172 -33.08 14.89 -16.44
CA GLN B 172 -33.37 14.58 -17.88
C GLN B 172 -32.48 15.40 -18.87
N ILE B 173 -32.16 14.83 -20.04
CA ILE B 173 -31.30 15.52 -21.03
C ILE B 173 -31.94 16.79 -21.54
N TYR B 174 -33.27 16.82 -21.50
CA TYR B 174 -33.98 18.03 -21.86
C TYR B 174 -33.36 19.30 -21.21
N ALA B 175 -32.87 19.18 -19.97
CA ALA B 175 -32.21 20.29 -19.24
C ALA B 175 -31.00 20.81 -20.02
N LEU B 176 -30.27 19.91 -20.65
CA LEU B 176 -29.06 20.29 -21.39
C LEU B 176 -29.44 21.02 -22.69
N GLU B 177 -30.41 20.47 -23.43
CA GLU B 177 -31.01 21.19 -24.60
C GLU B 177 -31.38 22.64 -24.25
N LYS B 178 -32.12 22.81 -23.16
CA LYS B 178 -32.47 24.11 -22.71
C LYS B 178 -31.25 24.97 -22.32
N LEU B 179 -30.28 24.35 -21.62
CA LEU B 179 -29.08 25.04 -21.23
C LEU B 179 -28.38 25.59 -22.47
N ARG B 180 -28.19 24.71 -23.45
CA ARG B 180 -27.58 25.03 -24.72
C ARG B 180 -28.33 26.20 -25.38
N ASP B 181 -29.68 26.18 -25.43
CA ASP B 181 -30.40 27.30 -26.01
C ASP B 181 -30.07 28.58 -25.27
N ILE B 182 -30.11 28.48 -23.95
CA ILE B 182 -29.98 29.67 -23.10
C ILE B 182 -28.62 30.30 -23.28
N SER B 183 -27.57 29.50 -23.42
CA SER B 183 -26.22 30.00 -23.53
C SER B 183 -25.98 30.84 -24.77
N LYS B 184 -26.86 30.66 -25.77
CA LYS B 184 -26.72 31.42 -27.01
C LYS B 184 -27.34 32.81 -26.88
N GLU B 185 -28.26 32.99 -25.95
CA GLU B 185 -28.87 34.29 -25.76
C GLU B 185 -28.27 35.04 -24.56
N LEU B 186 -27.38 34.42 -23.82
CA LEU B 186 -26.91 35.05 -22.59
C LEU B 186 -25.71 35.96 -22.94
N SER B 187 -25.51 37.08 -22.27
CA SER B 187 -24.31 37.84 -22.64
C SER B 187 -23.06 37.56 -21.78
N VAL B 188 -23.17 36.59 -20.88
CA VAL B 188 -22.04 36.13 -20.08
C VAL B 188 -21.87 34.60 -20.15
N PRO B 189 -20.68 34.07 -19.86
CA PRO B 189 -20.46 32.61 -19.94
C PRO B 189 -21.19 31.79 -18.83
N ILE B 190 -21.43 30.53 -19.14
CA ILE B 190 -21.90 29.53 -18.19
C ILE B 190 -20.74 28.61 -17.74
N ILE B 191 -20.58 28.48 -16.43
CA ILE B 191 -19.75 27.43 -15.81
C ILE B 191 -20.71 26.35 -15.23
N VAL B 192 -20.43 25.08 -15.51
CA VAL B 192 -21.14 23.96 -14.81
C VAL B 192 -20.24 23.39 -13.70
N LYS B 193 -20.75 23.41 -12.47
CA LYS B 193 -20.03 22.96 -11.31
C LYS B 193 -20.76 21.78 -10.60
N GLU B 194 -19.98 20.87 -10.03
CA GLU B 194 -20.53 19.85 -9.16
C GLU B 194 -20.59 20.48 -7.78
N SER B 195 -20.88 19.70 -6.75
CA SER B 195 -20.98 20.26 -5.41
C SER B 195 -20.61 19.21 -4.40
N GLY B 196 -19.41 18.64 -4.56
CA GLY B 196 -18.84 17.75 -3.56
C GLY B 196 -18.54 16.35 -4.02
N ASN B 197 -18.92 16.01 -5.24
CA ASN B 197 -18.89 14.61 -5.68
C ASN B 197 -18.19 14.44 -7.00
N GLY B 198 -17.84 15.57 -7.65
CA GLY B 198 -16.89 15.52 -8.75
C GLY B 198 -17.44 15.31 -10.14
N ILE B 199 -16.66 15.79 -11.10
CA ILE B 199 -17.00 15.63 -12.52
C ILE B 199 -16.08 14.60 -13.16
N SER B 200 -16.71 13.58 -13.76
CA SER B 200 -16.06 12.51 -14.54
C SER B 200 -15.86 12.89 -16.01
N MET B 201 -15.07 12.10 -16.73
CA MET B 201 -14.98 12.23 -18.22
C MET B 201 -16.31 12.14 -18.95
N GLU B 202 -17.12 11.15 -18.61
CA GLU B 202 -18.43 10.99 -19.27
C GLU B 202 -19.29 12.21 -19.10
N THR B 203 -19.33 12.80 -17.92
CA THR B 203 -20.16 13.96 -17.64
C THR B 203 -19.53 15.17 -18.31
N ALA B 204 -18.20 15.29 -18.25
CA ALA B 204 -17.58 16.45 -18.93
C ALA B 204 -17.78 16.37 -20.46
N LYS B 205 -17.58 15.21 -21.08
CA LYS B 205 -17.85 15.11 -22.53
C LYS B 205 -19.30 15.36 -22.89
N LEU B 206 -20.25 14.85 -22.10
CA LEU B 206 -21.65 15.08 -22.41
C LEU B 206 -21.94 16.59 -22.39
N LEU B 207 -21.48 17.26 -21.33
CA LEU B 207 -21.68 18.68 -21.19
C LEU B 207 -21.02 19.44 -22.35
N TYR B 208 -19.83 19.01 -22.71
CA TYR B 208 -19.13 19.62 -23.82
C TYR B 208 -19.91 19.54 -25.16
N SER B 209 -20.49 18.38 -25.42
CA SER B 209 -21.22 18.17 -26.65
C SER B 209 -22.43 19.12 -26.69
N TYR B 210 -22.86 19.67 -25.55
CA TYR B 210 -23.94 20.65 -25.57
C TYR B 210 -23.42 22.11 -25.54
N GLY B 211 -22.14 22.32 -25.81
CA GLY B 211 -21.58 23.69 -25.78
C GLY B 211 -20.93 24.18 -24.50
N ILE B 212 -20.97 23.41 -23.41
CA ILE B 212 -20.30 23.82 -22.16
C ILE B 212 -18.75 23.61 -22.22
N LYS B 213 -17.99 24.69 -21.97
CA LYS B 213 -16.50 24.72 -22.05
C LYS B 213 -15.81 25.04 -20.69
N ASN B 214 -16.59 25.52 -19.72
CA ASN B 214 -16.11 25.95 -18.42
C ASN B 214 -16.65 25.00 -17.33
N PHE B 215 -15.70 24.38 -16.60
CA PHE B 215 -16.03 23.41 -15.54
C PHE B 215 -15.47 23.82 -14.19
N ASP B 216 -16.16 23.43 -13.13
CA ASP B 216 -15.62 23.50 -11.75
C ASP B 216 -15.81 22.11 -11.11
N THR B 217 -14.68 21.43 -10.83
CA THR B 217 -14.66 20.02 -10.44
C THR B 217 -15.48 19.72 -9.19
N SER B 218 -15.38 20.55 -8.16
CA SER B 218 -15.99 20.31 -6.85
C SER B 218 -16.00 18.80 -6.51
N GLY B 219 -14.81 18.23 -6.32
CA GLY B 219 -14.68 16.79 -6.11
C GLY B 219 -14.87 16.42 -4.66
N GLN B 220 -14.88 15.11 -4.40
CA GLN B 220 -14.98 14.64 -3.04
C GLN B 220 -13.69 14.93 -2.33
N GLY B 221 -13.78 14.99 -0.99
CA GLY B 221 -12.60 15.16 -0.16
C GLY B 221 -12.65 16.48 0.59
N GLY B 222 -13.47 17.44 0.12
CA GLY B 222 -13.74 18.60 0.91
C GLY B 222 -15.10 18.47 1.58
N THR B 223 -15.92 19.53 1.50
CA THR B 223 -17.24 19.53 2.12
C THR B 223 -18.00 18.28 1.66
N ASN B 224 -18.53 17.50 2.59
CA ASN B 224 -19.24 16.26 2.21
C ASN B 224 -20.73 16.50 2.30
N TRP B 225 -21.37 16.72 1.19
CA TRP B 225 -22.81 17.07 1.18
C TRP B 225 -23.68 15.86 1.46
N ILE B 226 -23.14 14.67 1.22
CA ILE B 226 -23.87 13.42 1.62
C ILE B 226 -23.87 13.38 3.15
N ALA B 227 -22.76 13.75 3.78
CA ALA B 227 -22.67 13.78 5.24
C ALA B 227 -23.58 14.85 5.77
N ILE B 228 -23.59 16.02 5.11
CA ILE B 228 -24.52 17.05 5.55
C ILE B 228 -25.98 16.55 5.54
N GLU B 229 -26.39 15.90 4.48
CA GLU B 229 -27.76 15.40 4.43
C GLU B 229 -27.98 14.25 5.41
N MET B 230 -26.96 13.41 5.62
CA MET B 230 -27.04 12.40 6.62
C MET B 230 -27.41 13.03 7.95
N ILE B 231 -26.66 14.07 8.36
CA ILE B 231 -26.88 14.76 9.63
C ILE B 231 -28.25 15.39 9.69
N ARG B 232 -28.75 15.95 8.57
CA ARG B 232 -30.14 16.48 8.58
C ARG B 232 -31.13 15.32 8.76
N ASP B 233 -30.83 14.15 8.16
CA ASP B 233 -31.67 12.95 8.31
C ASP B 233 -31.64 12.44 9.77
N ILE B 234 -30.47 12.44 10.41
CA ILE B 234 -30.34 11.95 11.77
C ILE B 234 -31.18 12.83 12.70
N ARG B 235 -30.96 14.12 12.64
CA ARG B 235 -31.74 15.14 13.31
C ARG B 235 -33.27 14.95 13.21
N ARG B 236 -33.82 14.56 12.06
CA ARG B 236 -35.25 14.36 12.00
C ARG B 236 -35.73 12.88 12.17
N GLY B 237 -34.81 12.01 12.61
CA GLY B 237 -35.06 10.60 12.64
C GLY B 237 -35.59 10.08 11.31
N ASN B 238 -35.08 10.60 10.20
CA ASN B 238 -35.38 10.07 8.88
C ASN B 238 -34.60 8.75 8.61
N TRP B 239 -35.31 7.78 8.00
CA TRP B 239 -34.80 6.41 7.68
C TRP B 239 -33.49 6.45 6.79
N LYS B 240 -33.49 7.31 5.78
CA LYS B 240 -32.32 7.51 4.90
C LYS B 240 -30.91 7.69 5.55
N ALA B 241 -30.83 8.09 6.81
CA ALA B 241 -29.55 8.36 7.46
C ALA B 241 -28.54 7.25 7.27
N GLU B 242 -28.97 6.01 7.46
CA GLU B 242 -28.05 4.89 7.44
C GLU B 242 -27.59 4.63 6.01
N SER B 243 -28.47 4.85 5.04
CA SER B 243 -28.10 4.71 3.65
C SER B 243 -27.08 5.81 3.28
N ALA B 244 -27.27 7.00 3.81
CA ALA B 244 -26.32 8.09 3.48
C ALA B 244 -24.93 7.70 3.95
N LYS B 245 -24.85 7.14 5.16
CA LYS B 245 -23.60 6.71 5.74
C LYS B 245 -22.83 5.71 4.85
N ASN B 246 -23.54 4.77 4.21
CA ASN B 246 -22.92 3.90 3.21
C ASN B 246 -22.30 4.58 1.98
N PHE B 247 -22.78 5.79 1.66
CA PHE B 247 -22.31 6.57 0.49
C PHE B 247 -21.32 7.68 0.83
N LEU B 248 -20.86 7.75 2.10
CA LEU B 248 -19.96 8.87 2.49
C LEU B 248 -18.73 9.05 1.58
N ASP B 249 -18.25 7.97 0.96
CA ASP B 249 -17.06 8.05 0.13
C ASP B 249 -17.41 7.92 -1.34
N TRP B 250 -18.68 8.15 -1.65
CA TRP B 250 -19.12 8.26 -3.05
C TRP B 250 -18.57 9.55 -3.75
N GLY B 251 -18.11 9.39 -5.00
CA GLY B 251 -17.70 10.53 -5.82
C GLY B 251 -16.36 10.44 -6.49
N VAL B 252 -16.04 11.40 -7.34
CA VAL B 252 -14.76 11.40 -7.95
C VAL B 252 -13.90 12.29 -7.07
N PRO B 253 -12.73 11.75 -6.54
CA PRO B 253 -11.78 12.61 -5.80
C PRO B 253 -11.41 13.86 -6.60
N THR B 254 -11.29 15.01 -5.95
CA THR B 254 -10.86 16.27 -6.67
C THR B 254 -9.70 16.13 -7.64
N ALA B 255 -8.64 15.45 -7.23
CA ALA B 255 -7.46 15.37 -8.08
C ALA B 255 -7.74 14.51 -9.29
N ALA B 256 -8.41 13.35 -9.09
CA ALA B 256 -8.91 12.54 -10.23
C ALA B 256 -9.87 13.35 -11.13
N SER B 257 -10.79 14.11 -10.54
CA SER B 257 -11.68 14.93 -11.37
C SER B 257 -10.95 15.98 -12.21
N ILE B 258 -9.94 16.66 -11.62
CA ILE B 258 -9.09 17.58 -12.40
C ILE B 258 -8.45 16.87 -13.57
N MET B 259 -7.83 15.70 -13.31
CA MET B 259 -7.22 14.97 -14.41
C MET B 259 -8.28 14.58 -15.44
N GLU B 260 -9.43 14.08 -15.01
CA GLU B 260 -10.47 13.65 -15.99
C GLU B 260 -11.04 14.80 -16.83
N VAL B 261 -11.25 15.96 -16.24
CA VAL B 261 -11.79 17.03 -17.09
C VAL B 261 -10.71 17.58 -18.03
N ARG B 262 -9.47 17.68 -17.57
CA ARG B 262 -8.43 18.28 -18.41
C ARG B 262 -8.14 17.34 -19.58
N TYR B 263 -8.18 16.05 -19.30
CA TYR B 263 -7.87 15.02 -20.32
C TYR B 263 -8.98 14.87 -21.34
N SER B 264 -10.20 14.78 -20.89
CA SER B 264 -11.31 14.57 -21.82
C SER B 264 -11.73 15.85 -22.51
N VAL B 265 -11.49 17.03 -21.92
CA VAL B 265 -11.75 18.29 -22.64
C VAL B 265 -10.55 19.26 -22.51
N PRO B 266 -9.53 19.03 -23.34
CA PRO B 266 -8.22 19.71 -23.19
C PRO B 266 -8.26 21.24 -23.27
N ASP B 267 -9.26 21.83 -23.89
CA ASP B 267 -9.31 23.29 -24.01
C ASP B 267 -10.29 23.91 -23.02
N SER B 268 -10.81 23.09 -22.10
CA SER B 268 -11.70 23.62 -21.06
C SER B 268 -11.03 24.71 -20.24
N PHE B 269 -11.84 25.65 -19.80
CA PHE B 269 -11.42 26.51 -18.70
C PHE B 269 -11.91 25.79 -17.41
N LEU B 270 -10.97 25.43 -16.52
CA LEU B 270 -11.18 24.53 -15.38
C LEU B 270 -10.88 25.12 -13.99
N VAL B 271 -11.87 25.11 -13.09
CA VAL B 271 -11.66 25.42 -11.66
C VAL B 271 -11.46 24.08 -10.97
N GLY B 272 -10.36 23.92 -10.22
CA GLY B 272 -10.18 22.73 -9.42
C GLY B 272 -10.60 23.06 -7.99
N SER B 273 -11.64 22.39 -7.48
CA SER B 273 -12.15 22.68 -6.17
C SER B 273 -12.71 21.42 -5.58
N GLY B 274 -12.99 21.51 -4.28
CA GLY B 274 -13.47 20.35 -3.45
C GLY B 274 -12.29 19.97 -2.55
N GLY B 275 -12.26 20.47 -1.32
CA GLY B 275 -11.17 20.17 -0.39
C GLY B 275 -9.90 21.02 -0.57
N ILE B 276 -9.97 22.17 -1.26
CA ILE B 276 -8.73 23.01 -1.31
C ILE B 276 -8.59 23.75 0.01
N ARG B 277 -7.57 23.44 0.82
CA ARG B 277 -7.53 24.02 2.19
C ARG B 277 -6.27 24.85 2.45
N SER B 278 -5.34 24.91 1.51
CA SER B 278 -4.11 25.66 1.70
C SER B 278 -3.68 26.14 0.35
N GLY B 279 -2.71 27.07 0.29
CA GLY B 279 -2.18 27.54 -0.99
C GLY B 279 -1.36 26.44 -1.64
N LEU B 280 -0.97 25.43 -0.85
CA LEU B 280 -0.28 24.27 -1.41
C LEU B 280 -1.26 23.34 -2.16
N ASP B 281 -2.37 23.02 -1.53
CA ASP B 281 -3.49 22.39 -2.27
C ASP B 281 -3.81 23.15 -3.55
N ALA B 282 -3.87 24.51 -3.48
CA ALA B 282 -4.21 25.28 -4.66
C ALA B 282 -3.13 25.10 -5.75
N ALA B 283 -1.86 25.21 -5.35
CA ALA B 283 -0.71 24.98 -6.26
C ALA B 283 -0.81 23.59 -6.92
N LYS B 284 -1.08 22.55 -6.12
CA LYS B 284 -1.26 21.20 -6.71
C LYS B 284 -2.38 21.17 -7.74
N ALA B 285 -3.55 21.73 -7.39
CA ALA B 285 -4.70 21.71 -8.32
C ALA B 285 -4.32 22.36 -9.65
N ILE B 286 -3.56 23.48 -9.58
CA ILE B 286 -3.19 24.18 -10.79
C ILE B 286 -2.14 23.40 -11.60
N ALA B 287 -1.05 22.96 -10.93
CA ALA B 287 -0.08 22.08 -11.63
C ALA B 287 -0.74 20.84 -12.23
N LEU B 288 -1.70 20.22 -11.53
CA LEU B 288 -2.41 19.06 -12.17
C LEU B 288 -3.17 19.40 -13.47
N GLY B 289 -3.62 20.62 -13.64
CA GLY B 289 -4.35 20.91 -14.85
C GLY B 289 -5.47 21.90 -14.67
N ALA B 290 -5.77 22.32 -13.44
CA ALA B 290 -6.75 23.37 -13.28
C ALA B 290 -6.14 24.71 -13.72
N ASP B 291 -7.01 25.66 -14.12
CA ASP B 291 -6.61 27.05 -14.39
C ASP B 291 -6.70 27.91 -13.14
N ILE B 292 -7.62 27.56 -12.25
CA ILE B 292 -7.71 28.28 -11.02
C ILE B 292 -8.19 27.29 -9.92
N ALA B 293 -7.85 27.59 -8.67
CA ALA B 293 -8.34 26.81 -7.55
C ALA B 293 -9.55 27.42 -6.89
N GLY B 294 -10.59 26.60 -6.61
CA GLY B 294 -11.77 27.10 -5.90
C GLY B 294 -11.84 26.66 -4.44
N MET B 295 -12.45 27.47 -3.59
CA MET B 295 -12.64 27.19 -2.15
C MET B 295 -14.00 27.68 -1.70
N ALA B 296 -14.63 26.94 -0.80
CA ALA B 296 -15.90 27.38 -0.24
C ALA B 296 -15.86 27.36 1.28
N LEU B 297 -15.95 26.16 1.86
CA LEU B 297 -16.07 25.99 3.32
C LEU B 297 -15.06 26.81 4.22
N PRO B 298 -13.72 26.74 3.96
CA PRO B 298 -12.83 27.48 4.85
C PRO B 298 -13.08 28.99 4.74
N VAL B 299 -13.53 29.45 3.61
CA VAL B 299 -13.89 30.89 3.50
C VAL B 299 -15.09 31.23 4.37
N LEU B 300 -16.10 30.37 4.35
CA LEU B 300 -17.26 30.46 5.19
C LEU B 300 -16.93 30.57 6.67
N LYS B 301 -16.07 29.67 7.16
CA LYS B 301 -15.78 29.55 8.55
C LYS B 301 -14.99 30.78 9.01
N SER B 302 -14.03 31.26 8.19
CA SER B 302 -13.34 32.55 8.51
C SER B 302 -14.31 33.71 8.44
N ALA B 303 -15.17 33.79 7.42
CA ALA B 303 -16.11 34.91 7.32
C ALA B 303 -17.00 35.02 8.56
N ILE B 304 -17.46 33.87 9.08
CA ILE B 304 -18.30 33.86 10.26
C ILE B 304 -17.52 34.43 11.46
N GLU B 305 -16.22 34.14 11.54
CA GLU B 305 -15.38 34.77 12.53
C GLU B 305 -15.24 36.28 12.28
N GLY B 306 -15.30 36.78 11.05
CA GLY B 306 -15.23 38.25 10.83
C GLY B 306 -14.32 38.66 9.68
N LYS B 307 -14.45 39.93 9.28
CA LYS B 307 -13.67 40.51 8.22
C LYS B 307 -12.14 40.24 8.39
N GLU B 308 -11.60 40.46 9.57
CA GLU B 308 -10.18 40.43 9.71
C GLU B 308 -9.68 39.00 9.73
N SER B 309 -10.44 38.10 10.33
CA SER B 309 -10.15 36.70 10.19
C SER B 309 -10.06 36.27 8.70
N LEU B 310 -10.96 36.75 7.87
CA LEU B 310 -10.97 36.32 6.47
C LEU B 310 -9.79 36.91 5.69
N GLU B 311 -9.43 38.16 6.02
CA GLU B 311 -8.23 38.83 5.48
C GLU B 311 -6.95 38.03 5.84
N GLN B 312 -6.85 37.57 7.06
CA GLN B 312 -5.74 36.76 7.44
C GLN B 312 -5.74 35.43 6.66
N PHE B 313 -6.93 34.85 6.47
CA PHE B 313 -7.01 33.61 5.79
C PHE B 313 -6.46 33.72 4.38
N PHE B 314 -6.91 34.73 3.63
CA PHE B 314 -6.39 34.90 2.27
C PHE B 314 -4.90 35.24 2.21
N ARG B 315 -4.39 36.03 3.15
CA ARG B 315 -2.94 36.26 3.24
C ARG B 315 -2.16 34.94 3.34
N LYS B 316 -2.67 34.01 4.12
CA LYS B 316 -2.08 32.72 4.35
C LYS B 316 -2.11 31.86 3.05
N ILE B 317 -3.27 31.78 2.40
CA ILE B 317 -3.45 31.04 1.12
C ILE B 317 -2.51 31.57 0.07
N ILE B 318 -2.43 32.87 -0.06
CA ILE B 318 -1.58 33.53 -1.04
C ILE B 318 -0.08 33.25 -0.77
N PHE B 319 0.31 33.36 0.50
CA PHE B 319 1.70 33.09 0.87
C PHE B 319 2.10 31.62 0.51
N GLU B 320 1.28 30.67 0.98
CA GLU B 320 1.46 29.25 0.67
C GLU B 320 1.56 28.96 -0.84
N LEU B 321 0.66 29.56 -1.61
CA LEU B 321 0.74 29.46 -3.07
C LEU B 321 2.10 30.03 -3.62
N LYS B 322 2.51 31.19 -3.15
CA LYS B 322 3.77 31.77 -3.68
C LYS B 322 4.97 30.94 -3.21
N ALA B 323 4.89 30.40 -2.01
CA ALA B 323 5.91 29.51 -1.53
C ALA B 323 6.06 28.29 -2.50
N ALA B 324 4.95 27.72 -2.95
CA ALA B 324 5.01 26.54 -3.82
C ALA B 324 5.55 26.97 -5.20
N MET B 325 5.14 28.15 -5.64
CA MET B 325 5.61 28.67 -6.89
C MET B 325 7.13 28.94 -6.77
N MET B 326 7.56 29.55 -5.67
CA MET B 326 8.96 29.86 -5.44
C MET B 326 9.76 28.54 -5.48
N LEU B 327 9.27 27.53 -4.74
CA LEU B 327 10.03 26.27 -4.56
C LEU B 327 9.93 25.31 -5.73
N THR B 328 9.17 25.70 -6.75
CA THR B 328 9.22 24.96 -8.00
C THR B 328 9.84 25.80 -9.14
N GLY B 329 10.38 26.98 -8.84
CA GLY B 329 10.93 27.75 -9.98
C GLY B 329 9.82 28.34 -10.85
N SER B 330 8.63 28.60 -10.32
CA SER B 330 7.51 29.07 -11.17
C SER B 330 7.36 30.57 -11.00
N LYS B 331 7.74 31.34 -11.99
CA LYS B 331 7.66 32.82 -11.86
C LYS B 331 6.24 33.32 -12.05
N ASP B 332 5.40 32.53 -12.67
CA ASP B 332 4.02 32.95 -12.87
C ASP B 332 3.08 31.74 -12.95
N VAL B 333 1.78 32.02 -13.09
CA VAL B 333 0.78 30.98 -13.06
C VAL B 333 0.97 30.00 -14.20
N ASP B 334 1.24 30.53 -15.38
CA ASP B 334 1.58 29.71 -16.49
C ASP B 334 2.73 28.73 -16.24
N ALA B 335 3.84 29.20 -15.65
CA ALA B 335 4.96 28.28 -15.40
C ALA B 335 4.52 27.22 -14.40
N LEU B 336 3.68 27.59 -13.41
CA LEU B 336 3.14 26.65 -12.43
C LEU B 336 2.33 25.50 -13.13
N LYS B 337 1.52 25.84 -14.13
CA LYS B 337 0.74 24.86 -14.91
C LYS B 337 1.64 23.84 -15.58
N LYS B 338 2.92 24.22 -15.77
CA LYS B 338 3.88 23.41 -16.50
C LYS B 338 4.97 22.80 -15.61
N THR B 339 4.91 23.03 -14.31
CA THR B 339 5.99 22.56 -13.47
C THR B 339 5.94 21.03 -13.35
N SER B 340 7.08 20.45 -12.99
CA SER B 340 7.28 19.02 -12.76
C SER B 340 6.50 18.45 -11.54
N ILE B 341 5.85 17.33 -11.74
CA ILE B 341 5.12 16.69 -10.63
C ILE B 341 5.39 15.20 -10.58
N VAL B 342 5.04 14.58 -9.46
CA VAL B 342 4.95 13.14 -9.40
C VAL B 342 3.49 12.76 -9.01
N ILE B 343 2.95 11.70 -9.63
CA ILE B 343 1.66 11.10 -9.25
C ILE B 343 1.92 9.65 -8.88
N LEU B 344 1.46 9.27 -7.67
CA LEU B 344 1.68 7.96 -7.06
C LEU B 344 0.33 7.33 -6.63
N GLY B 345 0.43 6.12 -6.05
CA GLY B 345 -0.64 5.55 -5.17
C GLY B 345 -1.99 5.47 -5.87
N LYS B 346 -3.05 5.84 -5.18
CA LYS B 346 -4.39 5.54 -5.76
C LYS B 346 -4.77 6.39 -6.95
N LEU B 347 -4.31 7.64 -6.95
CA LEU B 347 -4.53 8.52 -8.09
C LEU B 347 -3.94 7.91 -9.35
N LYS B 348 -2.74 7.40 -9.26
CA LYS B 348 -2.12 6.77 -10.40
C LYS B 348 -2.94 5.53 -10.87
N GLU B 349 -3.39 4.70 -9.92
CA GLU B 349 -4.20 3.50 -10.31
C GLU B 349 -5.53 3.93 -10.91
N TRP B 350 -6.13 4.99 -10.35
CA TRP B 350 -7.35 5.56 -10.93
C TRP B 350 -7.17 5.93 -12.39
N ALA B 351 -6.19 6.82 -12.70
CA ALA B 351 -5.87 7.21 -14.06
C ALA B 351 -5.60 6.04 -15.01
N GLU B 352 -4.75 5.10 -14.60
CA GLU B 352 -4.45 3.96 -15.44
C GLU B 352 -5.72 3.16 -15.75
N TYR B 353 -6.57 2.86 -14.74
CA TYR B 353 -7.77 2.07 -15.06
C TYR B 353 -8.65 2.89 -16.03
N ARG B 354 -8.61 4.24 -15.88
CA ARG B 354 -9.57 5.06 -16.65
C ARG B 354 -9.05 5.37 -18.05
N GLY B 355 -7.92 4.73 -18.41
CA GLY B 355 -7.34 4.92 -19.75
C GLY B 355 -6.62 6.28 -19.87
N ILE B 356 -6.29 6.90 -18.73
CA ILE B 356 -5.57 8.19 -18.82
C ILE B 356 -4.10 7.87 -19.02
N ASN B 357 -3.70 7.88 -20.28
CA ASN B 357 -2.31 7.65 -20.65
C ASN B 357 -1.45 8.83 -20.06
N LEU B 358 -0.52 8.49 -19.18
CA LEU B 358 0.18 9.52 -18.41
C LEU B 358 1.06 10.45 -19.27
N SER B 359 1.60 9.91 -20.37
CA SER B 359 2.42 10.71 -21.26
C SER B 359 1.55 11.67 -22.04
N ILE B 360 0.44 11.21 -22.62
CA ILE B 360 -0.39 12.24 -23.23
C ILE B 360 -0.96 13.22 -22.18
N TYR B 361 -1.21 12.72 -20.95
CA TYR B 361 -1.59 13.63 -19.84
C TYR B 361 -0.57 14.78 -19.60
N GLU B 362 0.69 14.40 -19.47
CA GLU B 362 1.76 15.40 -19.29
C GLU B 362 1.71 16.52 -20.37
N LYS B 363 1.61 16.11 -21.63
CA LYS B 363 1.49 17.00 -22.74
C LYS B 363 0.30 17.92 -22.63
N VAL B 364 -0.89 17.34 -22.44
CA VAL B 364 -2.16 18.11 -22.34
C VAL B 364 -2.21 19.12 -21.16
N ARG B 365 -1.73 18.73 -19.96
CA ARG B 365 -1.75 19.65 -18.80
C ARG B 365 -0.78 20.83 -19.00
N LYS B 366 0.20 20.64 -19.90
CA LYS B 366 1.22 21.65 -20.15
C LYS B 366 0.95 22.59 -21.34
N ARG B 367 -0.07 22.38 -22.16
CA ARG B 367 -0.30 23.36 -23.24
C ARG B 367 -1.67 24.04 -23.02
N ASN C 6 -28.31 -29.97 18.10
CA ASN C 6 -28.60 -30.01 16.61
C ASN C 6 -27.86 -28.94 15.79
N ARG C 7 -27.10 -29.45 14.83
CA ARG C 7 -26.22 -28.68 13.99
C ARG C 7 -26.93 -27.49 13.29
N LYS C 8 -28.12 -27.70 12.72
CA LYS C 8 -28.87 -26.60 12.07
C LYS C 8 -29.17 -25.46 13.03
N VAL C 9 -29.68 -25.79 14.21
CA VAL C 9 -29.91 -24.79 15.23
C VAL C 9 -28.61 -24.07 15.59
N GLU C 10 -27.51 -24.82 15.81
CA GLU C 10 -26.30 -24.22 16.31
C GLU C 10 -25.74 -23.25 15.27
N HIS C 11 -25.79 -23.68 14.01
CA HIS C 11 -25.35 -22.90 12.87
C HIS C 11 -25.99 -21.54 12.79
N VAL C 12 -27.33 -21.54 12.86
CA VAL C 12 -28.13 -20.33 12.87
C VAL C 12 -27.74 -19.51 14.06
N GLU C 13 -27.57 -20.13 15.23
CA GLU C 13 -27.24 -19.35 16.45
C GLU C 13 -25.86 -18.68 16.40
N ILE C 14 -24.84 -19.39 15.92
CA ILE C 14 -23.50 -18.85 15.77
C ILE C 14 -23.51 -17.72 14.70
N ALA C 15 -24.14 -17.98 13.55
CA ALA C 15 -24.13 -16.96 12.51
C ALA C 15 -24.84 -15.72 13.00
N ALA C 16 -25.99 -15.89 13.67
CA ALA C 16 -26.76 -14.74 14.11
C ALA C 16 -26.18 -13.95 15.29
N PHE C 17 -25.52 -14.64 16.21
CA PHE C 17 -25.19 -14.02 17.48
C PHE C 17 -23.72 -14.00 17.78
N GLU C 18 -22.90 -14.64 16.98
CA GLU C 18 -21.48 -14.52 17.24
C GLU C 18 -20.81 -13.60 16.20
N ASN C 19 -19.51 -13.37 16.39
CA ASN C 19 -18.74 -12.47 15.52
C ASN C 19 -18.08 -13.23 14.37
N VAL C 20 -18.81 -13.47 13.26
CA VAL C 20 -18.29 -14.33 12.19
C VAL C 20 -18.50 -13.72 10.82
N ASP C 21 -19.03 -12.49 10.79
CA ASP C 21 -19.34 -11.77 9.54
C ASP C 21 -18.10 -10.96 9.14
N GLY C 22 -17.41 -11.40 8.08
CA GLY C 22 -16.22 -10.75 7.62
C GLY C 22 -15.02 -10.92 8.58
N LEU C 23 -15.03 -11.97 9.41
CA LEU C 23 -13.97 -12.22 10.39
C LEU C 23 -12.67 -12.49 9.71
N SER C 24 -11.71 -11.56 9.78
CA SER C 24 -10.38 -11.74 9.14
C SER C 24 -10.47 -12.01 7.66
N SER C 25 -11.51 -11.52 7.01
CA SER C 25 -11.61 -11.81 5.61
C SER C 25 -12.06 -10.55 4.90
N SER C 26 -12.10 -10.62 3.57
CA SER C 26 -12.45 -9.45 2.79
C SER C 26 -13.12 -9.85 1.51
N THR C 27 -14.08 -9.03 1.06
CA THR C 27 -14.75 -9.23 -0.22
C THR C 27 -13.94 -8.68 -1.40
N PHE C 28 -12.98 -7.77 -1.13
CA PHE C 28 -12.29 -6.95 -2.12
C PHE C 28 -13.18 -5.91 -2.79
N LEU C 29 -14.43 -5.75 -2.33
CA LEU C 29 -15.36 -4.68 -2.89
C LEU C 29 -14.96 -3.24 -2.63
N ASN C 30 -14.16 -3.02 -1.60
CA ASN C 30 -13.53 -1.71 -1.37
C ASN C 30 -12.64 -1.35 -2.54
N ASP C 31 -12.24 -2.33 -3.35
CA ASP C 31 -11.34 -2.08 -4.47
C ASP C 31 -12.14 -1.77 -5.76
N VAL C 32 -13.45 -1.84 -5.69
CA VAL C 32 -14.31 -1.51 -6.82
C VAL C 32 -14.96 -0.14 -6.57
N ILE C 33 -14.79 0.81 -7.49
CA ILE C 33 -15.45 2.09 -7.38
C ILE C 33 -16.36 2.34 -8.59
N LEU C 34 -17.60 2.72 -8.34
CA LEU C 34 -18.55 3.16 -9.37
C LEU C 34 -18.31 4.66 -9.66
N VAL C 35 -18.10 5.01 -10.93
CA VAL C 35 -17.77 6.36 -11.31
C VAL C 35 -19.05 7.20 -11.21
N HIS C 36 -18.98 8.25 -10.39
CA HIS C 36 -20.09 9.15 -10.16
C HIS C 36 -20.35 10.01 -11.41
N GLN C 37 -21.63 10.25 -11.69
CA GLN C 37 -22.06 11.01 -12.85
C GLN C 37 -22.88 12.16 -12.40
N GLY C 38 -22.23 13.32 -12.37
CA GLY C 38 -22.87 14.49 -11.84
C GLY C 38 -24.06 14.97 -12.70
N PHE C 39 -24.10 14.60 -13.98
CA PHE C 39 -25.33 14.75 -14.75
C PHE C 39 -25.85 13.32 -15.14
N PRO C 40 -26.71 12.73 -14.31
CA PRO C 40 -27.17 11.33 -14.53
C PRO C 40 -27.93 11.12 -15.82
N GLY C 41 -28.75 12.08 -16.26
CA GLY C 41 -29.41 11.93 -17.55
C GLY C 41 -30.73 11.20 -17.44
N ILE C 42 -31.21 11.04 -16.21
CA ILE C 42 -32.42 10.34 -15.88
C ILE C 42 -32.99 10.98 -14.62
N SER C 43 -34.14 10.51 -14.18
CA SER C 43 -34.69 11.05 -12.96
C SER C 43 -34.89 9.84 -12.09
N PHE C 44 -34.88 10.05 -10.79
CA PHE C 44 -35.00 8.96 -9.81
C PHE C 44 -36.24 8.03 -10.06
N SER C 45 -37.36 8.60 -10.46
CA SER C 45 -38.63 7.86 -10.52
C SER C 45 -38.73 7.02 -11.77
N GLU C 46 -37.87 7.27 -12.75
CA GLU C 46 -37.91 6.37 -13.87
C GLU C 46 -36.92 5.17 -13.71
N ILE C 47 -36.18 5.07 -12.60
CA ILE C 47 -35.23 3.96 -12.44
C ILE C 47 -36.06 2.65 -12.37
N ASN C 48 -35.75 1.72 -13.27
CA ASN C 48 -36.43 0.44 -13.29
C ASN C 48 -35.51 -0.71 -12.76
N THR C 49 -35.91 -1.35 -11.66
CA THR C 49 -35.11 -2.43 -11.09
C THR C 49 -35.45 -3.85 -11.50
N LYS C 50 -36.42 -4.04 -12.40
CA LYS C 50 -36.87 -5.40 -12.79
C LYS C 50 -35.85 -6.16 -13.56
N THR C 51 -35.80 -7.48 -13.36
CA THR C 51 -34.93 -8.34 -14.12
C THR C 51 -35.46 -9.77 -14.27
N LYS C 52 -34.85 -10.55 -15.15
CA LYS C 52 -35.24 -11.93 -15.33
C LYS C 52 -34.59 -12.81 -14.28
N PHE C 53 -35.35 -13.81 -13.84
CA PHE C 53 -34.80 -14.91 -13.07
C PHE C 53 -35.36 -16.22 -13.65
N PHE C 54 -34.55 -16.85 -14.50
CA PHE C 54 -34.99 -17.94 -15.38
C PHE C 54 -36.32 -17.52 -16.04
N ARG C 55 -37.42 -18.24 -15.81
CA ARG C 55 -38.65 -18.00 -16.56
C ARG C 55 -39.54 -16.96 -15.92
N LYS C 56 -39.19 -16.48 -14.72
CA LYS C 56 -39.96 -15.45 -14.07
C LYS C 56 -39.28 -14.10 -14.12
N GLU C 57 -40.09 -13.09 -13.87
CA GLU C 57 -39.61 -11.73 -13.72
C GLU C 57 -39.55 -11.43 -12.22
N ILE C 58 -38.52 -10.71 -11.78
CA ILE C 58 -38.38 -10.28 -10.36
C ILE C 58 -38.28 -8.76 -10.24
N SER C 59 -38.56 -8.21 -9.06
CA SER C 59 -38.75 -6.80 -8.97
C SER C 59 -37.45 -6.00 -8.77
N VAL C 60 -36.41 -6.71 -8.31
CA VAL C 60 -35.15 -6.15 -7.85
C VAL C 60 -34.08 -7.22 -8.14
N PRO C 61 -32.86 -6.83 -8.51
CA PRO C 61 -31.90 -7.89 -8.90
C PRO C 61 -31.11 -8.40 -7.72
N VAL C 62 -31.81 -8.90 -6.72
CA VAL C 62 -31.27 -9.34 -5.46
C VAL C 62 -32.00 -10.69 -5.15
N MET C 63 -31.33 -11.64 -4.52
CA MET C 63 -32.01 -12.85 -4.03
C MET C 63 -31.59 -13.11 -2.60
N VAL C 64 -32.46 -13.77 -1.84
CA VAL C 64 -32.05 -14.39 -0.62
C VAL C 64 -31.50 -15.79 -0.86
N THR C 65 -30.25 -16.06 -0.46
CA THR C 65 -29.63 -17.39 -0.76
C THR C 65 -29.93 -18.35 0.36
N GLY C 66 -29.79 -19.64 0.09
CA GLY C 66 -30.35 -20.65 1.03
C GLY C 66 -29.67 -20.67 2.39
N MET C 67 -30.46 -20.85 3.45
CA MET C 67 -29.91 -20.89 4.80
C MET C 67 -30.40 -22.06 5.71
N THR C 68 -31.73 -22.19 5.85
CA THR C 68 -32.25 -23.02 6.94
C THR C 68 -33.57 -23.76 6.62
N GLY C 69 -34.12 -24.40 7.64
CA GLY C 69 -35.17 -25.42 7.48
C GLY C 69 -34.78 -26.73 8.16
N GLY C 70 -35.76 -27.51 8.62
CA GLY C 70 -35.54 -28.86 9.20
C GLY C 70 -36.17 -29.08 10.57
N ARG C 71 -36.72 -28.01 11.14
CA ARG C 71 -37.59 -28.09 12.31
C ARG C 71 -38.40 -26.82 12.50
N ASN C 72 -39.36 -26.86 13.41
CA ASN C 72 -40.40 -25.84 13.45
C ASN C 72 -39.93 -24.40 13.69
N GLU C 73 -39.03 -24.20 14.65
CA GLU C 73 -38.40 -22.88 14.88
C GLU C 73 -37.61 -22.36 13.65
N LEU C 74 -36.98 -23.27 12.92
CA LEU C 74 -36.32 -22.93 11.68
C LEU C 74 -37.37 -22.56 10.57
N GLY C 75 -38.49 -23.30 10.54
CA GLY C 75 -39.56 -23.08 9.60
C GLY C 75 -40.25 -21.76 9.81
N ARG C 76 -40.31 -21.31 11.05
CA ARG C 76 -40.89 -20.02 11.29
C ARG C 76 -40.00 -18.83 10.78
N ILE C 77 -38.67 -19.02 10.79
CA ILE C 77 -37.72 -18.13 10.12
C ILE C 77 -37.93 -18.18 8.59
N ASN C 78 -38.05 -19.39 8.04
CA ASN C 78 -38.32 -19.51 6.58
C ASN C 78 -39.63 -18.79 6.20
N LYS C 79 -40.60 -18.84 7.10
CA LYS C 79 -41.90 -18.24 6.85
C LYS C 79 -41.81 -16.68 6.74
N ILE C 80 -41.18 -16.07 7.74
CA ILE C 80 -40.98 -14.65 7.77
C ILE C 80 -40.23 -14.22 6.51
N ILE C 81 -39.11 -14.87 6.21
CA ILE C 81 -38.35 -14.50 5.02
C ILE C 81 -39.15 -14.62 3.74
N ALA C 82 -39.81 -15.77 3.60
CA ALA C 82 -40.61 -16.05 2.41
C ALA C 82 -41.76 -15.05 2.24
N GLU C 83 -42.47 -14.73 3.31
CA GLU C 83 -43.65 -13.86 3.10
C GLU C 83 -43.17 -12.43 2.78
N VAL C 84 -42.01 -12.02 3.31
CA VAL C 84 -41.46 -10.72 2.97
C VAL C 84 -40.87 -10.71 1.57
N ALA C 85 -40.18 -11.80 1.19
CA ALA C 85 -39.66 -11.87 -0.17
C ALA C 85 -40.78 -11.81 -1.20
N GLU C 86 -41.90 -12.49 -0.91
CA GLU C 86 -43.06 -12.50 -1.80
C GLU C 86 -43.55 -11.07 -2.00
N LYS C 87 -43.70 -10.34 -0.90
CA LYS C 87 -44.18 -8.96 -0.92
C LYS C 87 -43.28 -8.05 -1.77
N PHE C 88 -41.99 -8.35 -1.81
CA PHE C 88 -41.01 -7.48 -2.50
C PHE C 88 -40.67 -7.96 -3.88
N GLY C 89 -41.20 -9.13 -4.31
CA GLY C 89 -40.86 -9.68 -5.63
C GLY C 89 -39.40 -10.20 -5.70
N ILE C 90 -38.88 -10.68 -4.57
CA ILE C 90 -37.51 -11.20 -4.46
C ILE C 90 -37.40 -12.75 -4.37
N PRO C 91 -36.58 -13.38 -5.23
CA PRO C 91 -36.42 -14.84 -5.14
C PRO C 91 -35.81 -15.26 -3.84
N MET C 92 -36.13 -16.49 -3.41
CA MET C 92 -35.59 -17.02 -2.18
C MET C 92 -35.13 -18.49 -2.31
N GLY C 93 -33.87 -18.76 -1.90
CA GLY C 93 -33.38 -20.14 -1.77
C GLY C 93 -33.63 -20.60 -0.33
N VAL C 94 -33.95 -21.89 -0.14
CA VAL C 94 -34.03 -22.45 1.23
C VAL C 94 -32.70 -23.15 1.50
N GLY C 95 -32.45 -23.44 2.75
CA GLY C 95 -31.32 -24.21 3.15
C GLY C 95 -31.45 -25.69 2.82
N SER C 96 -30.39 -26.42 3.20
CA SER C 96 -30.17 -27.74 2.71
C SER C 96 -31.33 -28.63 3.11
N GLN C 97 -31.85 -29.37 2.14
CA GLN C 97 -33.08 -30.16 2.35
C GLN C 97 -32.79 -31.65 2.69
N ARG C 98 -31.49 -31.98 2.77
CA ARG C 98 -31.07 -33.30 3.21
C ARG C 98 -31.97 -33.86 4.33
N VAL C 99 -32.09 -33.10 5.40
CA VAL C 99 -32.86 -33.53 6.56
C VAL C 99 -34.34 -33.89 6.26
N ALA C 100 -34.89 -33.27 5.22
CA ALA C 100 -36.27 -33.51 4.89
C ALA C 100 -36.36 -34.62 3.86
N ILE C 101 -35.28 -34.95 3.19
CA ILE C 101 -35.27 -36.19 2.43
C ILE C 101 -35.27 -37.38 3.37
N GLU C 102 -34.59 -37.24 4.50
CA GLU C 102 -34.44 -38.33 5.48
C GLU C 102 -35.65 -38.50 6.39
N LYS C 103 -36.28 -37.38 6.76
CA LYS C 103 -37.31 -37.39 7.81
C LYS C 103 -38.53 -36.59 7.40
N ALA C 104 -39.67 -37.26 7.25
CA ALA C 104 -40.90 -36.60 6.83
C ALA C 104 -41.35 -35.41 7.67
N GLU C 105 -41.08 -35.42 8.97
CA GLU C 105 -41.49 -34.33 9.86
C GLU C 105 -40.76 -33.02 9.55
N ALA C 106 -39.62 -33.09 8.90
CA ALA C 106 -38.84 -31.89 8.62
C ALA C 106 -39.35 -31.17 7.37
N ARG C 107 -40.23 -31.84 6.62
CA ARG C 107 -40.79 -31.27 5.37
C ARG C 107 -41.49 -29.93 5.49
N GLU C 108 -42.35 -29.81 6.49
CA GLU C 108 -43.23 -28.64 6.62
C GLU C 108 -42.42 -27.32 6.78
N SER C 109 -41.26 -27.42 7.42
CA SER C 109 -40.42 -26.29 7.69
C SER C 109 -39.79 -25.71 6.38
N PHE C 110 -39.84 -26.47 5.29
CA PHE C 110 -39.51 -26.01 3.94
C PHE C 110 -40.76 -25.62 3.14
N ALA C 111 -41.79 -26.47 3.18
CA ALA C 111 -43.00 -26.35 2.36
C ALA C 111 -43.71 -25.05 2.58
N ILE C 112 -43.65 -24.57 3.82
CA ILE C 112 -44.27 -23.32 4.27
C ILE C 112 -43.83 -22.13 3.40
N VAL C 113 -42.64 -22.26 2.81
CA VAL C 113 -42.08 -21.18 1.98
C VAL C 113 -43.02 -20.96 0.76
N ARG C 114 -43.47 -22.07 0.15
CA ARG C 114 -44.30 -21.98 -1.03
C ARG C 114 -45.75 -21.59 -0.69
N LYS C 115 -46.19 -21.94 0.50
CA LYS C 115 -47.54 -21.58 0.95
C LYS C 115 -47.73 -20.06 1.05
N VAL C 116 -46.73 -19.41 1.63
CA VAL C 116 -46.78 -18.00 1.87
C VAL C 116 -46.17 -17.19 0.76
N ALA C 117 -45.46 -17.85 -0.16
CA ALA C 117 -44.86 -17.14 -1.27
C ALA C 117 -45.18 -17.85 -2.59
N PRO C 118 -46.44 -17.67 -3.08
CA PRO C 118 -46.89 -18.47 -4.25
C PRO C 118 -46.32 -18.05 -5.58
N THR C 119 -45.76 -16.85 -5.69
CA THR C 119 -45.36 -16.39 -7.01
C THR C 119 -43.87 -16.26 -7.28
N ILE C 120 -43.08 -15.77 -6.33
CA ILE C 120 -41.64 -15.59 -6.54
C ILE C 120 -40.89 -16.91 -6.87
N PRO C 121 -39.73 -16.79 -7.54
CA PRO C 121 -38.85 -17.95 -7.66
C PRO C 121 -38.45 -18.51 -6.30
N ILE C 122 -38.58 -19.82 -6.13
CA ILE C 122 -38.09 -20.49 -4.92
C ILE C 122 -37.00 -21.47 -5.36
N ILE C 123 -35.89 -21.56 -4.65
CA ILE C 123 -34.77 -22.34 -5.13
C ILE C 123 -34.52 -23.39 -4.12
N ALA C 124 -34.54 -24.66 -4.54
CA ALA C 124 -34.30 -25.77 -3.60
C ALA C 124 -32.80 -25.87 -3.28
N ASN C 125 -32.44 -26.82 -2.43
CA ASN C 125 -31.03 -26.92 -2.01
C ASN C 125 -30.62 -28.32 -1.54
N LEU C 126 -29.61 -28.91 -2.18
CA LEU C 126 -28.91 -30.13 -1.67
C LEU C 126 -27.41 -29.92 -1.80
N GLY C 127 -26.62 -30.58 -0.99
CA GLY C 127 -25.16 -30.45 -1.06
C GLY C 127 -24.53 -31.35 -2.06
N MET C 128 -23.45 -30.89 -2.68
CA MET C 128 -22.66 -31.73 -3.57
C MET C 128 -22.22 -33.07 -2.96
N PRO C 129 -21.89 -33.10 -1.69
CA PRO C 129 -21.42 -34.40 -1.17
C PRO C 129 -22.53 -35.47 -1.16
N GLN C 130 -23.79 -35.04 -1.09
CA GLN C 130 -24.88 -36.00 -1.22
C GLN C 130 -24.80 -36.77 -2.52
N LEU C 131 -24.27 -36.15 -3.57
CA LEU C 131 -24.14 -36.84 -4.83
C LEU C 131 -23.10 -37.95 -4.83
N VAL C 132 -22.11 -37.92 -3.96
CA VAL C 132 -21.24 -39.13 -3.89
C VAL C 132 -21.63 -40.10 -2.78
N LYS C 133 -22.53 -39.66 -1.91
CA LYS C 133 -23.21 -40.54 -0.95
C LYS C 133 -24.55 -41.21 -1.49
N GLY C 134 -24.72 -41.24 -2.80
CA GLY C 134 -25.86 -41.98 -3.35
C GLY C 134 -27.10 -41.25 -3.82
N TYR C 135 -27.24 -39.96 -3.47
CA TYR C 135 -28.41 -39.18 -3.93
C TYR C 135 -28.45 -39.27 -5.46
N GLY C 136 -29.63 -39.30 -6.03
CA GLY C 136 -29.72 -39.20 -7.48
C GLY C 136 -30.97 -38.45 -7.85
N LEU C 137 -31.50 -38.80 -9.00
CA LEU C 137 -32.64 -38.11 -9.60
C LEU C 137 -33.81 -37.96 -8.64
N LYS C 138 -34.12 -39.02 -7.93
CA LYS C 138 -35.34 -39.01 -7.14
C LYS C 138 -35.23 -38.00 -5.98
N GLU C 139 -34.10 -38.04 -5.26
CA GLU C 139 -33.90 -37.05 -4.18
C GLU C 139 -33.95 -35.62 -4.70
N PHE C 140 -33.45 -35.37 -5.89
CA PHE C 140 -33.53 -34.02 -6.49
C PHE C 140 -34.97 -33.63 -6.78
N GLN C 141 -35.72 -34.55 -7.43
CA GLN C 141 -37.16 -34.30 -7.71
C GLN C 141 -37.94 -34.10 -6.41
N ASP C 142 -37.58 -34.83 -5.35
CA ASP C 142 -38.26 -34.64 -4.07
C ASP C 142 -37.97 -33.29 -3.40
N ALA C 143 -36.71 -32.87 -3.40
CA ALA C 143 -36.35 -31.49 -3.00
C ALA C 143 -37.16 -30.45 -3.77
N ILE C 144 -37.25 -30.59 -5.09
CA ILE C 144 -37.91 -29.61 -5.93
C ILE C 144 -39.45 -29.56 -5.72
N GLN C 145 -40.09 -30.73 -5.67
CA GLN C 145 -41.54 -30.89 -5.53
C GLN C 145 -42.03 -30.41 -4.14
N MET C 146 -41.23 -30.71 -3.12
CA MET C 146 -41.56 -30.28 -1.76
C MET C 146 -41.90 -28.74 -1.61
N ILE C 147 -41.33 -27.89 -2.47
CA ILE C 147 -41.59 -26.47 -2.43
C ILE C 147 -41.98 -25.93 -3.79
N GLU C 148 -42.32 -26.80 -4.74
CA GLU C 148 -42.52 -26.41 -6.16
C GLU C 148 -41.47 -25.39 -6.61
N ALA C 149 -40.21 -25.80 -6.45
CA ALA C 149 -39.02 -25.04 -6.73
C ALA C 149 -38.93 -24.62 -8.18
N ASP C 150 -38.37 -23.42 -8.43
CA ASP C 150 -38.18 -22.99 -9.81
C ASP C 150 -36.79 -23.31 -10.28
N ALA C 151 -35.98 -23.81 -9.35
CA ALA C 151 -34.58 -24.11 -9.63
C ALA C 151 -34.08 -24.91 -8.42
N ILE C 152 -32.94 -25.60 -8.51
CA ILE C 152 -32.31 -26.19 -7.33
C ILE C 152 -30.83 -25.76 -7.26
N ALA C 153 -30.37 -25.39 -6.06
CA ALA C 153 -28.96 -25.02 -5.88
C ALA C 153 -28.22 -26.21 -5.32
N VAL C 154 -27.10 -26.55 -5.90
CA VAL C 154 -26.22 -27.57 -5.30
C VAL C 154 -24.99 -26.87 -4.70
N HIS C 155 -24.78 -27.01 -3.39
CA HIS C 155 -23.73 -26.27 -2.71
C HIS C 155 -22.38 -27.02 -2.60
N LEU C 156 -21.30 -26.23 -2.74
CA LEU C 156 -19.95 -26.61 -2.42
C LEU C 156 -19.51 -25.99 -1.07
N ASN C 157 -19.20 -26.88 -0.12
CA ASN C 157 -18.76 -26.42 1.18
C ASN C 157 -17.57 -27.22 1.73
N PRO C 158 -16.61 -27.56 0.88
CA PRO C 158 -15.51 -28.36 1.42
C PRO C 158 -14.71 -27.70 2.56
N ALA C 159 -14.50 -26.37 2.53
CA ALA C 159 -13.81 -25.70 3.64
C ALA C 159 -14.50 -25.91 4.97
N GLN C 160 -15.81 -25.71 4.98
CA GLN C 160 -16.58 -25.95 6.17
C GLN C 160 -16.46 -27.43 6.66
N GLU C 161 -16.44 -28.38 5.74
CA GLU C 161 -16.39 -29.78 6.09
C GLU C 161 -15.02 -30.23 6.63
N VAL C 162 -13.96 -29.60 6.13
CA VAL C 162 -12.63 -29.88 6.59
C VAL C 162 -12.48 -29.52 8.08
N PHE C 163 -13.08 -28.39 8.51
CA PHE C 163 -12.84 -27.92 9.88
C PHE C 163 -13.91 -28.32 10.90
N GLN C 164 -15.03 -28.82 10.44
CA GLN C 164 -16.09 -29.21 11.34
C GLN C 164 -15.61 -30.47 12.10
N PRO C 165 -16.11 -30.66 13.36
CA PRO C 165 -15.65 -31.82 14.16
C PRO C 165 -16.04 -33.16 13.48
N GLU C 166 -17.27 -33.23 12.96
CA GLU C 166 -17.78 -34.50 12.44
C GLU C 166 -17.57 -34.75 10.93
N GLY C 167 -16.57 -35.58 10.64
CA GLY C 167 -16.42 -36.14 9.30
C GLY C 167 -15.40 -35.48 8.38
N GLU C 168 -15.54 -35.80 7.08
CA GLU C 168 -14.50 -35.49 6.08
C GLU C 168 -15.05 -35.28 4.67
N PRO C 169 -14.54 -34.26 3.97
CA PRO C 169 -15.17 -33.90 2.73
C PRO C 169 -14.83 -34.87 1.62
N GLU C 170 -15.75 -34.99 0.69
CA GLU C 170 -15.63 -35.96 -0.40
C GLU C 170 -16.17 -35.30 -1.63
N TYR C 171 -15.29 -35.10 -2.62
CA TYR C 171 -15.63 -34.37 -3.82
C TYR C 171 -15.15 -35.03 -5.08
N GLN C 172 -15.25 -36.37 -5.14
CA GLN C 172 -14.84 -37.15 -6.37
C GLN C 172 -15.56 -36.69 -7.61
N ILE C 173 -14.92 -36.78 -8.79
CA ILE C 173 -15.54 -36.29 -10.04
C ILE C 173 -16.81 -37.04 -10.41
N TYR C 174 -16.94 -38.27 -9.91
CA TYR C 174 -18.13 -39.04 -10.12
C TYR C 174 -19.39 -38.22 -9.79
N ALA C 175 -19.32 -37.38 -8.75
CA ALA C 175 -20.43 -36.52 -8.36
C ALA C 175 -20.87 -35.62 -9.51
N LEU C 176 -19.94 -35.17 -10.32
CA LEU C 176 -20.27 -34.26 -11.42
C LEU C 176 -20.93 -34.99 -12.57
N GLU C 177 -20.42 -36.20 -12.86
CA GLU C 177 -21.03 -37.11 -13.85
C GLU C 177 -22.48 -37.29 -13.49
N LYS C 178 -22.75 -37.55 -12.21
CA LYS C 178 -24.07 -37.77 -11.77
C LYS C 178 -24.93 -36.49 -11.87
N LEU C 179 -24.33 -35.35 -11.47
CA LEU C 179 -25.00 -34.08 -11.59
C LEU C 179 -25.40 -33.88 -13.03
N ARG C 180 -24.45 -34.12 -13.95
CA ARG C 180 -24.68 -33.94 -15.37
C ARG C 180 -25.88 -34.81 -15.83
N ASP C 181 -25.92 -36.09 -15.42
CA ASP C 181 -27.05 -36.97 -15.76
C ASP C 181 -28.33 -36.35 -15.27
N ILE C 182 -28.33 -35.97 -13.99
CA ILE C 182 -29.53 -35.50 -13.36
C ILE C 182 -30.09 -34.28 -14.05
N SER C 183 -29.24 -33.37 -14.51
CA SER C 183 -29.72 -32.12 -15.07
C SER C 183 -30.47 -32.29 -16.41
N LYS C 184 -30.37 -33.47 -17.01
CA LYS C 184 -31.03 -33.69 -18.30
C LYS C 184 -32.40 -34.31 -18.05
N GLU C 185 -32.65 -34.75 -16.82
CA GLU C 185 -33.96 -35.32 -16.46
C GLU C 185 -34.78 -34.39 -15.60
N LEU C 186 -34.17 -33.27 -15.19
CA LEU C 186 -34.82 -32.38 -14.26
C LEU C 186 -35.60 -31.35 -15.11
N SER C 187 -36.78 -30.92 -14.67
CA SER C 187 -37.47 -29.88 -15.46
C SER C 187 -37.20 -28.43 -15.01
N VAL C 188 -36.26 -28.23 -14.08
CA VAL C 188 -35.85 -26.88 -13.64
C VAL C 188 -34.30 -26.79 -13.67
N PRO C 189 -33.75 -25.57 -13.77
CA PRO C 189 -32.29 -25.40 -13.82
C PRO C 189 -31.57 -25.71 -12.49
N ILE C 190 -30.32 -26.16 -12.62
CA ILE C 190 -29.38 -26.25 -11.47
C ILE C 190 -28.46 -25.02 -11.36
N ILE C 191 -28.34 -24.49 -10.14
CA ILE C 191 -27.32 -23.49 -9.80
C ILE C 191 -26.29 -24.17 -8.90
N VAL C 192 -25.02 -23.98 -9.18
CA VAL C 192 -23.96 -24.41 -8.24
C VAL C 192 -23.47 -23.19 -7.47
N LYS C 193 -23.52 -23.28 -6.15
CA LYS C 193 -23.07 -22.19 -5.30
C LYS C 193 -22.00 -22.68 -4.30
N GLU C 194 -21.11 -21.75 -3.90
CA GLU C 194 -20.16 -22.03 -2.81
C GLU C 194 -20.90 -21.61 -1.53
N SER C 195 -20.17 -21.53 -0.44
CA SER C 195 -20.76 -21.16 0.83
C SER C 195 -19.75 -20.42 1.70
N GLY C 196 -19.17 -19.36 1.15
CA GLY C 196 -18.22 -18.56 1.97
C GLY C 196 -16.80 -18.44 1.48
N ASN C 197 -16.44 -19.28 0.51
CA ASN C 197 -15.03 -19.41 0.15
C ASN C 197 -14.79 -19.17 -1.30
N GLY C 198 -15.88 -19.02 -2.07
CA GLY C 198 -15.78 -18.54 -3.43
C GLY C 198 -15.48 -19.50 -4.54
N ILE C 199 -15.85 -19.11 -5.76
CA ILE C 199 -15.61 -19.90 -6.96
C ILE C 199 -14.49 -19.31 -7.86
N SER C 200 -13.50 -20.16 -8.19
CA SER C 200 -12.37 -19.81 -9.05
C SER C 200 -12.65 -20.11 -10.49
N MET C 201 -11.82 -19.60 -11.38
CA MET C 201 -11.90 -20.00 -12.79
C MET C 201 -11.82 -21.51 -13.01
N GLU C 202 -10.94 -22.23 -12.29
CA GLU C 202 -10.70 -23.67 -12.59
C GLU C 202 -11.98 -24.45 -12.26
N THR C 203 -12.60 -24.07 -11.16
CA THR C 203 -13.83 -24.70 -10.68
C THR C 203 -15.02 -24.27 -11.57
N ALA C 204 -15.09 -23.01 -11.95
CA ALA C 204 -16.14 -22.63 -12.87
C ALA C 204 -15.97 -23.36 -14.20
N LYS C 205 -14.76 -23.46 -14.74
CA LYS C 205 -14.58 -24.16 -16.05
C LYS C 205 -14.84 -25.67 -15.95
N LEU C 206 -14.47 -26.28 -14.85
CA LEU C 206 -14.74 -27.69 -14.66
C LEU C 206 -16.26 -27.90 -14.60
N LEU C 207 -16.94 -27.11 -13.78
CA LEU C 207 -18.41 -27.19 -13.70
C LEU C 207 -19.08 -26.97 -15.07
N TYR C 208 -18.66 -25.95 -15.77
CA TYR C 208 -19.15 -25.69 -17.11
C TYR C 208 -18.97 -26.91 -18.07
N SER C 209 -17.78 -27.56 -17.99
CA SER C 209 -17.53 -28.68 -18.86
C SER C 209 -18.49 -29.85 -18.55
N TYR C 210 -19.15 -29.84 -17.38
CA TYR C 210 -20.18 -30.81 -17.10
C TYR C 210 -21.63 -30.25 -17.27
N GLY C 211 -21.79 -29.12 -17.95
CA GLY C 211 -23.13 -28.60 -18.32
C GLY C 211 -23.71 -27.57 -17.36
N ILE C 212 -22.96 -27.18 -16.33
CA ILE C 212 -23.40 -26.17 -15.39
C ILE C 212 -23.22 -24.77 -15.98
N LYS C 213 -24.31 -23.97 -15.98
CA LYS C 213 -24.31 -22.63 -16.61
C LYS C 213 -24.61 -21.46 -15.62
N ASN C 214 -25.11 -21.83 -14.43
CA ASN C 214 -25.61 -20.92 -13.38
C ASN C 214 -24.78 -21.02 -12.11
N PHE C 215 -24.22 -19.90 -11.68
CA PHE C 215 -23.23 -19.92 -10.58
C PHE C 215 -23.60 -18.93 -9.51
N ASP C 216 -23.24 -19.22 -8.26
CA ASP C 216 -23.45 -18.25 -7.22
C ASP C 216 -22.13 -18.23 -6.44
N THR C 217 -21.40 -17.11 -6.57
CA THR C 217 -20.00 -16.99 -6.14
C THR C 217 -19.81 -17.32 -4.69
N SER C 218 -20.69 -16.85 -3.81
CA SER C 218 -20.53 -16.99 -2.36
C SER C 218 -19.04 -16.89 -1.94
N GLY C 219 -18.43 -15.70 -2.13
CA GLY C 219 -17.03 -15.50 -1.85
C GLY C 219 -16.73 -15.23 -0.39
N GLN C 220 -15.44 -15.26 -0.02
CA GLN C 220 -15.04 -14.85 1.31
C GLN C 220 -15.30 -13.36 1.49
N GLY C 221 -15.44 -12.95 2.76
CA GLY C 221 -15.67 -11.55 3.12
C GLY C 221 -17.00 -11.31 3.76
N GLY C 222 -17.94 -12.24 3.52
CA GLY C 222 -19.19 -12.26 4.25
C GLY C 222 -19.11 -13.28 5.36
N THR C 223 -20.20 -14.06 5.57
CA THR C 223 -20.29 -15.06 6.61
C THR C 223 -19.06 -15.99 6.50
N ASN C 224 -18.35 -16.18 7.59
CA ASN C 224 -17.11 -16.98 7.52
C ASN C 224 -17.44 -18.34 8.10
N TRP C 225 -17.65 -19.33 7.24
CA TRP C 225 -18.01 -20.66 7.67
C TRP C 225 -16.84 -21.41 8.32
N ILE C 226 -15.60 -21.01 8.01
CA ILE C 226 -14.46 -21.62 8.72
C ILE C 226 -14.52 -21.11 10.18
N ALA C 227 -14.91 -19.85 10.38
CA ALA C 227 -14.96 -19.29 11.74
C ALA C 227 -16.11 -19.98 12.48
N ILE C 228 -17.21 -20.17 11.80
CA ILE C 228 -18.34 -20.84 12.44
C ILE C 228 -17.90 -22.19 12.96
N GLU C 229 -17.27 -23.01 12.11
CA GLU C 229 -16.71 -24.28 12.59
C GLU C 229 -15.64 -24.14 13.67
N MET C 230 -14.78 -23.14 13.54
CA MET C 230 -13.80 -22.87 14.58
C MET C 230 -14.49 -22.78 15.93
N ILE C 231 -15.55 -21.98 16.00
CA ILE C 231 -16.31 -21.71 17.23
C ILE C 231 -17.00 -23.00 17.67
N ARG C 232 -17.54 -23.80 16.75
CA ARG C 232 -18.09 -25.09 17.17
C ARG C 232 -16.95 -25.95 17.77
N ASP C 233 -15.76 -25.90 17.15
CA ASP C 233 -14.61 -26.62 17.69
C ASP C 233 -14.19 -26.10 19.08
N ILE C 234 -14.14 -24.79 19.27
CA ILE C 234 -13.71 -24.21 20.54
C ILE C 234 -14.66 -24.71 21.64
N ARG C 235 -15.96 -24.56 21.39
CA ARG C 235 -17.04 -25.04 22.26
C ARG C 235 -16.89 -26.47 22.70
N ARG C 236 -16.47 -27.35 21.81
CA ARG C 236 -16.32 -28.72 22.27
C ARG C 236 -14.89 -29.13 22.67
N GLY C 237 -14.01 -28.14 22.92
CA GLY C 237 -12.59 -28.39 23.08
C GLY C 237 -12.01 -29.33 22.04
N ASN C 238 -12.44 -29.23 20.77
CA ASN C 238 -11.87 -30.03 19.67
C ASN C 238 -10.52 -29.43 19.20
N TRP C 239 -9.56 -30.32 18.92
CA TRP C 239 -8.13 -29.94 18.58
C TRP C 239 -8.04 -29.00 17.32
N LYS C 240 -8.87 -29.29 16.32
CA LYS C 240 -8.96 -28.53 15.04
C LYS C 240 -9.22 -27.02 15.13
N ALA C 241 -9.62 -26.51 16.29
CA ALA C 241 -9.92 -25.09 16.45
C ALA C 241 -8.76 -24.23 16.02
N GLU C 242 -7.53 -24.60 16.42
CA GLU C 242 -6.37 -23.73 16.17
C GLU C 242 -5.99 -23.81 14.72
N SER C 243 -6.24 -24.95 14.11
CA SER C 243 -6.07 -25.08 12.67
C SER C 243 -7.06 -24.24 11.89
N ALA C 244 -8.29 -24.14 12.38
CA ALA C 244 -9.32 -23.39 11.66
C ALA C 244 -8.89 -21.93 11.70
N LYS C 245 -8.38 -21.49 12.85
CA LYS C 245 -7.94 -20.11 12.99
C LYS C 245 -6.90 -19.70 11.92
N ASN C 246 -5.97 -20.62 11.58
CA ASN C 246 -4.99 -20.33 10.52
C ASN C 246 -5.57 -20.14 9.11
N PHE C 247 -6.77 -20.70 8.85
CA PHE C 247 -7.51 -20.64 7.58
C PHE C 247 -8.59 -19.55 7.51
N LEU C 248 -8.70 -18.69 8.52
CA LEU C 248 -9.75 -17.65 8.51
C LEU C 248 -9.85 -16.83 7.23
N ASP C 249 -8.72 -16.59 6.58
CA ASP C 249 -8.72 -15.78 5.40
C ASP C 249 -8.59 -16.61 4.14
N TRP C 250 -8.86 -17.89 4.27
CA TRP C 250 -8.84 -18.81 3.09
C TRP C 250 -10.05 -18.54 2.14
N GLY C 251 -9.80 -18.52 0.82
CA GLY C 251 -10.90 -18.44 -0.15
C GLY C 251 -10.69 -17.37 -1.20
N VAL C 252 -11.59 -17.30 -2.18
CA VAL C 252 -11.54 -16.29 -3.18
C VAL C 252 -12.49 -15.15 -2.76
N PRO C 253 -11.98 -13.91 -2.59
CA PRO C 253 -12.86 -12.80 -2.26
C PRO C 253 -13.99 -12.68 -3.25
N THR C 254 -15.17 -12.38 -2.75
CA THR C 254 -16.36 -12.25 -3.64
C THR C 254 -16.06 -11.47 -4.91
N ALA C 255 -15.49 -10.26 -4.81
CA ALA C 255 -15.22 -9.44 -6.00
C ALA C 255 -14.32 -10.17 -6.99
N ALA C 256 -13.22 -10.77 -6.53
CA ALA C 256 -12.39 -11.60 -7.39
C ALA C 256 -13.17 -12.79 -7.97
N SER C 257 -14.02 -13.43 -7.16
CA SER C 257 -14.80 -14.57 -7.70
C SER C 257 -15.75 -14.11 -8.78
N ILE C 258 -16.43 -12.98 -8.60
CA ILE C 258 -17.28 -12.47 -9.70
C ILE C 258 -16.49 -12.29 -11.00
N MET C 259 -15.31 -11.64 -10.87
CA MET C 259 -14.48 -11.43 -12.05
C MET C 259 -14.11 -12.77 -12.64
N GLU C 260 -13.69 -13.73 -11.80
CA GLU C 260 -13.20 -15.03 -12.31
C GLU C 260 -14.32 -15.80 -13.02
N VAL C 261 -15.52 -15.77 -12.47
CA VAL C 261 -16.58 -16.53 -13.15
C VAL C 261 -17.02 -15.87 -14.43
N ARG C 262 -17.09 -14.55 -14.43
CA ARG C 262 -17.65 -13.87 -15.60
C ARG C 262 -16.64 -13.97 -16.75
N TYR C 263 -15.37 -13.94 -16.39
CA TYR C 263 -14.29 -14.02 -17.36
C TYR C 263 -14.11 -15.44 -17.91
N SER C 264 -14.09 -16.41 -17.04
CA SER C 264 -13.85 -17.78 -17.54
C SER C 264 -15.11 -18.39 -18.16
N VAL C 265 -16.30 -17.95 -17.76
CA VAL C 265 -17.56 -18.35 -18.45
C VAL C 265 -18.53 -17.22 -18.83
N PRO C 266 -18.23 -16.52 -19.93
CA PRO C 266 -18.82 -15.22 -20.23
C PRO C 266 -20.33 -15.26 -20.41
N ASP C 267 -20.92 -16.43 -20.66
CA ASP C 267 -22.40 -16.48 -20.86
C ASP C 267 -23.13 -17.03 -19.62
N SER C 268 -22.38 -17.20 -18.52
CA SER C 268 -22.95 -17.72 -17.31
C SER C 268 -24.06 -16.77 -16.82
N PHE C 269 -25.03 -17.38 -16.12
CA PHE C 269 -25.94 -16.62 -15.29
C PHE C 269 -25.35 -16.63 -13.87
N LEU C 270 -25.07 -15.43 -13.33
CA LEU C 270 -24.17 -15.23 -12.18
C LEU C 270 -24.79 -14.45 -11.00
N VAL C 271 -24.86 -15.15 -9.85
CA VAL C 271 -25.24 -14.48 -8.61
C VAL C 271 -23.94 -14.08 -7.93
N GLY C 272 -23.80 -12.79 -7.61
CA GLY C 272 -22.65 -12.31 -6.87
C GLY C 272 -23.07 -12.24 -5.42
N SER C 273 -22.42 -13.02 -4.56
CA SER C 273 -22.82 -13.11 -3.16
C SER C 273 -21.61 -13.41 -2.29
N GLY C 274 -21.79 -13.17 -0.99
CA GLY C 274 -20.73 -13.39 0.01
C GLY C 274 -20.34 -11.98 0.49
N GLY C 275 -20.84 -11.55 1.66
CA GLY C 275 -20.51 -10.22 2.14
C GLY C 275 -21.31 -9.08 1.50
N ILE C 276 -22.44 -9.37 0.86
CA ILE C 276 -23.25 -8.24 0.31
C ILE C 276 -24.06 -7.69 1.47
N ARG C 277 -23.72 -6.45 1.92
CA ARG C 277 -24.41 -5.87 3.09
C ARG C 277 -25.25 -4.62 2.86
N SER C 278 -25.23 -4.03 1.67
CA SER C 278 -25.92 -2.78 1.43
C SER C 278 -26.31 -2.83 -0.02
N GLY C 279 -27.24 -1.96 -0.47
CA GLY C 279 -27.56 -1.85 -1.89
C GLY C 279 -26.42 -1.28 -2.74
N LEU C 280 -25.45 -0.63 -2.10
CA LEU C 280 -24.21 -0.27 -2.77
C LEU C 280 -23.28 -1.49 -3.03
N ASP C 281 -23.04 -2.34 -2.05
CA ASP C 281 -22.41 -3.64 -2.37
C ASP C 281 -23.13 -4.34 -3.51
N ALA C 282 -24.45 -4.29 -3.55
CA ALA C 282 -25.20 -5.06 -4.59
C ALA C 282 -24.93 -4.41 -5.94
N ALA C 283 -24.99 -3.11 -5.98
CA ALA C 283 -24.71 -2.37 -7.23
C ALA C 283 -23.29 -2.73 -7.70
N LYS C 284 -22.31 -2.76 -6.80
CA LYS C 284 -20.92 -3.08 -7.21
C LYS C 284 -20.84 -4.44 -7.76
N ALA C 285 -21.51 -5.40 -7.11
CA ALA C 285 -21.48 -6.81 -7.53
C ALA C 285 -22.00 -6.93 -8.95
N ILE C 286 -23.09 -6.21 -9.26
CA ILE C 286 -23.69 -6.23 -10.58
C ILE C 286 -22.87 -5.56 -11.65
N ALA C 287 -22.41 -4.30 -11.39
CA ALA C 287 -21.48 -3.64 -12.31
C ALA C 287 -20.22 -4.48 -12.55
N LEU C 288 -19.66 -5.11 -11.54
CA LEU C 288 -18.51 -5.97 -11.77
C LEU C 288 -18.77 -7.09 -12.79
N GLY C 289 -19.97 -7.67 -12.84
CA GLY C 289 -20.19 -8.79 -13.78
C GLY C 289 -21.28 -9.75 -13.32
N ALA C 290 -21.83 -9.58 -12.11
CA ALA C 290 -22.92 -10.42 -11.66
C ALA C 290 -24.23 -10.02 -12.34
N ASP C 291 -25.16 -10.98 -12.49
CA ASP C 291 -26.50 -10.68 -12.96
C ASP C 291 -27.44 -10.30 -11.84
N ILE C 292 -27.22 -10.87 -10.66
CA ILE C 292 -27.93 -10.46 -9.51
C ILE C 292 -27.04 -10.57 -8.25
N ALA C 293 -27.43 -9.85 -7.19
CA ALA C 293 -26.67 -9.94 -5.93
C ALA C 293 -27.36 -10.86 -4.95
N GLY C 294 -26.63 -11.76 -4.31
CA GLY C 294 -27.25 -12.59 -3.24
C GLY C 294 -26.91 -12.14 -1.82
N MET C 295 -27.78 -12.46 -0.88
CA MET C 295 -27.58 -12.15 0.56
C MET C 295 -28.16 -13.26 1.43
N ALA C 296 -27.50 -13.54 2.54
CA ALA C 296 -28.00 -14.52 3.45
C ALA C 296 -28.01 -13.94 4.90
N LEU C 297 -26.86 -13.85 5.53
CA LEU C 297 -26.75 -13.41 6.93
C LEU C 297 -27.59 -12.17 7.39
N PRO C 298 -27.44 -10.99 6.73
CA PRO C 298 -28.23 -9.84 7.15
C PRO C 298 -29.76 -10.08 7.02
N VAL C 299 -30.21 -10.88 6.08
CA VAL C 299 -31.64 -11.31 6.02
C VAL C 299 -32.05 -12.19 7.23
N LEU C 300 -31.22 -13.17 7.60
CA LEU C 300 -31.36 -13.97 8.79
C LEU C 300 -31.56 -13.13 10.06
N LYS C 301 -30.64 -12.18 10.30
CA LYS C 301 -30.61 -11.33 11.52
C LYS C 301 -31.82 -10.43 11.58
N SER C 302 -32.23 -9.86 10.43
CA SER C 302 -33.46 -9.07 10.45
C SER C 302 -34.66 -9.99 10.62
N ALA C 303 -34.67 -11.14 9.96
CA ALA C 303 -35.85 -12.03 10.10
C ALA C 303 -36.07 -12.44 11.55
N ILE C 304 -35.00 -12.77 12.27
CA ILE C 304 -35.06 -13.09 13.69
C ILE C 304 -35.68 -11.96 14.51
N GLU C 305 -35.37 -10.71 14.14
CA GLU C 305 -36.02 -9.56 14.75
C GLU C 305 -37.53 -9.51 14.40
N GLY C 306 -37.97 -9.97 13.25
CA GLY C 306 -39.39 -9.88 12.93
C GLY C 306 -39.72 -9.43 11.52
N LYS C 307 -40.96 -9.68 11.10
CA LYS C 307 -41.45 -9.27 9.79
C LYS C 307 -41.11 -7.80 9.44
N GLU C 308 -41.39 -6.89 10.35
CA GLU C 308 -41.30 -5.48 10.01
C GLU C 308 -39.85 -5.03 9.98
N SER C 309 -39.00 -5.64 10.81
CA SER C 309 -37.61 -5.41 10.70
C SER C 309 -37.04 -5.88 9.31
N LEU C 310 -37.50 -7.01 8.80
CA LEU C 310 -37.03 -7.46 7.50
C LEU C 310 -37.56 -6.56 6.34
N GLU C 311 -38.82 -6.14 6.41
CA GLU C 311 -39.39 -5.21 5.43
C GLU C 311 -38.55 -3.91 5.39
N GLN C 312 -38.23 -3.34 6.55
CA GLN C 312 -37.40 -2.16 6.62
C GLN C 312 -36.02 -2.43 6.00
N PHE C 313 -35.46 -3.64 6.26
CA PHE C 313 -34.18 -4.00 5.71
C PHE C 313 -34.17 -3.99 4.18
N PHE C 314 -35.16 -4.62 3.56
CA PHE C 314 -35.25 -4.59 2.08
C PHE C 314 -35.51 -3.19 1.50
N ARG C 315 -36.29 -2.36 2.20
CA ARG C 315 -36.52 -0.99 1.77
C ARG C 315 -35.18 -0.21 1.70
N LYS C 316 -34.33 -0.44 2.68
CA LYS C 316 -33.06 0.16 2.75
C LYS C 316 -32.11 -0.36 1.61
N ILE C 317 -32.13 -1.65 1.34
CA ILE C 317 -31.26 -2.24 0.31
C ILE C 317 -31.68 -1.70 -1.05
N ILE C 318 -32.97 -1.70 -1.32
CA ILE C 318 -33.55 -1.22 -2.57
C ILE C 318 -33.24 0.28 -2.81
N PHE C 319 -33.36 1.10 -1.78
CA PHE C 319 -33.08 2.51 -1.87
C PHE C 319 -31.58 2.73 -2.19
N GLU C 320 -30.70 2.00 -1.49
CA GLU C 320 -29.28 2.13 -1.70
C GLU C 320 -28.89 1.73 -3.12
N LEU C 321 -29.51 0.64 -3.59
CA LEU C 321 -29.31 0.19 -4.97
C LEU C 321 -29.72 1.27 -6.00
N LYS C 322 -30.90 1.87 -5.81
CA LYS C 322 -31.44 2.84 -6.76
C LYS C 322 -30.58 4.09 -6.67
N ALA C 323 -30.09 4.44 -5.48
CA ALA C 323 -29.21 5.56 -5.31
C ALA C 323 -27.96 5.42 -6.15
N ALA C 324 -27.36 4.21 -6.16
CA ALA C 324 -26.16 3.94 -6.96
C ALA C 324 -26.50 3.92 -8.45
N MET C 325 -27.66 3.36 -8.78
CA MET C 325 -28.10 3.47 -10.16
C MET C 325 -28.27 4.98 -10.56
N MET C 326 -28.93 5.77 -9.72
CA MET C 326 -29.25 7.17 -10.04
C MET C 326 -27.89 7.89 -10.25
N LEU C 327 -26.91 7.68 -9.32
CA LEU C 327 -25.67 8.42 -9.32
C LEU C 327 -24.69 7.92 -10.38
N THR C 328 -25.02 6.83 -11.07
CA THR C 328 -24.22 6.42 -12.22
C THR C 328 -24.93 6.64 -13.54
N GLY C 329 -26.14 7.22 -13.50
CA GLY C 329 -26.89 7.39 -14.76
C GLY C 329 -27.41 6.07 -15.28
N SER C 330 -27.74 5.13 -14.39
CA SER C 330 -28.17 3.79 -14.85
C SER C 330 -29.68 3.69 -14.73
N LYS C 331 -30.40 3.82 -15.84
CA LYS C 331 -31.89 3.77 -15.80
C LYS C 331 -32.48 2.39 -15.49
N ASP C 332 -31.70 1.33 -15.69
CA ASP C 332 -32.18 -0.03 -15.47
C ASP C 332 -30.98 -0.96 -15.24
N VAL C 333 -31.27 -2.20 -14.92
CA VAL C 333 -30.24 -3.13 -14.45
C VAL C 333 -29.22 -3.37 -15.52
N ASP C 334 -29.73 -3.39 -16.74
CA ASP C 334 -28.84 -3.55 -17.87
C ASP C 334 -27.83 -2.41 -18.02
N ALA C 335 -28.28 -1.18 -17.78
CA ALA C 335 -27.36 -0.06 -17.83
C ALA C 335 -26.31 -0.20 -16.72
N LEU C 336 -26.75 -0.67 -15.55
CA LEU C 336 -25.87 -0.81 -14.43
C LEU C 336 -24.72 -1.82 -14.75
N LYS C 337 -25.05 -2.93 -15.37
CA LYS C 337 -24.05 -3.94 -15.78
C LYS C 337 -22.99 -3.33 -16.68
N LYS C 338 -23.32 -2.23 -17.36
CA LYS C 338 -22.41 -1.58 -18.31
C LYS C 338 -21.78 -0.27 -17.81
N THR C 339 -22.10 0.13 -16.59
CA THR C 339 -21.66 1.43 -16.11
C THR C 339 -20.13 1.47 -15.85
N SER C 340 -19.54 2.66 -15.88
CA SER C 340 -18.12 2.87 -15.63
C SER C 340 -17.69 2.55 -14.20
N ILE C 341 -16.55 1.90 -14.05
CA ILE C 341 -16.03 1.56 -12.74
C ILE C 341 -14.55 1.81 -12.74
N VAL C 342 -13.97 1.82 -11.54
CA VAL C 342 -12.53 1.76 -11.38
C VAL C 342 -12.23 0.56 -10.47
N ILE C 343 -11.19 -0.19 -10.81
CA ILE C 343 -10.64 -1.29 -9.98
C ILE C 343 -9.18 -0.99 -9.60
N LEU C 344 -8.84 -1.16 -8.33
CA LEU C 344 -7.57 -0.66 -7.78
C LEU C 344 -7.02 -1.76 -6.86
N GLY C 345 -5.82 -1.50 -6.31
CA GLY C 345 -5.34 -2.22 -5.10
C GLY C 345 -5.31 -3.73 -5.26
N LYS C 346 -5.65 -4.49 -4.23
CA LYS C 346 -5.43 -5.96 -4.30
C LYS C 346 -6.25 -6.67 -5.33
N LEU C 347 -7.50 -6.22 -5.57
CA LEU C 347 -8.31 -6.80 -6.62
C LEU C 347 -7.62 -6.68 -7.98
N LYS C 348 -7.02 -5.52 -8.25
CA LYS C 348 -6.35 -5.32 -9.49
C LYS C 348 -5.13 -6.29 -9.55
N GLU C 349 -4.38 -6.41 -8.47
CA GLU C 349 -3.23 -7.35 -8.49
C GLU C 349 -3.68 -8.81 -8.66
N TRP C 350 -4.82 -9.19 -8.03
CA TRP C 350 -5.38 -10.52 -8.17
C TRP C 350 -5.65 -10.81 -9.65
N ALA C 351 -6.46 -9.97 -10.30
CA ALA C 351 -6.76 -10.13 -11.70
C ALA C 351 -5.51 -10.21 -12.58
N GLU C 352 -4.55 -9.30 -12.40
CA GLU C 352 -3.31 -9.35 -13.23
C GLU C 352 -2.54 -10.66 -13.08
N TYR C 353 -2.37 -11.16 -11.86
CA TYR C 353 -1.62 -12.38 -11.71
C TYR C 353 -2.46 -13.54 -12.31
N ARG C 354 -3.79 -13.46 -12.24
CA ARG C 354 -4.60 -14.55 -12.71
C ARG C 354 -4.76 -14.49 -14.23
N GLY C 355 -4.09 -13.55 -14.90
CA GLY C 355 -4.17 -13.48 -16.37
C GLY C 355 -5.48 -12.82 -16.80
N ILE C 356 -6.18 -12.11 -15.92
CA ILE C 356 -7.42 -11.48 -16.36
C ILE C 356 -7.07 -10.13 -16.98
N ASN C 357 -6.97 -10.16 -18.30
CA ASN C 357 -6.71 -8.99 -19.07
C ASN C 357 -7.90 -8.02 -18.86
N LEU C 358 -7.60 -6.83 -18.32
CA LEU C 358 -8.61 -5.87 -17.93
C LEU C 358 -9.40 -5.32 -19.09
N SER C 359 -8.75 -5.18 -20.25
CA SER C 359 -9.48 -4.76 -21.44
C SER C 359 -10.47 -5.81 -21.90
N ILE C 360 -10.05 -7.06 -22.06
CA ILE C 360 -11.06 -8.00 -22.43
C ILE C 360 -12.14 -8.17 -21.33
N TYR C 361 -11.77 -8.00 -20.07
CA TYR C 361 -12.74 -7.99 -18.98
C TYR C 361 -13.86 -6.95 -19.18
N GLU C 362 -13.47 -5.69 -19.42
CA GLU C 362 -14.39 -4.61 -19.72
C GLU C 362 -15.41 -5.02 -20.80
N LYS C 363 -14.91 -5.52 -21.92
CA LYS C 363 -15.75 -5.99 -22.99
C LYS C 363 -16.73 -7.07 -22.51
N VAL C 364 -16.21 -8.13 -21.86
CA VAL C 364 -17.03 -9.26 -21.41
C VAL C 364 -18.12 -8.89 -20.35
N ARG C 365 -17.77 -8.06 -19.37
CA ARG C 365 -18.74 -7.67 -18.32
C ARG C 365 -19.86 -6.77 -18.87
N LYS C 366 -19.64 -6.12 -20.01
CA LYS C 366 -20.72 -5.30 -20.58
C LYS C 366 -21.44 -5.83 -21.82
N ARG C 367 -21.47 -7.15 -21.99
CA ARG C 367 -22.48 -7.69 -22.93
C ARG C 367 -23.15 -8.85 -22.21
N ASN D 6 27.82 -21.11 28.39
CA ASN D 6 27.96 -21.85 27.08
C ASN D 6 26.97 -21.41 26.00
N ARG D 7 27.54 -21.06 24.85
CA ARG D 7 26.84 -20.44 23.75
C ARG D 7 25.65 -21.32 23.26
N LYS D 8 25.87 -22.63 23.10
CA LYS D 8 24.78 -23.55 22.70
C LYS D 8 23.56 -23.50 23.65
N VAL D 9 23.80 -23.67 24.95
CA VAL D 9 22.74 -23.45 25.94
C VAL D 9 22.05 -22.07 25.83
N GLU D 10 22.83 -20.97 25.76
CA GLU D 10 22.25 -19.64 25.68
C GLU D 10 21.37 -19.45 24.44
N HIS D 11 21.83 -19.99 23.32
CA HIS D 11 21.15 -19.89 22.06
C HIS D 11 19.78 -20.54 22.13
N VAL D 12 19.76 -21.76 22.66
CA VAL D 12 18.51 -22.47 22.84
C VAL D 12 17.57 -21.68 23.74
N GLU D 13 18.08 -21.12 24.85
CA GLU D 13 17.27 -20.41 25.84
C GLU D 13 16.70 -19.10 25.27
N ILE D 14 17.51 -18.38 24.50
CA ILE D 14 17.04 -17.16 23.88
C ILE D 14 15.96 -17.47 22.83
N ALA D 15 16.26 -18.42 21.95
CA ALA D 15 15.32 -18.79 20.91
C ALA D 15 14.01 -19.28 21.54
N ALA D 16 14.09 -20.11 22.57
CA ALA D 16 12.84 -20.67 23.10
C ALA D 16 12.03 -19.73 23.97
N PHE D 17 12.72 -18.81 24.66
CA PHE D 17 12.07 -18.09 25.76
C PHE D 17 12.05 -16.60 25.61
N GLU D 18 12.80 -16.06 24.65
CA GLU D 18 12.74 -14.62 24.36
C GLU D 18 11.91 -14.40 23.07
N ASN D 19 11.65 -13.10 22.80
CA ASN D 19 10.83 -12.68 21.67
C ASN D 19 11.69 -12.44 20.39
N VAL D 20 11.94 -13.50 19.60
CA VAL D 20 12.87 -13.38 18.49
C VAL D 20 12.31 -13.99 17.23
N ASP D 21 11.09 -14.54 17.32
CA ASP D 21 10.42 -15.18 16.20
C ASP D 21 9.74 -14.11 15.38
N GLY D 22 10.27 -13.85 14.18
CA GLY D 22 9.67 -12.88 13.29
C GLY D 22 9.92 -11.43 13.75
N LEU D 23 10.91 -11.20 14.62
CA LEU D 23 11.08 -9.88 15.21
C LEU D 23 11.46 -8.86 14.16
N SER D 24 10.55 -7.91 13.89
CA SER D 24 10.80 -6.86 12.87
C SER D 24 11.09 -7.40 11.47
N SER D 25 10.70 -8.64 11.20
CA SER D 25 11.05 -9.22 9.91
C SER D 25 9.81 -9.90 9.33
N SER D 26 9.89 -10.33 8.08
CA SER D 26 8.73 -10.87 7.43
C SER D 26 9.16 -11.96 6.45
N THR D 27 8.33 -13.00 6.29
CA THR D 27 8.59 -14.09 5.31
C THR D 27 8.11 -13.72 3.90
N PHE D 28 7.25 -12.67 3.81
CA PHE D 28 6.44 -12.35 2.63
C PHE D 28 5.39 -13.42 2.26
N LEU D 29 5.17 -14.44 3.10
CA LEU D 29 4.14 -15.50 2.77
C LEU D 29 2.69 -14.97 2.82
N ASN D 30 2.44 -13.90 3.55
CA ASN D 30 1.19 -13.17 3.48
C ASN D 30 0.94 -12.70 2.07
N ASP D 31 1.99 -12.56 1.26
CA ASP D 31 1.81 -12.19 -0.15
C ASP D 31 1.51 -13.37 -1.09
N VAL D 32 1.41 -14.61 -0.57
CA VAL D 32 1.21 -15.75 -1.46
C VAL D 32 -0.15 -16.28 -1.09
N ILE D 33 -1.05 -16.39 -2.06
CA ILE D 33 -2.39 -16.95 -1.82
C ILE D 33 -2.60 -18.22 -2.65
N LEU D 34 -3.02 -19.29 -1.99
CA LEU D 34 -3.42 -20.50 -2.70
C LEU D 34 -4.87 -20.39 -3.17
N VAL D 35 -5.10 -20.61 -4.46
CA VAL D 35 -6.45 -20.43 -5.01
C VAL D 35 -7.36 -21.58 -4.51
N HIS D 36 -8.48 -21.19 -3.90
CA HIS D 36 -9.43 -22.17 -3.35
C HIS D 36 -10.22 -22.83 -4.47
N GLN D 37 -10.44 -24.14 -4.35
CA GLN D 37 -11.19 -24.88 -5.34
C GLN D 37 -12.44 -25.50 -4.69
N GLY D 38 -13.60 -24.84 -4.91
CA GLY D 38 -14.82 -25.27 -4.25
C GLY D 38 -15.22 -26.71 -4.67
N PHE D 39 -14.78 -27.12 -5.87
CA PHE D 39 -14.87 -28.53 -6.26
C PHE D 39 -13.49 -29.24 -6.30
N PRO D 40 -13.05 -29.75 -5.16
CA PRO D 40 -11.71 -30.30 -5.12
C PRO D 40 -11.44 -31.46 -6.08
N GLY D 41 -12.42 -32.36 -6.31
CA GLY D 41 -12.20 -33.43 -7.32
C GLY D 41 -11.54 -34.66 -6.65
N ILE D 42 -11.53 -34.67 -5.31
CA ILE D 42 -10.83 -35.68 -4.56
C ILE D 42 -11.52 -35.76 -3.25
N SER D 43 -11.16 -36.75 -2.45
CA SER D 43 -11.73 -36.81 -1.14
C SER D 43 -10.57 -36.74 -0.14
N PHE D 44 -10.85 -36.24 1.05
CA PHE D 44 -9.80 -36.06 2.03
C PHE D 44 -8.92 -37.31 2.28
N SER D 45 -9.54 -38.49 2.34
CA SER D 45 -8.82 -39.76 2.72
C SER D 45 -7.92 -40.25 1.62
N GLU D 46 -8.13 -39.82 0.40
CA GLU D 46 -7.18 -40.22 -0.61
C GLU D 46 -5.95 -39.29 -0.68
N ILE D 47 -5.89 -38.21 0.12
CA ILE D 47 -4.75 -37.30 -0.03
C ILE D 47 -3.48 -38.06 0.36
N ASN D 48 -2.49 -38.04 -0.52
CA ASN D 48 -1.24 -38.72 -0.25
C ASN D 48 -0.03 -37.72 0.02
N THR D 49 0.48 -37.72 1.24
CA THR D 49 1.58 -36.79 1.55
C THR D 49 3.02 -37.29 1.38
N LYS D 50 3.21 -38.48 0.78
CA LYS D 50 4.57 -39.08 0.70
C LYS D 50 5.45 -38.39 -0.30
N THR D 51 6.75 -38.33 -0.04
CA THR D 51 7.64 -37.74 -1.08
C THR D 51 9.08 -38.31 -0.98
N LYS D 52 9.91 -38.07 -1.98
CA LYS D 52 11.27 -38.56 -1.85
C LYS D 52 12.10 -37.59 -1.01
N PHE D 53 13.09 -38.14 -0.33
CA PHE D 53 14.18 -37.40 0.29
C PHE D 53 15.49 -38.16 0.03
N PHE D 54 16.19 -37.72 -1.01
CA PHE D 54 17.29 -38.46 -1.60
C PHE D 54 16.86 -39.91 -1.88
N ARG D 55 17.53 -40.89 -1.27
CA ARG D 55 17.28 -42.29 -1.54
C ARG D 55 16.16 -42.90 -0.70
N LYS D 56 15.64 -42.16 0.29
CA LYS D 56 14.55 -42.63 1.12
C LYS D 56 13.20 -42.03 0.74
N GLU D 57 12.15 -42.61 1.31
CA GLU D 57 10.82 -42.12 1.15
C GLU D 57 10.45 -41.57 2.51
N ILE D 58 9.70 -40.45 2.52
CA ILE D 58 9.24 -39.86 3.77
C ILE D 58 7.71 -39.68 3.75
N SER D 59 7.06 -39.57 4.91
CA SER D 59 5.64 -39.67 4.98
C SER D 59 4.92 -38.34 4.73
N VAL D 60 5.67 -37.21 4.86
CA VAL D 60 5.14 -35.85 4.82
C VAL D 60 6.29 -34.98 4.28
N PRO D 61 6.00 -33.99 3.39
CA PRO D 61 7.06 -33.21 2.78
C PRO D 61 7.55 -32.07 3.68
N VAL D 62 7.96 -32.39 4.90
CA VAL D 62 8.36 -31.45 5.92
C VAL D 62 9.65 -32.05 6.53
N MET D 63 10.61 -31.22 6.95
CA MET D 63 11.73 -31.69 7.74
C MET D 63 11.99 -30.80 8.96
N VAL D 64 12.66 -31.36 9.98
CA VAL D 64 13.20 -30.59 11.08
C VAL D 64 14.62 -30.22 10.76
N THR D 65 14.92 -28.93 10.64
CA THR D 65 16.26 -28.49 10.25
C THR D 65 17.13 -28.42 11.48
N GLY D 66 18.45 -28.41 11.32
CA GLY D 66 19.34 -28.63 12.50
C GLY D 66 19.39 -27.50 13.54
N MET D 67 19.52 -27.87 14.82
CA MET D 67 19.45 -26.88 15.91
C MET D 67 20.52 -27.13 16.98
N THR D 68 20.56 -28.35 17.53
CA THR D 68 21.31 -28.50 18.78
C THR D 68 22.10 -29.83 18.96
N GLY D 69 22.59 -30.08 20.17
CA GLY D 69 23.61 -31.14 20.44
C GLY D 69 24.86 -30.51 21.01
N GLY D 70 25.58 -31.29 21.83
CA GLY D 70 26.89 -30.85 22.37
C GLY D 70 27.03 -30.99 23.89
N ARG D 71 25.92 -31.25 24.57
CA ARG D 71 25.90 -31.67 25.96
C ARG D 71 24.59 -32.35 26.30
N ASN D 72 24.50 -32.89 27.51
CA ASN D 72 23.49 -33.91 27.77
C ASN D 72 22.06 -33.37 27.78
N GLU D 73 21.88 -32.17 28.32
CA GLU D 73 20.54 -31.52 28.30
C GLU D 73 20.10 -31.22 26.85
N LEU D 74 21.06 -30.84 26.00
CA LEU D 74 20.81 -30.67 24.58
C LEU D 74 20.50 -32.00 23.89
N GLY D 75 21.24 -33.06 24.27
CA GLY D 75 21.03 -34.41 23.76
C GLY D 75 19.64 -34.91 24.07
N ARG D 76 19.13 -34.57 25.24
CA ARG D 76 17.79 -35.01 25.57
C ARG D 76 16.64 -34.33 24.73
N ILE D 77 16.84 -33.07 24.32
CA ILE D 77 16.02 -32.43 23.33
C ILE D 77 16.15 -33.12 21.97
N ASN D 78 17.36 -33.48 21.55
CA ASN D 78 17.57 -34.17 20.28
C ASN D 78 16.87 -35.54 20.30
N LYS D 79 16.76 -36.13 21.48
CA LYS D 79 16.17 -37.48 21.61
C LYS D 79 14.64 -37.40 21.42
N ILE D 80 14.01 -36.43 22.08
CA ILE D 80 12.57 -36.22 21.96
C ILE D 80 12.22 -35.93 20.51
N ILE D 81 13.00 -35.05 19.87
CA ILE D 81 12.68 -34.64 18.51
C ILE D 81 12.90 -35.81 17.62
N ALA D 82 14.04 -36.49 17.79
CA ALA D 82 14.30 -37.68 16.94
C ALA D 82 13.25 -38.78 17.10
N GLU D 83 12.87 -39.14 18.32
CA GLU D 83 11.92 -40.27 18.43
C GLU D 83 10.57 -39.92 17.88
N VAL D 84 10.19 -38.64 17.93
CA VAL D 84 8.90 -38.23 17.38
C VAL D 84 8.99 -38.16 15.88
N ALA D 85 10.11 -37.65 15.37
CA ALA D 85 10.24 -37.58 13.91
C ALA D 85 10.19 -38.99 13.33
N GLU D 86 10.81 -39.97 13.99
CA GLU D 86 10.82 -41.36 13.50
C GLU D 86 9.38 -41.88 13.45
N LYS D 87 8.62 -41.65 14.50
CA LYS D 87 7.22 -42.10 14.52
C LYS D 87 6.42 -41.52 13.33
N PHE D 88 6.78 -40.29 12.90
CA PHE D 88 5.95 -39.57 11.90
C PHE D 88 6.47 -39.71 10.49
N GLY D 89 7.63 -40.36 10.34
CA GLY D 89 8.26 -40.50 9.02
C GLY D 89 8.91 -39.23 8.47
N ILE D 90 9.41 -38.36 9.38
CA ILE D 90 9.91 -37.03 9.05
C ILE D 90 11.45 -36.89 9.22
N PRO D 91 12.18 -36.48 8.15
CA PRO D 91 13.63 -36.24 8.29
C PRO D 91 13.99 -35.27 9.40
N MET D 92 15.18 -35.48 9.98
CA MET D 92 15.70 -34.58 11.00
C MET D 92 17.17 -34.25 10.80
N GLY D 93 17.50 -32.94 10.81
CA GLY D 93 18.90 -32.41 10.76
C GLY D 93 19.28 -32.16 12.20
N VAL D 94 20.53 -32.38 12.57
CA VAL D 94 20.97 -32.08 13.90
C VAL D 94 21.71 -30.74 13.81
N GLY D 95 21.94 -30.09 14.93
CA GLY D 95 22.73 -28.88 14.88
C GLY D 95 24.22 -29.14 14.71
N SER D 96 24.97 -28.05 14.81
CA SER D 96 26.33 -28.05 14.39
C SER D 96 27.18 -29.05 15.20
N GLN D 97 27.92 -29.88 14.49
CA GLN D 97 28.65 -30.93 15.17
C GLN D 97 30.10 -30.56 15.52
N ARG D 98 30.51 -29.33 15.21
CA ARG D 98 31.85 -28.87 15.48
C ARG D 98 32.31 -29.26 16.89
N VAL D 99 31.46 -29.04 17.87
CA VAL D 99 31.82 -29.30 19.25
C VAL D 99 32.14 -30.80 19.50
N ALA D 100 31.48 -31.69 18.76
CA ALA D 100 31.73 -33.12 18.88
C ALA D 100 32.92 -33.62 18.04
N ILE D 101 33.38 -32.81 17.08
CA ILE D 101 34.61 -33.11 16.40
C ILE D 101 35.72 -32.81 17.41
N GLU D 102 35.60 -31.71 18.11
CA GLU D 102 36.63 -31.27 19.04
C GLU D 102 36.66 -32.04 20.37
N LYS D 103 35.51 -32.42 20.92
CA LYS D 103 35.43 -33.11 22.22
C LYS D 103 34.60 -34.38 22.23
N ALA D 104 35.25 -35.54 22.45
CA ALA D 104 34.57 -36.85 22.43
C ALA D 104 33.31 -36.97 23.32
N GLU D 105 33.26 -36.24 24.42
CA GLU D 105 32.11 -36.34 25.32
C GLU D 105 30.85 -35.74 24.72
N ALA D 106 30.99 -34.87 23.72
CA ALA D 106 29.81 -34.22 23.12
C ALA D 106 29.10 -35.12 22.12
N ARG D 107 29.78 -36.20 21.71
CA ARG D 107 29.30 -37.11 20.65
C ARG D 107 27.94 -37.73 20.93
N GLU D 108 27.76 -38.26 22.14
CA GLU D 108 26.53 -39.00 22.47
C GLU D 108 25.25 -38.16 22.23
N SER D 109 25.33 -36.85 22.50
CA SER D 109 24.18 -35.94 22.39
C SER D 109 23.70 -35.76 20.92
N PHE D 110 24.52 -36.22 19.96
CA PHE D 110 24.17 -36.34 18.53
C PHE D 110 23.81 -37.79 18.16
N ALA D 111 24.68 -38.74 18.55
CA ALA D 111 24.47 -40.18 18.25
C ALA D 111 23.13 -40.70 18.65
N ILE D 112 22.62 -40.23 19.78
CA ILE D 112 21.32 -40.65 20.32
C ILE D 112 20.20 -40.52 19.25
N VAL D 113 20.41 -39.62 18.29
CA VAL D 113 19.42 -39.36 17.28
C VAL D 113 19.21 -40.62 16.43
N ARG D 114 20.30 -41.26 16.07
CA ARG D 114 20.23 -42.48 15.27
C ARG D 114 19.79 -43.70 16.07
N LYS D 115 20.04 -43.74 17.36
CA LYS D 115 19.66 -44.89 18.16
C LYS D 115 18.14 -44.97 18.19
N VAL D 116 17.54 -43.80 18.37
CA VAL D 116 16.13 -43.67 18.62
C VAL D 116 15.35 -43.49 17.30
N ALA D 117 16.06 -43.18 16.20
CA ALA D 117 15.44 -43.00 14.89
C ALA D 117 16.18 -43.74 13.82
N PRO D 118 15.93 -45.07 13.71
CA PRO D 118 16.81 -45.87 12.85
C PRO D 118 16.47 -45.79 11.37
N THR D 119 15.28 -45.32 11.04
CA THR D 119 14.93 -45.37 9.63
C THR D 119 14.88 -44.03 8.88
N ILE D 120 14.48 -42.95 9.52
CA ILE D 120 14.26 -41.68 8.78
C ILE D 120 15.59 -41.07 8.31
N PRO D 121 15.56 -40.24 7.26
CA PRO D 121 16.78 -39.50 6.94
C PRO D 121 17.25 -38.65 8.11
N ILE D 122 18.56 -38.74 8.42
CA ILE D 122 19.17 -37.90 9.46
C ILE D 122 20.21 -37.00 8.73
N ILE D 123 20.29 -35.70 9.07
CA ILE D 123 21.18 -34.83 8.26
C ILE D 123 22.23 -34.30 9.18
N ALA D 124 23.49 -34.54 8.86
CA ALA D 124 24.59 -34.03 9.70
C ALA D 124 24.71 -32.49 9.50
N ASN D 125 25.66 -31.87 10.21
CA ASN D 125 25.77 -30.41 10.18
C ASN D 125 27.16 -29.86 10.51
N LEU D 126 27.82 -29.18 9.57
CA LEU D 126 28.97 -28.33 9.92
C LEU D 126 28.83 -26.95 9.27
N GLY D 127 29.48 -25.93 9.84
CA GLY D 127 29.45 -24.60 9.27
C GLY D 127 30.43 -24.40 8.14
N MET D 128 30.03 -23.62 7.15
CA MET D 128 30.91 -23.18 6.10
C MET D 128 32.27 -22.54 6.57
N PRO D 129 32.26 -21.72 7.62
CA PRO D 129 33.58 -21.14 7.98
C PRO D 129 34.60 -22.21 8.43
N GLN D 130 34.09 -23.35 8.92
CA GLN D 130 35.01 -24.42 9.32
C GLN D 130 35.93 -24.80 8.17
N LEU D 131 35.43 -24.69 6.94
CA LEU D 131 36.19 -25.09 5.79
C LEU D 131 37.40 -24.15 5.55
N VAL D 132 37.39 -22.92 6.06
CA VAL D 132 38.58 -22.11 5.88
C VAL D 132 39.38 -22.11 7.16
N LYS D 133 38.89 -22.83 8.16
CA LYS D 133 39.58 -22.98 9.41
C LYS D 133 40.14 -24.43 9.56
N GLY D 134 40.42 -25.11 8.45
CA GLY D 134 41.12 -26.39 8.53
C GLY D 134 40.31 -27.68 8.49
N TYR D 135 38.97 -27.62 8.58
CA TYR D 135 38.11 -28.80 8.37
C TYR D 135 38.13 -29.26 6.94
N GLY D 136 38.05 -30.57 6.71
CA GLY D 136 38.03 -31.10 5.36
C GLY D 136 37.28 -32.43 5.38
N LEU D 137 37.65 -33.31 4.44
CA LEU D 137 37.05 -34.63 4.28
C LEU D 137 36.87 -35.37 5.59
N LYS D 138 37.93 -35.44 6.40
CA LYS D 138 37.88 -36.32 7.54
C LYS D 138 36.81 -35.84 8.52
N GLU D 139 36.83 -34.55 8.83
CA GLU D 139 35.79 -34.00 9.73
C GLU D 139 34.37 -34.17 9.16
N PHE D 140 34.22 -34.06 7.83
CA PHE D 140 32.92 -34.32 7.20
C PHE D 140 32.49 -35.79 7.41
N GLN D 141 33.41 -36.73 7.15
CA GLN D 141 33.11 -38.18 7.34
C GLN D 141 32.82 -38.52 8.79
N ASP D 142 33.50 -37.85 9.71
CA ASP D 142 33.23 -38.04 11.13
C ASP D 142 31.86 -37.51 11.54
N ALA D 143 31.50 -36.29 11.09
CA ALA D 143 30.11 -35.76 11.31
C ALA D 143 29.09 -36.76 10.79
N ILE D 144 29.27 -37.24 9.58
CA ILE D 144 28.35 -38.19 8.94
C ILE D 144 28.24 -39.56 9.67
N GLN D 145 29.38 -40.19 9.96
CA GLN D 145 29.44 -41.51 10.59
C GLN D 145 28.82 -41.46 11.98
N MET D 146 29.03 -40.35 12.69
CA MET D 146 28.60 -40.19 14.09
C MET D 146 27.12 -40.48 14.32
N ILE D 147 26.32 -40.23 13.29
CA ILE D 147 24.88 -40.45 13.34
C ILE D 147 24.41 -41.24 12.12
N GLU D 148 25.33 -41.91 11.42
CA GLU D 148 25.03 -42.58 10.11
C GLU D 148 24.08 -41.70 9.29
N ALA D 149 24.55 -40.49 9.01
CA ALA D 149 23.79 -39.43 8.33
C ALA D 149 23.49 -39.83 6.91
N ASP D 150 22.29 -39.45 6.40
CA ASP D 150 22.00 -39.67 4.97
C ASP D 150 22.41 -38.51 4.13
N ALA D 151 22.95 -37.45 4.74
CA ALA D 151 23.27 -36.21 3.99
C ALA D 151 23.95 -35.32 4.98
N ILE D 152 24.68 -34.30 4.53
CA ILE D 152 25.22 -33.33 5.51
C ILE D 152 24.82 -31.92 5.04
N ALA D 153 24.41 -31.09 5.99
CA ALA D 153 24.05 -29.71 5.70
C ALA D 153 25.24 -28.84 6.10
N VAL D 154 25.68 -27.95 5.22
CA VAL D 154 26.75 -26.99 5.54
C VAL D 154 26.08 -25.61 5.63
N HIS D 155 26.14 -24.99 6.81
CA HIS D 155 25.37 -23.76 7.04
C HIS D 155 26.16 -22.45 6.73
N LEU D 156 25.39 -21.45 6.33
CA LEU D 156 25.86 -20.11 6.08
C LEU D 156 25.23 -19.27 7.16
N ASN D 157 26.05 -18.68 8.03
CA ASN D 157 25.51 -17.77 9.01
C ASN D 157 26.37 -16.49 9.19
N PRO D 158 26.78 -15.86 8.09
CA PRO D 158 27.56 -14.61 8.24
C PRO D 158 26.88 -13.49 9.02
N ALA D 159 25.57 -13.30 8.90
CA ALA D 159 24.86 -12.24 9.64
C ALA D 159 24.97 -12.42 11.17
N GLN D 160 24.68 -13.61 11.63
CA GLN D 160 24.86 -14.00 13.02
C GLN D 160 26.30 -13.76 13.49
N GLU D 161 27.28 -14.10 12.66
CA GLU D 161 28.70 -13.91 13.03
C GLU D 161 29.15 -12.46 13.11
N VAL D 162 28.57 -11.61 12.26
CA VAL D 162 28.90 -10.20 12.28
C VAL D 162 28.52 -9.57 13.62
N PHE D 163 27.38 -9.99 14.18
CA PHE D 163 26.80 -9.29 15.31
C PHE D 163 27.08 -9.97 16.67
N GLN D 164 27.53 -11.21 16.64
CA GLN D 164 27.89 -11.87 17.87
C GLN D 164 29.14 -11.21 18.50
N PRO D 165 29.26 -11.31 19.83
CA PRO D 165 30.36 -10.59 20.47
C PRO D 165 31.70 -11.18 20.06
N GLU D 166 31.75 -12.51 20.00
CA GLU D 166 33.02 -13.18 19.76
C GLU D 166 33.34 -13.49 18.28
N GLY D 167 34.21 -12.66 17.70
CA GLY D 167 34.88 -13.03 16.44
C GLY D 167 34.37 -12.38 15.17
N GLU D 168 34.82 -12.93 14.05
CA GLU D 168 34.52 -12.32 12.76
C GLU D 168 34.26 -13.35 11.65
N PRO D 169 33.33 -13.03 10.75
CA PRO D 169 33.02 -14.02 9.70
C PRO D 169 34.08 -14.16 8.59
N GLU D 170 34.23 -15.40 8.14
CA GLU D 170 35.23 -15.73 7.10
C GLU D 170 34.58 -16.65 6.07
N TYR D 171 34.45 -16.13 4.84
CA TYR D 171 33.76 -16.79 3.74
C TYR D 171 34.53 -16.62 2.44
N GLN D 172 35.86 -16.74 2.50
CA GLN D 172 36.72 -16.79 1.27
C GLN D 172 36.27 -17.92 0.34
N ILE D 173 36.45 -17.73 -0.98
CA ILE D 173 36.02 -18.70 -1.99
C ILE D 173 36.70 -20.04 -1.84
N TYR D 174 37.93 -20.05 -1.32
CA TYR D 174 38.61 -21.26 -1.03
C TYR D 174 37.70 -22.29 -0.35
N ALA D 175 36.79 -21.81 0.51
CA ALA D 175 35.84 -22.71 1.16
C ALA D 175 35.01 -23.54 0.16
N LEU D 176 34.63 -22.92 -0.95
CA LEU D 176 33.84 -23.62 -1.94
C LEU D 176 34.68 -24.56 -2.74
N GLU D 177 35.89 -24.16 -3.07
CA GLU D 177 36.86 -25.11 -3.72
C GLU D 177 36.99 -26.40 -2.88
N LYS D 178 37.13 -26.22 -1.59
CA LYS D 178 37.29 -27.34 -0.68
C LYS D 178 36.00 -28.17 -0.61
N LEU D 179 34.88 -27.47 -0.52
CA LEU D 179 33.59 -28.10 -0.45
C LEU D 179 33.41 -28.91 -1.73
N ARG D 180 33.73 -28.29 -2.84
CA ARG D 180 33.63 -28.98 -4.12
C ARG D 180 34.50 -30.27 -4.13
N ASP D 181 35.75 -30.21 -3.62
CA ASP D 181 36.58 -31.44 -3.53
C ASP D 181 35.93 -32.48 -2.66
N ILE D 182 35.43 -32.05 -1.50
CA ILE D 182 34.88 -32.96 -0.53
C ILE D 182 33.67 -33.75 -1.10
N SER D 183 32.83 -33.09 -1.91
CA SER D 183 31.58 -33.68 -2.32
C SER D 183 31.81 -34.81 -3.29
N LYS D 184 33.03 -34.86 -3.82
CA LYS D 184 33.40 -35.93 -4.73
C LYS D 184 33.90 -37.18 -4.04
N GLU D 185 34.25 -37.08 -2.76
CA GLU D 185 34.71 -38.23 -2.00
C GLU D 185 33.70 -38.67 -0.96
N LEU D 186 32.62 -37.90 -0.82
CA LEU D 186 31.66 -38.20 0.26
C LEU D 186 30.64 -39.19 -0.28
N SER D 187 30.12 -40.10 0.53
CA SER D 187 29.13 -41.01 -0.04
C SER D 187 27.65 -40.60 0.19
N VAL D 188 27.44 -39.40 0.74
CA VAL D 188 26.09 -38.81 0.88
C VAL D 188 26.06 -37.37 0.31
N PRO D 189 24.87 -36.86 -0.02
CA PRO D 189 24.75 -35.52 -0.58
C PRO D 189 25.02 -34.38 0.42
N ILE D 190 25.49 -33.26 -0.11
CA ILE D 190 25.60 -32.03 0.63
C ILE D 190 24.37 -31.13 0.38
N ILE D 191 23.78 -30.62 1.48
CA ILE D 191 22.83 -29.49 1.41
C ILE D 191 23.52 -28.22 1.95
N VAL D 192 23.48 -27.12 1.21
CA VAL D 192 23.83 -25.79 1.76
C VAL D 192 22.57 -25.04 2.24
N LYS D 193 22.55 -24.70 3.53
CA LYS D 193 21.48 -23.95 4.15
C LYS D 193 21.93 -22.59 4.74
N GLU D 194 21.01 -21.63 4.74
CA GLU D 194 21.25 -20.34 5.43
C GLU D 194 20.77 -20.56 6.87
N SER D 195 20.69 -19.49 7.65
CA SER D 195 20.15 -19.67 9.02
C SER D 195 19.48 -18.42 9.48
N GLY D 196 18.47 -17.97 8.73
CA GLY D 196 17.67 -16.80 9.13
C GLY D 196 17.69 -15.64 8.18
N ASN D 197 18.63 -15.65 7.24
CA ASN D 197 18.80 -14.47 6.38
C ASN D 197 18.61 -14.69 4.91
N GLY D 198 18.43 -15.97 4.54
CA GLY D 198 18.00 -16.31 3.18
C GLY D 198 19.05 -16.42 2.10
N ILE D 199 18.68 -17.15 1.04
CA ILE D 199 19.55 -17.41 -0.10
C ILE D 199 19.05 -16.65 -1.31
N SER D 200 19.93 -15.83 -1.90
CA SER D 200 19.67 -15.05 -3.11
C SER D 200 20.00 -15.84 -4.38
N MET D 201 19.51 -15.36 -5.52
CA MET D 201 20.03 -15.83 -6.82
C MET D 201 21.56 -15.83 -6.96
N GLU D 202 22.26 -14.75 -6.54
CA GLU D 202 23.73 -14.70 -6.71
C GLU D 202 24.43 -15.84 -5.93
N THR D 203 23.98 -16.07 -4.71
CA THR D 203 24.55 -17.04 -3.84
C THR D 203 24.16 -18.44 -4.33
N ALA D 204 22.89 -18.64 -4.68
CA ALA D 204 22.52 -19.94 -5.27
C ALA D 204 23.34 -20.28 -6.55
N LYS D 205 23.53 -19.33 -7.46
CA LYS D 205 24.31 -19.61 -8.69
C LYS D 205 25.81 -19.87 -8.41
N LEU D 206 26.36 -19.16 -7.45
CA LEU D 206 27.77 -19.33 -7.13
C LEU D 206 27.93 -20.74 -6.54
N LEU D 207 27.04 -21.10 -5.64
CA LEU D 207 27.08 -22.43 -5.04
C LEU D 207 26.89 -23.50 -6.10
N TYR D 208 25.93 -23.27 -6.98
CA TYR D 208 25.72 -24.20 -8.06
C TYR D 208 26.96 -24.41 -8.98
N SER D 209 27.71 -23.33 -9.24
CA SER D 209 28.85 -23.42 -10.11
C SER D 209 29.94 -24.29 -9.44
N TYR D 210 29.87 -24.46 -8.13
CA TYR D 210 30.77 -25.33 -7.42
C TYR D 210 30.19 -26.76 -7.16
N GLY D 211 29.08 -27.09 -7.82
CA GLY D 211 28.46 -28.45 -7.77
C GLY D 211 27.38 -28.63 -6.72
N ILE D 212 27.03 -27.58 -5.99
CA ILE D 212 25.92 -27.65 -5.03
C ILE D 212 24.55 -27.63 -5.72
N LYS D 213 23.67 -28.58 -5.39
CA LYS D 213 22.38 -28.82 -6.07
C LYS D 213 21.19 -28.85 -5.09
N ASN D 214 21.49 -28.84 -3.79
CA ASN D 214 20.52 -28.97 -2.73
C ASN D 214 20.65 -27.78 -1.79
N PHE D 215 19.52 -27.08 -1.56
CA PHE D 215 19.50 -25.78 -0.90
C PHE D 215 18.41 -25.74 0.14
N ASP D 216 18.64 -25.04 1.23
CA ASP D 216 17.60 -24.83 2.24
C ASP D 216 17.56 -23.33 2.50
N THR D 217 16.46 -22.68 2.11
CA THR D 217 16.41 -21.23 2.00
C THR D 217 16.72 -20.51 3.31
N SER D 218 16.24 -21.08 4.42
CA SER D 218 16.26 -20.43 5.73
C SER D 218 16.13 -18.88 5.63
N GLY D 219 14.98 -18.34 5.15
CA GLY D 219 14.88 -16.89 4.90
C GLY D 219 14.55 -16.12 6.17
N GLN D 220 14.61 -14.79 6.10
CA GLN D 220 14.09 -13.95 7.18
C GLN D 220 12.58 -14.09 7.35
N GLY D 221 12.12 -13.85 8.58
CA GLY D 221 10.72 -13.86 8.93
C GLY D 221 10.38 -14.93 9.97
N GLY D 222 11.34 -15.87 10.20
CA GLY D 222 11.23 -16.82 11.30
C GLY D 222 12.18 -16.41 12.38
N THR D 223 12.95 -17.39 12.89
CA THR D 223 13.91 -17.15 13.95
C THR D 223 14.87 -16.05 13.54
N ASN D 224 15.03 -15.03 14.37
CA ASN D 224 15.84 -13.87 13.93
C ASN D 224 17.18 -13.94 14.62
N TRP D 225 18.18 -14.50 13.93
CA TRP D 225 19.49 -14.72 14.52
C TRP D 225 20.24 -13.42 14.84
N ILE D 226 19.95 -12.36 14.09
CA ILE D 226 20.50 -11.06 14.41
C ILE D 226 19.92 -10.59 15.75
N ALA D 227 18.63 -10.83 15.98
CA ALA D 227 18.02 -10.41 17.25
C ALA D 227 18.57 -11.23 18.36
N ILE D 228 18.74 -12.53 18.12
CA ILE D 228 19.37 -13.37 19.17
C ILE D 228 20.73 -12.80 19.60
N GLU D 229 21.57 -12.47 18.63
CA GLU D 229 22.88 -11.90 18.97
C GLU D 229 22.74 -10.49 19.57
N MET D 230 21.79 -9.69 19.09
CA MET D 230 21.46 -8.43 19.73
C MET D 230 21.24 -8.62 21.23
N ILE D 231 20.45 -9.65 21.59
CA ILE D 231 20.09 -9.94 22.96
C ILE D 231 21.32 -10.41 23.72
N ARG D 232 22.17 -11.27 23.11
CA ARG D 232 23.41 -11.65 23.80
C ARG D 232 24.27 -10.38 24.05
N ASP D 233 24.32 -9.46 23.07
CA ASP D 233 25.09 -8.23 23.21
C ASP D 233 24.51 -7.38 24.37
N ILE D 234 23.18 -7.28 24.44
CA ILE D 234 22.55 -6.40 25.42
C ILE D 234 22.94 -6.95 26.79
N ARG D 235 22.74 -8.26 26.97
CA ARG D 235 23.07 -8.92 28.20
C ARG D 235 24.51 -8.68 28.67
N ARG D 236 25.48 -8.57 27.76
CA ARG D 236 26.87 -8.32 28.19
C ARG D 236 27.26 -6.85 28.13
N GLY D 237 26.30 -5.95 27.87
CA GLY D 237 26.65 -4.54 27.64
C GLY D 237 27.69 -4.37 26.53
N ASN D 238 27.62 -5.19 25.48
CA ASN D 238 28.48 -5.05 24.32
C ASN D 238 27.94 -3.94 23.39
N TRP D 239 28.85 -3.16 22.83
CA TRP D 239 28.56 -1.93 22.02
C TRP D 239 27.69 -2.24 20.74
N LYS D 240 27.99 -3.37 20.08
CA LYS D 240 27.28 -3.91 18.89
C LYS D 240 25.75 -4.04 18.99
N ALA D 241 25.20 -3.99 20.19
CA ALA D 241 23.77 -4.20 20.37
C ALA D 241 22.95 -3.27 19.49
N GLU D 242 23.36 -1.99 19.44
CA GLU D 242 22.53 -0.99 18.81
C GLU D 242 22.64 -1.18 17.31
N SER D 243 23.84 -1.59 16.85
CA SER D 243 24.08 -1.89 15.44
C SER D 243 23.27 -3.08 15.00
N ALA D 244 23.22 -4.14 15.82
CA ALA D 244 22.37 -5.30 15.51
C ALA D 244 20.89 -4.84 15.33
N LYS D 245 20.40 -3.99 16.23
CA LYS D 245 19.03 -3.46 16.13
C LYS D 245 18.72 -2.85 14.77
N ASN D 246 19.66 -2.09 14.20
CA ASN D 246 19.53 -1.54 12.83
C ASN D 246 19.45 -2.56 11.69
N PHE D 247 19.86 -3.79 11.95
CA PHE D 247 19.85 -4.87 10.96
C PHE D 247 18.76 -5.92 11.17
N LEU D 248 17.82 -5.68 12.08
CA LEU D 248 16.75 -6.63 12.38
C LEU D 248 15.95 -7.13 11.18
N ASP D 249 15.88 -6.32 10.13
CA ASP D 249 15.08 -6.66 8.95
C ASP D 249 15.99 -6.97 7.76
N TRP D 250 17.25 -7.23 8.06
CA TRP D 250 18.22 -7.63 7.03
C TRP D 250 17.95 -9.07 6.56
N GLY D 251 18.03 -9.31 5.24
CA GLY D 251 17.92 -10.69 4.73
C GLY D 251 16.93 -10.81 3.58
N VAL D 252 16.85 -12.00 2.98
CA VAL D 252 15.89 -12.27 1.91
C VAL D 252 14.70 -12.94 2.59
N PRO D 253 13.48 -12.37 2.44
CA PRO D 253 12.30 -13.05 3.01
C PRO D 253 12.19 -14.50 2.46
N THR D 254 11.80 -15.44 3.30
CA THR D 254 11.65 -16.85 2.85
C THR D 254 10.94 -17.03 1.50
N ALA D 255 9.76 -16.42 1.31
CA ALA D 255 9.06 -16.52 0.05
C ALA D 255 9.84 -16.02 -1.12
N ALA D 256 10.50 -14.86 -0.97
CA ALA D 256 11.34 -14.36 -2.03
C ALA D 256 12.54 -15.33 -2.27
N SER D 257 13.12 -15.87 -1.18
CA SER D 257 14.29 -16.77 -1.35
C SER D 257 13.85 -18.05 -2.09
N ILE D 258 12.65 -18.59 -1.79
CA ILE D 258 12.15 -19.75 -2.52
C ILE D 258 12.05 -19.46 -4.02
N MET D 259 11.46 -18.30 -4.35
CA MET D 259 11.40 -17.92 -5.73
C MET D 259 12.76 -17.72 -6.32
N GLU D 260 13.68 -17.13 -5.59
CA GLU D 260 15.00 -16.87 -6.18
C GLU D 260 15.74 -18.19 -6.43
N VAL D 261 15.67 -19.12 -5.51
CA VAL D 261 16.49 -20.35 -5.72
C VAL D 261 15.87 -21.20 -6.85
N ARG D 262 14.54 -21.25 -6.91
CA ARG D 262 13.86 -22.12 -7.88
C ARG D 262 14.03 -21.55 -9.29
N TYR D 263 14.02 -20.22 -9.39
CA TYR D 263 14.21 -19.56 -10.67
C TYR D 263 15.66 -19.63 -11.11
N SER D 264 16.57 -19.28 -10.22
CA SER D 264 17.95 -19.27 -10.70
C SER D 264 18.51 -20.72 -10.87
N VAL D 265 18.01 -21.69 -10.10
CA VAL D 265 18.44 -23.08 -10.29
C VAL D 265 17.27 -24.07 -10.34
N PRO D 266 16.72 -24.21 -11.55
CA PRO D 266 15.39 -24.84 -11.72
C PRO D 266 15.33 -26.31 -11.37
N ASP D 267 16.45 -27.02 -11.41
CA ASP D 267 16.45 -28.45 -11.08
C ASP D 267 16.97 -28.70 -9.65
N SER D 268 17.11 -27.64 -8.86
CA SER D 268 17.59 -27.83 -7.51
C SER D 268 16.56 -28.64 -6.74
N PHE D 269 17.06 -29.31 -5.72
CA PHE D 269 16.22 -29.84 -4.66
C PHE D 269 16.19 -28.79 -3.53
N LEU D 270 14.98 -28.28 -3.24
CA LEU D 270 14.78 -27.12 -2.40
C LEU D 270 13.97 -27.33 -1.09
N VAL D 271 14.57 -27.07 0.07
CA VAL D 271 13.84 -26.94 1.35
C VAL D 271 13.48 -25.47 1.56
N GLY D 272 12.20 -25.20 1.80
CA GLY D 272 11.74 -23.84 1.97
C GLY D 272 11.56 -23.69 3.46
N SER D 273 12.31 -22.80 4.11
CA SER D 273 12.27 -22.73 5.58
C SER D 273 12.62 -21.30 5.98
N GLY D 274 12.39 -21.00 7.25
CA GLY D 274 12.53 -19.68 7.81
C GLY D 274 11.12 -19.11 8.07
N GLY D 275 10.64 -19.23 9.29
CA GLY D 275 9.29 -18.81 9.64
C GLY D 275 8.16 -19.74 9.20
N ILE D 276 8.43 -21.04 8.95
CA ILE D 276 7.28 -21.95 8.65
C ILE D 276 6.62 -22.32 9.99
N ARG D 277 5.38 -21.85 10.20
CA ARG D 277 4.73 -22.05 11.49
C ARG D 277 3.41 -22.84 11.44
N SER D 278 2.95 -23.25 10.26
CA SER D 278 1.66 -23.96 10.23
C SER D 278 1.79 -24.77 9.03
N GLY D 279 0.87 -25.72 8.80
CA GLY D 279 0.88 -26.53 7.57
C GLY D 279 0.40 -25.77 6.38
N LEU D 280 -0.33 -24.67 6.61
CA LEU D 280 -0.62 -23.72 5.54
C LEU D 280 0.67 -22.96 5.08
N ASP D 281 1.50 -22.46 5.99
CA ASP D 281 2.82 -21.96 5.57
C ASP D 281 3.56 -23.05 4.78
N ALA D 282 3.47 -24.28 5.25
CA ALA D 282 4.19 -25.35 4.54
C ALA D 282 3.64 -25.55 3.12
N ALA D 283 2.33 -25.65 3.00
CA ALA D 283 1.71 -25.73 1.64
C ALA D 283 2.13 -24.54 0.76
N LYS D 284 2.12 -23.32 1.32
CA LYS D 284 2.56 -22.14 0.51
C LYS D 284 3.98 -22.30 0.03
N ALA D 285 4.86 -22.73 0.95
CA ALA D 285 6.29 -22.91 0.60
C ALA D 285 6.43 -23.86 -0.56
N ILE D 286 5.68 -24.97 -0.52
CA ILE D 286 5.79 -25.98 -1.57
C ILE D 286 5.17 -25.54 -2.93
N ALA D 287 3.93 -25.01 -2.91
CA ALA D 287 3.36 -24.41 -4.11
C ALA D 287 4.25 -23.34 -4.72
N LEU D 288 4.90 -22.51 -3.90
CA LEU D 288 5.84 -21.53 -4.46
C LEU D 288 7.03 -22.12 -5.22
N GLY D 289 7.52 -23.30 -4.81
CA GLY D 289 8.62 -23.90 -5.58
C GLY D 289 9.53 -24.76 -4.75
N ALA D 290 9.27 -24.85 -3.45
CA ALA D 290 10.02 -25.70 -2.59
C ALA D 290 9.61 -27.16 -2.85
N ASP D 291 10.53 -28.08 -2.55
CA ASP D 291 10.21 -29.52 -2.59
C ASP D 291 9.82 -29.96 -1.25
N ILE D 292 10.35 -29.32 -0.23
CA ILE D 292 9.87 -29.64 1.10
C ILE D 292 9.89 -28.40 2.02
N ALA D 293 9.15 -28.44 3.10
CA ALA D 293 9.16 -27.30 4.00
C ALA D 293 9.98 -27.63 5.23
N GLY D 294 10.87 -26.73 5.66
CA GLY D 294 11.60 -26.94 6.92
C GLY D 294 11.13 -26.12 8.11
N MET D 295 11.32 -26.66 9.32
CA MET D 295 10.94 -25.98 10.58
C MET D 295 11.98 -26.28 11.64
N ALA D 296 12.24 -25.27 12.50
CA ALA D 296 13.21 -25.42 13.56
C ALA D 296 12.58 -24.95 14.87
N LEU D 297 12.59 -23.64 15.09
CA LEU D 297 12.03 -23.05 16.30
C LEU D 297 10.72 -23.66 16.95
N PRO D 298 9.59 -23.77 16.21
CA PRO D 298 8.37 -24.30 16.88
C PRO D 298 8.54 -25.79 17.28
N VAL D 299 9.36 -26.54 16.56
CA VAL D 299 9.71 -27.95 17.02
C VAL D 299 10.49 -27.95 18.37
N LEU D 300 11.46 -27.05 18.48
CA LEU D 300 12.21 -26.85 19.70
C LEU D 300 11.29 -26.55 20.87
N LYS D 301 10.41 -25.55 20.74
CA LYS D 301 9.49 -25.13 21.79
C LYS D 301 8.53 -26.22 22.22
N SER D 302 7.90 -26.90 21.28
CA SER D 302 7.15 -28.12 21.63
C SER D 302 8.03 -29.20 22.26
N ALA D 303 9.20 -29.55 21.70
CA ALA D 303 10.06 -30.59 22.33
C ALA D 303 10.39 -30.28 23.78
N ILE D 304 10.68 -29.00 24.08
CA ILE D 304 10.98 -28.59 25.44
C ILE D 304 9.77 -28.85 26.34
N GLU D 305 8.55 -28.73 25.78
CA GLU D 305 7.35 -29.05 26.51
C GLU D 305 7.19 -30.56 26.74
N GLY D 306 7.61 -31.42 25.80
CA GLY D 306 7.53 -32.86 26.02
C GLY D 306 7.21 -33.69 24.78
N LYS D 307 7.43 -34.99 24.84
CA LYS D 307 7.15 -35.86 23.72
C LYS D 307 5.68 -35.64 23.19
N GLU D 308 4.71 -35.60 24.08
CA GLU D 308 3.32 -35.57 23.65
C GLU D 308 2.92 -34.18 23.13
N SER D 309 3.53 -33.15 23.67
CA SER D 309 3.37 -31.85 23.06
C SER D 309 3.87 -31.83 21.58
N LEU D 310 5.01 -32.48 21.30
CA LEU D 310 5.57 -32.46 19.98
C LEU D 310 4.78 -33.33 19.03
N GLU D 311 4.28 -34.46 19.53
CA GLU D 311 3.39 -35.33 18.71
C GLU D 311 2.12 -34.53 18.32
N GLN D 312 1.51 -33.83 19.27
CA GLN D 312 0.33 -33.00 18.95
C GLN D 312 0.68 -31.92 17.89
N PHE D 313 1.89 -31.32 18.01
CA PHE D 313 2.31 -30.29 17.07
C PHE D 313 2.36 -30.84 15.64
N PHE D 314 3.00 -32.00 15.45
CA PHE D 314 3.08 -32.56 14.11
C PHE D 314 1.68 -32.97 13.59
N ARG D 315 0.81 -33.42 14.48
CA ARG D 315 -0.53 -33.76 14.02
C ARG D 315 -1.20 -32.48 13.45
N LYS D 316 -0.98 -31.36 14.12
CA LYS D 316 -1.61 -30.10 13.72
C LYS D 316 -1.07 -29.63 12.35
N ILE D 317 0.25 -29.76 12.15
CA ILE D 317 0.94 -29.32 10.96
C ILE D 317 0.45 -30.17 9.79
N ILE D 318 0.38 -31.50 10.01
CA ILE D 318 -0.01 -32.43 8.95
C ILE D 318 -1.49 -32.23 8.54
N PHE D 319 -2.35 -32.09 9.51
CA PHE D 319 -3.73 -31.74 9.25
C PHE D 319 -3.84 -30.39 8.44
N GLU D 320 -3.17 -29.33 8.89
CA GLU D 320 -3.19 -28.08 8.15
C GLU D 320 -2.73 -28.23 6.71
N LEU D 321 -1.70 -29.06 6.50
CA LEU D 321 -1.14 -29.25 5.17
C LEU D 321 -2.14 -30.01 4.29
N LYS D 322 -2.76 -31.05 4.86
CA LYS D 322 -3.74 -31.81 4.08
C LYS D 322 -4.96 -30.92 3.79
N ALA D 323 -5.36 -30.11 4.76
CA ALA D 323 -6.45 -29.18 4.55
C ALA D 323 -6.18 -28.29 3.32
N ALA D 324 -4.94 -27.79 3.20
CA ALA D 324 -4.65 -26.88 2.09
C ALA D 324 -4.56 -27.70 0.76
N MET D 325 -4.04 -28.92 0.86
CA MET D 325 -4.10 -29.78 -0.30
C MET D 325 -5.58 -30.05 -0.69
N MET D 326 -6.40 -30.43 0.27
CA MET D 326 -7.82 -30.77 0.01
C MET D 326 -8.45 -29.54 -0.67
N LEU D 327 -8.24 -28.36 -0.09
CA LEU D 327 -8.94 -27.14 -0.58
C LEU D 327 -8.35 -26.57 -1.85
N THR D 328 -7.27 -27.18 -2.35
CA THR D 328 -6.76 -26.81 -3.67
C THR D 328 -6.92 -27.97 -4.66
N GLY D 329 -7.56 -29.06 -4.25
CA GLY D 329 -7.74 -30.16 -5.24
C GLY D 329 -6.39 -30.82 -5.51
N SER D 330 -5.51 -30.89 -4.50
CA SER D 330 -4.16 -31.48 -4.70
C SER D 330 -4.13 -32.85 -4.04
N LYS D 331 -4.18 -33.93 -4.85
CA LYS D 331 -4.24 -35.29 -4.28
C LYS D 331 -2.89 -35.74 -3.77
N ASP D 332 -1.81 -35.12 -4.24
CA ASP D 332 -0.46 -35.49 -3.75
C ASP D 332 0.52 -34.28 -3.78
N VAL D 333 1.76 -34.49 -3.35
CA VAL D 333 2.73 -33.38 -3.18
C VAL D 333 3.05 -32.78 -4.51
N ASP D 334 3.13 -33.65 -5.51
CA ASP D 334 3.32 -33.18 -6.88
C ASP D 334 2.22 -32.25 -7.40
N ALA D 335 0.95 -32.60 -7.12
CA ALA D 335 -0.13 -31.78 -7.60
C ALA D 335 -0.01 -30.44 -6.84
N LEU D 336 0.34 -30.48 -5.55
CA LEU D 336 0.50 -29.26 -4.76
C LEU D 336 1.54 -28.28 -5.36
N LYS D 337 2.67 -28.82 -5.86
CA LYS D 337 3.75 -28.02 -6.42
C LYS D 337 3.24 -27.31 -7.64
N LYS D 338 2.11 -27.82 -8.18
CA LYS D 338 1.60 -27.32 -9.48
C LYS D 338 0.30 -26.51 -9.34
N THR D 339 -0.19 -26.34 -8.11
CA THR D 339 -1.52 -25.79 -7.93
C THR D 339 -1.49 -24.28 -8.18
N SER D 340 -2.66 -23.71 -8.41
CA SER D 340 -2.85 -22.30 -8.74
C SER D 340 -2.55 -21.40 -7.55
N ILE D 341 -1.78 -20.34 -7.79
CA ILE D 341 -1.55 -19.34 -6.74
C ILE D 341 -1.79 -17.93 -7.23
N VAL D 342 -1.77 -16.99 -6.28
CA VAL D 342 -1.67 -15.55 -6.59
C VAL D 342 -0.53 -14.98 -5.80
N ILE D 343 0.30 -14.17 -6.45
CA ILE D 343 1.31 -13.37 -5.77
C ILE D 343 1.02 -11.89 -5.90
N LEU D 344 1.04 -11.19 -4.75
CA LEU D 344 0.62 -9.77 -4.64
C LEU D 344 1.70 -8.95 -3.91
N GLY D 345 1.45 -7.65 -3.81
CA GLY D 345 2.20 -6.76 -2.83
C GLY D 345 3.72 -6.78 -2.92
N LYS D 346 4.41 -6.70 -1.81
CA LYS D 346 5.89 -6.63 -1.82
C LYS D 346 6.63 -7.81 -2.49
N LEU D 347 6.14 -9.04 -2.30
CA LEU D 347 6.74 -10.18 -2.98
C LEU D 347 6.70 -9.96 -4.48
N LYS D 348 5.56 -9.46 -4.95
CA LYS D 348 5.46 -9.19 -6.39
C LYS D 348 6.47 -8.09 -6.81
N GLU D 349 6.56 -7.01 -6.05
CA GLU D 349 7.56 -5.99 -6.43
C GLU D 349 9.02 -6.49 -6.31
N TRP D 350 9.33 -7.32 -5.32
CA TRP D 350 10.63 -7.94 -5.20
C TRP D 350 10.99 -8.71 -6.51
N ALA D 351 10.14 -9.64 -6.90
CA ALA D 351 10.31 -10.42 -8.10
C ALA D 351 10.49 -9.58 -9.35
N GLU D 352 9.63 -8.59 -9.56
CA GLU D 352 9.78 -7.69 -10.69
C GLU D 352 11.11 -6.94 -10.72
N TYR D 353 11.55 -6.41 -9.59
CA TYR D 353 12.84 -5.67 -9.63
C TYR D 353 13.99 -6.65 -9.88
N ARG D 354 13.85 -7.89 -9.43
CA ARG D 354 14.94 -8.84 -9.52
C ARG D 354 14.95 -9.54 -10.88
N GLY D 355 14.08 -9.13 -11.79
CA GLY D 355 14.09 -9.71 -13.13
C GLY D 355 13.38 -11.08 -13.16
N ILE D 356 12.61 -11.42 -12.13
CA ILE D 356 11.91 -12.73 -12.14
C ILE D 356 10.63 -12.60 -12.93
N ASN D 357 10.76 -12.93 -14.22
CA ASN D 357 9.62 -12.92 -15.11
C ASN D 357 8.54 -13.91 -14.61
N LEU D 358 7.35 -13.41 -14.26
CA LEU D 358 6.34 -14.24 -13.60
C LEU D 358 5.81 -15.44 -14.43
N SER D 359 5.75 -15.26 -15.76
CA SER D 359 5.36 -16.30 -16.68
C SER D 359 6.43 -17.38 -16.78
N ILE D 360 7.69 -17.02 -16.91
CA ILE D 360 8.65 -18.12 -16.87
C ILE D 360 8.71 -18.75 -15.45
N TYR D 361 8.52 -17.95 -14.39
CA TYR D 361 8.41 -18.47 -13.04
C TYR D 361 7.30 -19.56 -12.91
N GLU D 362 6.07 -19.24 -13.33
CA GLU D 362 4.96 -20.21 -13.34
C GLU D 362 5.35 -21.56 -13.99
N LYS D 363 5.95 -21.49 -15.18
CA LYS D 363 6.46 -22.65 -15.86
C LYS D 363 7.48 -23.43 -14.99
N VAL D 364 8.49 -22.74 -14.47
CA VAL D 364 9.58 -23.40 -13.72
C VAL D 364 9.12 -24.03 -12.39
N ARG D 365 8.23 -23.35 -11.66
CA ARG D 365 7.77 -23.90 -10.37
C ARG D 365 6.85 -25.14 -10.57
N LYS D 366 6.18 -25.19 -11.72
CA LYS D 366 5.36 -26.33 -12.11
C LYS D 366 6.12 -27.56 -12.66
N ARG D 367 7.44 -27.49 -12.88
CA ARG D 367 8.14 -28.77 -13.16
C ARG D 367 9.01 -29.24 -11.97
#